data_2OKM
# 
_entry.id   2OKM 
# 
_audit_conform.dict_name       mmcif_pdbx.dic 
_audit_conform.dict_version    5.383 
_audit_conform.dict_location   http://mmcif.pdb.org/dictionaries/ascii/mmcif_pdbx.dic 
# 
loop_
_database_2.database_id 
_database_2.database_code 
_database_2.pdbx_database_accession 
_database_2.pdbx_DOI 
PDB   2OKM         pdb_00002okm 10.2210/pdb2okm/pdb 
RCSB  RCSB041253   ?            ?                   
WWPDB D_1000041253 ?            ?                   
# 
loop_
_pdbx_audit_revision_history.ordinal 
_pdbx_audit_revision_history.data_content_type 
_pdbx_audit_revision_history.major_revision 
_pdbx_audit_revision_history.minor_revision 
_pdbx_audit_revision_history.revision_date 
1 'Structure model' 1 0 2008-01-22 
2 'Structure model' 1 1 2011-07-13 
3 'Structure model' 1 2 2023-12-27 
# 
_pdbx_audit_revision_details.ordinal             1 
_pdbx_audit_revision_details.revision_ordinal    1 
_pdbx_audit_revision_details.data_content_type   'Structure model' 
_pdbx_audit_revision_details.provider            repository 
_pdbx_audit_revision_details.type                'Initial release' 
_pdbx_audit_revision_details.description         ? 
_pdbx_audit_revision_details.details             ? 
# 
loop_
_pdbx_audit_revision_group.ordinal 
_pdbx_audit_revision_group.revision_ordinal 
_pdbx_audit_revision_group.data_content_type 
_pdbx_audit_revision_group.group 
1 2 'Structure model' 'Version format compliance' 
2 3 'Structure model' 'Data collection'           
3 3 'Structure model' 'Database references'       
4 3 'Structure model' 'Derived calculations'      
# 
loop_
_pdbx_audit_revision_category.ordinal 
_pdbx_audit_revision_category.revision_ordinal 
_pdbx_audit_revision_category.data_content_type 
_pdbx_audit_revision_category.category 
1 3 'Structure model' chem_comp_atom 
2 3 'Structure model' chem_comp_bond 
3 3 'Structure model' database_2     
4 3 'Structure model' struct_site    
# 
loop_
_pdbx_audit_revision_item.ordinal 
_pdbx_audit_revision_item.revision_ordinal 
_pdbx_audit_revision_item.data_content_type 
_pdbx_audit_revision_item.item 
1 3 'Structure model' '_database_2.pdbx_DOI'                
2 3 'Structure model' '_database_2.pdbx_database_accession' 
3 3 'Structure model' '_struct_site.pdbx_auth_asym_id'      
4 3 'Structure model' '_struct_site.pdbx_auth_comp_id'      
5 3 'Structure model' '_struct_site.pdbx_auth_seq_id'       
# 
_pdbx_database_status.entry_id                        2OKM 
_pdbx_database_status.deposit_site                    RCSB 
_pdbx_database_status.process_site                    PDBJ 
_pdbx_database_status.recvd_initial_deposition_date   2007-01-17 
_pdbx_database_status.status_code                     REL 
_pdbx_database_status.status_code_sf                  REL 
_pdbx_database_status.status_code_mr                  ? 
_pdbx_database_status.SG_entry                        ? 
_pdbx_database_status.pdb_format_compatible           Y 
_pdbx_database_status.status_code_cs                  ? 
_pdbx_database_status.status_code_nmr_data            ? 
_pdbx_database_status.methods_development_category    ? 
# 
_pdbx_database_related.db_name        PDB 
_pdbx_database_related.db_id          1AMX 
_pdbx_database_related.details        'COLLAGEN-BINDING DOMAIN FROM A STAPHYLOCOCCUS AUREUS ADHESIN' 
_pdbx_database_related.content_type   unspecified 
# 
loop_
_audit_author.name 
_audit_author.pdbx_ordinal 
'Ponnuraj, K.'     1 
'Narayana, S.V.L.' 2 
# 
_citation.id                        primary 
_citation.title                     
'Crystal structure of ACE19, the collagen binding subdomain of Enterococus faecalis surface protein ACE' 
_citation.journal_abbrev            Proteins 
_citation.journal_volume            69 
_citation.page_first                199 
_citation.page_last                 203 
_citation.year                      2007 
_citation.journal_id_ASTM           PSFGEY 
_citation.country                   US 
_citation.journal_id_ISSN           0887-3585 
_citation.journal_id_CSD            0867 
_citation.book_publisher            ? 
_citation.pdbx_database_id_PubMed   17557326 
_citation.pdbx_database_id_DOI      10.1002/prot.21464 
# 
loop_
_citation_author.citation_id 
_citation_author.name 
_citation_author.ordinal 
_citation_author.identifier_ORCID 
primary 'Ponnuraj, K.'     1 ? 
primary 'Narayana, S.V.L.' 2 ? 
# 
loop_
_entity.id 
_entity.type 
_entity.src_method 
_entity.pdbx_description 
_entity.formula_weight 
_entity.pdbx_number_of_molecules 
_entity.pdbx_ec 
_entity.pdbx_mutation 
_entity.pdbx_fragment 
_entity.details 
1 polymer     man 'Collagen adhesin' 17151.553 1   ? ? 'N2-region, residues 34-180' ? 
2 non-polymer syn 'SULFATE ION'      96.063    2   ? ? ?                            ? 
3 water       nat water              18.015    188 ? ? ?                            ? 
# 
_entity_poly.entity_id                      1 
_entity_poly.type                           'polypeptide(L)' 
_entity_poly.nstd_linkage                   no 
_entity_poly.nstd_monomer                   no 
_entity_poly.pdbx_seq_one_letter_code       
;ERDYPFFYKVGDLAGESNQVRWFLNVNLNKSDVTEDISIADRQGSGQQLNKESFTFDIVNDKETKYISLAEFEQQGYGKI
DFVTDNDFNLRFYRDKARFTSFIVRYTSTITEAGQHQATFENSYDINYQLNNQDATNEKNTSQVKNV
;
_entity_poly.pdbx_seq_one_letter_code_can   
;ERDYPFFYKVGDLAGESNQVRWFLNVNLNKSDVTEDISIADRQGSGQQLNKESFTFDIVNDKETKYISLAEFEQQGYGKI
DFVTDNDFNLRFYRDKARFTSFIVRYTSTITEAGQHQATFENSYDINYQLNNQDATNEKNTSQVKNV
;
_entity_poly.pdbx_strand_id                 A 
_entity_poly.pdbx_target_identifier         ? 
# 
loop_
_pdbx_entity_nonpoly.entity_id 
_pdbx_entity_nonpoly.name 
_pdbx_entity_nonpoly.comp_id 
2 'SULFATE ION' SO4 
3 water         HOH 
# 
loop_
_entity_poly_seq.entity_id 
_entity_poly_seq.num 
_entity_poly_seq.mon_id 
_entity_poly_seq.hetero 
1 1   GLU n 
1 2   ARG n 
1 3   ASP n 
1 4   TYR n 
1 5   PRO n 
1 6   PHE n 
1 7   PHE n 
1 8   TYR n 
1 9   LYS n 
1 10  VAL n 
1 11  GLY n 
1 12  ASP n 
1 13  LEU n 
1 14  ALA n 
1 15  GLY n 
1 16  GLU n 
1 17  SER n 
1 18  ASN n 
1 19  GLN n 
1 20  VAL n 
1 21  ARG n 
1 22  TRP n 
1 23  PHE n 
1 24  LEU n 
1 25  ASN n 
1 26  VAL n 
1 27  ASN n 
1 28  LEU n 
1 29  ASN n 
1 30  LYS n 
1 31  SER n 
1 32  ASP n 
1 33  VAL n 
1 34  THR n 
1 35  GLU n 
1 36  ASP n 
1 37  ILE n 
1 38  SER n 
1 39  ILE n 
1 40  ALA n 
1 41  ASP n 
1 42  ARG n 
1 43  GLN n 
1 44  GLY n 
1 45  SER n 
1 46  GLY n 
1 47  GLN n 
1 48  GLN n 
1 49  LEU n 
1 50  ASN n 
1 51  LYS n 
1 52  GLU n 
1 53  SER n 
1 54  PHE n 
1 55  THR n 
1 56  PHE n 
1 57  ASP n 
1 58  ILE n 
1 59  VAL n 
1 60  ASN n 
1 61  ASP n 
1 62  LYS n 
1 63  GLU n 
1 64  THR n 
1 65  LYS n 
1 66  TYR n 
1 67  ILE n 
1 68  SER n 
1 69  LEU n 
1 70  ALA n 
1 71  GLU n 
1 72  PHE n 
1 73  GLU n 
1 74  GLN n 
1 75  GLN n 
1 76  GLY n 
1 77  TYR n 
1 78  GLY n 
1 79  LYS n 
1 80  ILE n 
1 81  ASP n 
1 82  PHE n 
1 83  VAL n 
1 84  THR n 
1 85  ASP n 
1 86  ASN n 
1 87  ASP n 
1 88  PHE n 
1 89  ASN n 
1 90  LEU n 
1 91  ARG n 
1 92  PHE n 
1 93  TYR n 
1 94  ARG n 
1 95  ASP n 
1 96  LYS n 
1 97  ALA n 
1 98  ARG n 
1 99  PHE n 
1 100 THR n 
1 101 SER n 
1 102 PHE n 
1 103 ILE n 
1 104 VAL n 
1 105 ARG n 
1 106 TYR n 
1 107 THR n 
1 108 SER n 
1 109 THR n 
1 110 ILE n 
1 111 THR n 
1 112 GLU n 
1 113 ALA n 
1 114 GLY n 
1 115 GLN n 
1 116 HIS n 
1 117 GLN n 
1 118 ALA n 
1 119 THR n 
1 120 PHE n 
1 121 GLU n 
1 122 ASN n 
1 123 SER n 
1 124 TYR n 
1 125 ASP n 
1 126 ILE n 
1 127 ASN n 
1 128 TYR n 
1 129 GLN n 
1 130 LEU n 
1 131 ASN n 
1 132 ASN n 
1 133 GLN n 
1 134 ASP n 
1 135 ALA n 
1 136 THR n 
1 137 ASN n 
1 138 GLU n 
1 139 LYS n 
1 140 ASN n 
1 141 THR n 
1 142 SER n 
1 143 GLN n 
1 144 VAL n 
1 145 LYS n 
1 146 ASN n 
1 147 VAL n 
# 
_entity_src_gen.entity_id                          1 
_entity_src_gen.pdbx_src_id                        1 
_entity_src_gen.pdbx_alt_source_flag               sample 
_entity_src_gen.pdbx_seq_type                      ? 
_entity_src_gen.pdbx_beg_seq_num                   ? 
_entity_src_gen.pdbx_end_seq_num                   ? 
_entity_src_gen.gene_src_common_name               ? 
_entity_src_gen.gene_src_genus                     Enterococcus 
_entity_src_gen.pdbx_gene_src_gene                 ? 
_entity_src_gen.gene_src_species                   ? 
_entity_src_gen.gene_src_strain                    ? 
_entity_src_gen.gene_src_tissue                    ? 
_entity_src_gen.gene_src_tissue_fraction           ? 
_entity_src_gen.gene_src_details                   ? 
_entity_src_gen.pdbx_gene_src_fragment             ? 
_entity_src_gen.pdbx_gene_src_scientific_name      'Enterococcus faecalis' 
_entity_src_gen.pdbx_gene_src_ncbi_taxonomy_id     1351 
_entity_src_gen.pdbx_gene_src_variant              ? 
_entity_src_gen.pdbx_gene_src_cell_line            ? 
_entity_src_gen.pdbx_gene_src_atcc                 ? 
_entity_src_gen.pdbx_gene_src_organ                ? 
_entity_src_gen.pdbx_gene_src_organelle            ? 
_entity_src_gen.pdbx_gene_src_cell                 ? 
_entity_src_gen.pdbx_gene_src_cellular_location    ? 
_entity_src_gen.host_org_common_name               ? 
_entity_src_gen.pdbx_host_org_scientific_name      'Escherichia coli' 
_entity_src_gen.pdbx_host_org_ncbi_taxonomy_id     562 
_entity_src_gen.host_org_genus                     Escherichia 
_entity_src_gen.pdbx_host_org_gene                 ? 
_entity_src_gen.pdbx_host_org_organ                ? 
_entity_src_gen.host_org_species                   ? 
_entity_src_gen.pdbx_host_org_tissue               ? 
_entity_src_gen.pdbx_host_org_tissue_fraction      ? 
_entity_src_gen.pdbx_host_org_strain               JM101 
_entity_src_gen.pdbx_host_org_variant              ? 
_entity_src_gen.pdbx_host_org_cell_line            ? 
_entity_src_gen.pdbx_host_org_atcc                 ? 
_entity_src_gen.pdbx_host_org_culture_collection   ? 
_entity_src_gen.pdbx_host_org_cell                 ? 
_entity_src_gen.pdbx_host_org_organelle            ? 
_entity_src_gen.pdbx_host_org_cellular_location    ? 
_entity_src_gen.pdbx_host_org_vector_type          Plasmid 
_entity_src_gen.pdbx_host_org_vector               ? 
_entity_src_gen.host_org_details                   ? 
_entity_src_gen.expression_system_id               ? 
_entity_src_gen.plasmid_name                       pQE-30 
_entity_src_gen.plasmid_details                    ? 
_entity_src_gen.pdbx_description                   ? 
# 
loop_
_chem_comp.id 
_chem_comp.type 
_chem_comp.mon_nstd_flag 
_chem_comp.name 
_chem_comp.pdbx_synonyms 
_chem_comp.formula 
_chem_comp.formula_weight 
ALA 'L-peptide linking' y ALANINE         ? 'C3 H7 N O2'     89.093  
ARG 'L-peptide linking' y ARGININE        ? 'C6 H15 N4 O2 1' 175.209 
ASN 'L-peptide linking' y ASPARAGINE      ? 'C4 H8 N2 O3'    132.118 
ASP 'L-peptide linking' y 'ASPARTIC ACID' ? 'C4 H7 N O4'     133.103 
GLN 'L-peptide linking' y GLUTAMINE       ? 'C5 H10 N2 O3'   146.144 
GLU 'L-peptide linking' y 'GLUTAMIC ACID' ? 'C5 H9 N O4'     147.129 
GLY 'peptide linking'   y GLYCINE         ? 'C2 H5 N O2'     75.067  
HIS 'L-peptide linking' y HISTIDINE       ? 'C6 H10 N3 O2 1' 156.162 
HOH non-polymer         . WATER           ? 'H2 O'           18.015  
ILE 'L-peptide linking' y ISOLEUCINE      ? 'C6 H13 N O2'    131.173 
LEU 'L-peptide linking' y LEUCINE         ? 'C6 H13 N O2'    131.173 
LYS 'L-peptide linking' y LYSINE          ? 'C6 H15 N2 O2 1' 147.195 
PHE 'L-peptide linking' y PHENYLALANINE   ? 'C9 H11 N O2'    165.189 
PRO 'L-peptide linking' y PROLINE         ? 'C5 H9 N O2'     115.130 
SER 'L-peptide linking' y SERINE          ? 'C3 H7 N O3'     105.093 
SO4 non-polymer         . 'SULFATE ION'   ? 'O4 S -2'        96.063  
THR 'L-peptide linking' y THREONINE       ? 'C4 H9 N O3'     119.119 
TRP 'L-peptide linking' y TRYPTOPHAN      ? 'C11 H12 N2 O2'  204.225 
TYR 'L-peptide linking' y TYROSINE        ? 'C9 H11 N O3'    181.189 
VAL 'L-peptide linking' y VALINE          ? 'C5 H11 N O2'    117.146 
# 
loop_
_pdbx_poly_seq_scheme.asym_id 
_pdbx_poly_seq_scheme.entity_id 
_pdbx_poly_seq_scheme.seq_id 
_pdbx_poly_seq_scheme.mon_id 
_pdbx_poly_seq_scheme.ndb_seq_num 
_pdbx_poly_seq_scheme.pdb_seq_num 
_pdbx_poly_seq_scheme.auth_seq_num 
_pdbx_poly_seq_scheme.pdb_mon_id 
_pdbx_poly_seq_scheme.auth_mon_id 
_pdbx_poly_seq_scheme.pdb_strand_id 
_pdbx_poly_seq_scheme.pdb_ins_code 
_pdbx_poly_seq_scheme.hetero 
A 1 1   GLU 1   34  34  GLU ALA A . n 
A 1 2   ARG 2   35  35  ARG ARG A . n 
A 1 3   ASP 3   36  36  ASP ASP A . n 
A 1 4   TYR 4   37  37  TYR TYR A . n 
A 1 5   PRO 5   38  38  PRO PRO A . n 
A 1 6   PHE 6   39  39  PHE PHE A . n 
A 1 7   PHE 7   40  40  PHE PHE A . n 
A 1 8   TYR 8   41  41  TYR TYR A . n 
A 1 9   LYS 9   42  42  LYS LYS A . n 
A 1 10  VAL 10  43  43  VAL VAL A . n 
A 1 11  GLY 11  44  44  GLY GLY A . n 
A 1 12  ASP 12  45  45  ASP ASP A . n 
A 1 13  LEU 13  46  46  LEU LEU A . n 
A 1 14  ALA 14  47  47  ALA ALA A . n 
A 1 15  GLY 15  48  48  GLY GLY A . n 
A 1 16  GLU 16  49  49  GLU ALA A . n 
A 1 17  SER 17  50  50  SER SER A . n 
A 1 18  ASN 18  51  51  ASN ASN A . n 
A 1 19  GLN 19  52  52  GLN GLN A . n 
A 1 20  VAL 20  53  53  VAL VAL A . n 
A 1 21  ARG 21  54  54  ARG ARG A . n 
A 1 22  TRP 22  55  55  TRP TRP A . n 
A 1 23  PHE 23  56  56  PHE PHE A . n 
A 1 24  LEU 24  57  57  LEU LEU A . n 
A 1 25  ASN 25  58  58  ASN ASN A . n 
A 1 26  VAL 26  59  59  VAL VAL A . n 
A 1 27  ASN 27  60  60  ASN ASN A . n 
A 1 28  LEU 28  61  61  LEU LEU A . n 
A 1 29  ASN 29  62  62  ASN ASN A . n 
A 1 30  LYS 30  63  63  LYS LYS A . n 
A 1 31  SER 31  64  64  SER SER A . n 
A 1 32  ASP 32  65  65  ASP ASP A . n 
A 1 33  VAL 33  66  66  VAL VAL A . n 
A 1 34  THR 34  67  67  THR THR A . n 
A 1 35  GLU 35  68  68  GLU GLU A . n 
A 1 36  ASP 36  69  69  ASP ASP A . n 
A 1 37  ILE 37  70  70  ILE ILE A . n 
A 1 38  SER 38  71  71  SER SER A . n 
A 1 39  ILE 39  72  72  ILE ILE A . n 
A 1 40  ALA 40  73  73  ALA ALA A . n 
A 1 41  ASP 41  74  74  ASP ASP A . n 
A 1 42  ARG 42  75  75  ARG ALA A . n 
A 1 43  GLN 43  76  76  GLN GLN A . n 
A 1 44  GLY 44  77  77  GLY GLY A . n 
A 1 45  SER 45  78  78  SER SER A . n 
A 1 46  GLY 46  79  79  GLY GLY A . n 
A 1 47  GLN 47  80  80  GLN GLN A . n 
A 1 48  GLN 48  81  81  GLN GLN A . n 
A 1 49  LEU 49  82  82  LEU LEU A . n 
A 1 50  ASN 50  83  83  ASN ASN A . n 
A 1 51  LYS 51  84  84  LYS LYS A . n 
A 1 52  GLU 52  85  85  GLU GLU A . n 
A 1 53  SER 53  86  86  SER SER A . n 
A 1 54  PHE 54  87  87  PHE PHE A . n 
A 1 55  THR 55  88  88  THR THR A . n 
A 1 56  PHE 56  89  89  PHE PHE A . n 
A 1 57  ASP 57  90  90  ASP ASP A . n 
A 1 58  ILE 58  91  91  ILE ILE A . n 
A 1 59  VAL 59  92  92  VAL VAL A . n 
A 1 60  ASN 60  93  93  ASN ASN A . n 
A 1 61  ASP 61  94  94  ASP ASP A . n 
A 1 62  LYS 62  95  95  LYS LYS A . n 
A 1 63  GLU 63  96  96  GLU GLU A . n 
A 1 64  THR 64  97  97  THR THR A . n 
A 1 65  LYS 65  98  98  LYS LYS A . n 
A 1 66  TYR 66  99  99  TYR TYR A . n 
A 1 67  ILE 67  100 100 ILE ILE A . n 
A 1 68  SER 68  101 101 SER SER A . n 
A 1 69  LEU 69  102 102 LEU LEU A . n 
A 1 70  ALA 70  103 103 ALA ALA A . n 
A 1 71  GLU 71  104 104 GLU GLU A . n 
A 1 72  PHE 72  105 105 PHE PHE A . n 
A 1 73  GLU 73  106 106 GLU GLU A . n 
A 1 74  GLN 74  107 107 GLN GLN A . n 
A 1 75  GLN 75  108 108 GLN GLN A . n 
A 1 76  GLY 76  109 109 GLY GLY A . n 
A 1 77  TYR 77  110 110 TYR TYR A . n 
A 1 78  GLY 78  111 111 GLY GLY A . n 
A 1 79  LYS 79  112 112 LYS LYS A . n 
A 1 80  ILE 80  113 113 ILE ILE A . n 
A 1 81  ASP 81  114 114 ASP ASP A . n 
A 1 82  PHE 82  115 115 PHE PHE A . n 
A 1 83  VAL 83  116 116 VAL VAL A . n 
A 1 84  THR 84  117 117 THR THR A . n 
A 1 85  ASP 85  118 118 ASP ASP A . n 
A 1 86  ASN 86  119 119 ASN ASN A . n 
A 1 87  ASP 87  120 120 ASP ASP A . n 
A 1 88  PHE 88  121 121 PHE PHE A . n 
A 1 89  ASN 89  122 122 ASN ASN A . n 
A 1 90  LEU 90  123 123 LEU LEU A . n 
A 1 91  ARG 91  124 124 ARG ARG A . n 
A 1 92  PHE 92  125 125 PHE PHE A . n 
A 1 93  TYR 93  126 126 TYR TYR A . n 
A 1 94  ARG 94  127 127 ARG ARG A . n 
A 1 95  ASP 95  128 128 ASP ASP A . n 
A 1 96  LYS 96  129 129 LYS LYS A . n 
A 1 97  ALA 97  130 130 ALA ALA A . n 
A 1 98  ARG 98  131 131 ARG ARG A . n 
A 1 99  PHE 99  132 132 PHE PHE A . n 
A 1 100 THR 100 133 133 THR THR A . n 
A 1 101 SER 101 134 134 SER SER A . n 
A 1 102 PHE 102 135 135 PHE PHE A . n 
A 1 103 ILE 103 136 136 ILE ILE A . n 
A 1 104 VAL 104 137 137 VAL VAL A . n 
A 1 105 ARG 105 138 138 ARG ARG A . n 
A 1 106 TYR 106 139 139 TYR TYR A . n 
A 1 107 THR 107 140 140 THR THR A . n 
A 1 108 SER 108 141 141 SER SER A . n 
A 1 109 THR 109 142 142 THR THR A . n 
A 1 110 ILE 110 143 143 ILE ILE A . n 
A 1 111 THR 111 144 144 THR THR A . n 
A 1 112 GLU 112 145 145 GLU GLU A . n 
A 1 113 ALA 113 146 146 ALA ALA A . n 
A 1 114 GLY 114 147 147 GLY GLY A . n 
A 1 115 GLN 115 148 148 GLN GLN A . n 
A 1 116 HIS 116 149 149 HIS HIS A . n 
A 1 117 GLN 117 150 150 GLN GLN A . n 
A 1 118 ALA 118 151 151 ALA ALA A . n 
A 1 119 THR 119 152 152 THR THR A . n 
A 1 120 PHE 120 153 153 PHE PHE A . n 
A 1 121 GLU 121 154 154 GLU GLU A . n 
A 1 122 ASN 122 155 155 ASN ASN A . n 
A 1 123 SER 123 156 156 SER SER A . n 
A 1 124 TYR 124 157 157 TYR TYR A . n 
A 1 125 ASP 125 158 158 ASP ASP A . n 
A 1 126 ILE 126 159 159 ILE ILE A . n 
A 1 127 ASN 127 160 160 ASN ASN A . n 
A 1 128 TYR 128 161 161 TYR TYR A . n 
A 1 129 GLN 129 162 162 GLN GLN A . n 
A 1 130 LEU 130 163 163 LEU LEU A . n 
A 1 131 ASN 131 164 164 ASN ASN A . n 
A 1 132 ASN 132 165 165 ASN ALA A . n 
A 1 133 GLN 133 166 166 GLN GLN A . n 
A 1 134 ASP 134 167 167 ASP ALA A . n 
A 1 135 ALA 135 168 168 ALA ALA A . n 
A 1 136 THR 136 169 169 THR THR A . n 
A 1 137 ASN 137 170 170 ASN ASN A . n 
A 1 138 GLU 138 171 171 GLU GLU A . n 
A 1 139 LYS 139 172 172 LYS LYS A . n 
A 1 140 ASN 140 173 173 ASN ASN A . n 
A 1 141 THR 141 174 174 THR THR A . n 
A 1 142 SER 142 175 175 SER SER A . n 
A 1 143 GLN 143 176 176 GLN GLN A . n 
A 1 144 VAL 144 177 177 VAL VAL A . n 
A 1 145 LYS 145 178 178 LYS LYS A . n 
A 1 146 ASN 146 179 179 ASN ASN A . n 
A 1 147 VAL 147 180 ?   ?   ?   A . n 
# 
loop_
_pdbx_nonpoly_scheme.asym_id 
_pdbx_nonpoly_scheme.entity_id 
_pdbx_nonpoly_scheme.mon_id 
_pdbx_nonpoly_scheme.ndb_seq_num 
_pdbx_nonpoly_scheme.pdb_seq_num 
_pdbx_nonpoly_scheme.auth_seq_num 
_pdbx_nonpoly_scheme.pdb_mon_id 
_pdbx_nonpoly_scheme.auth_mon_id 
_pdbx_nonpoly_scheme.pdb_strand_id 
_pdbx_nonpoly_scheme.pdb_ins_code 
B 2 SO4 1   201 1   SO4 SO4 A . 
C 2 SO4 1   202 2   SO4 SO4 A . 
D 3 HOH 1   203 1   HOH HOH A . 
D 3 HOH 2   204 2   HOH HOH A . 
D 3 HOH 3   205 3   HOH HOH A . 
D 3 HOH 4   206 4   HOH HOH A . 
D 3 HOH 5   207 5   HOH HOH A . 
D 3 HOH 6   208 6   HOH HOH A . 
D 3 HOH 7   209 7   HOH HOH A . 
D 3 HOH 8   210 8   HOH HOH A . 
D 3 HOH 9   211 9   HOH HOH A . 
D 3 HOH 10  212 10  HOH HOH A . 
D 3 HOH 11  213 11  HOH HOH A . 
D 3 HOH 12  214 12  HOH HOH A . 
D 3 HOH 13  215 13  HOH HOH A . 
D 3 HOH 14  216 14  HOH HOH A . 
D 3 HOH 15  217 15  HOH HOH A . 
D 3 HOH 16  218 16  HOH HOH A . 
D 3 HOH 17  219 17  HOH HOH A . 
D 3 HOH 18  220 18  HOH HOH A . 
D 3 HOH 19  221 19  HOH HOH A . 
D 3 HOH 20  222 20  HOH HOH A . 
D 3 HOH 21  223 21  HOH HOH A . 
D 3 HOH 22  224 22  HOH HOH A . 
D 3 HOH 23  225 23  HOH HOH A . 
D 3 HOH 24  226 24  HOH HOH A . 
D 3 HOH 25  227 25  HOH HOH A . 
D 3 HOH 26  228 26  HOH HOH A . 
D 3 HOH 27  229 27  HOH HOH A . 
D 3 HOH 28  230 28  HOH HOH A . 
D 3 HOH 29  231 29  HOH HOH A . 
D 3 HOH 30  232 30  HOH HOH A . 
D 3 HOH 31  233 31  HOH HOH A . 
D 3 HOH 32  234 32  HOH HOH A . 
D 3 HOH 33  235 33  HOH HOH A . 
D 3 HOH 34  236 34  HOH HOH A . 
D 3 HOH 35  237 35  HOH HOH A . 
D 3 HOH 36  238 36  HOH HOH A . 
D 3 HOH 37  239 37  HOH HOH A . 
D 3 HOH 38  240 38  HOH HOH A . 
D 3 HOH 39  241 39  HOH HOH A . 
D 3 HOH 40  242 40  HOH HOH A . 
D 3 HOH 41  243 41  HOH HOH A . 
D 3 HOH 42  244 42  HOH HOH A . 
D 3 HOH 43  245 43  HOH HOH A . 
D 3 HOH 44  246 44  HOH HOH A . 
D 3 HOH 45  247 45  HOH HOH A . 
D 3 HOH 46  248 46  HOH HOH A . 
D 3 HOH 47  249 47  HOH HOH A . 
D 3 HOH 48  250 48  HOH HOH A . 
D 3 HOH 49  251 49  HOH HOH A . 
D 3 HOH 50  252 50  HOH HOH A . 
D 3 HOH 51  253 51  HOH HOH A . 
D 3 HOH 52  254 52  HOH HOH A . 
D 3 HOH 53  255 53  HOH HOH A . 
D 3 HOH 54  256 54  HOH HOH A . 
D 3 HOH 55  257 55  HOH HOH A . 
D 3 HOH 56  258 56  HOH HOH A . 
D 3 HOH 57  259 57  HOH HOH A . 
D 3 HOH 58  260 58  HOH HOH A . 
D 3 HOH 59  261 59  HOH HOH A . 
D 3 HOH 60  262 60  HOH HOH A . 
D 3 HOH 61  263 61  HOH HOH A . 
D 3 HOH 62  264 62  HOH HOH A . 
D 3 HOH 63  265 63  HOH HOH A . 
D 3 HOH 64  266 64  HOH HOH A . 
D 3 HOH 65  267 65  HOH HOH A . 
D 3 HOH 66  268 66  HOH HOH A . 
D 3 HOH 67  269 67  HOH HOH A . 
D 3 HOH 68  270 68  HOH HOH A . 
D 3 HOH 69  271 69  HOH HOH A . 
D 3 HOH 70  272 70  HOH HOH A . 
D 3 HOH 71  273 71  HOH HOH A . 
D 3 HOH 72  274 72  HOH HOH A . 
D 3 HOH 73  275 73  HOH HOH A . 
D 3 HOH 74  276 74  HOH HOH A . 
D 3 HOH 75  277 75  HOH HOH A . 
D 3 HOH 76  278 76  HOH HOH A . 
D 3 HOH 77  279 77  HOH HOH A . 
D 3 HOH 78  280 78  HOH HOH A . 
D 3 HOH 79  281 79  HOH HOH A . 
D 3 HOH 80  282 80  HOH HOH A . 
D 3 HOH 81  283 81  HOH HOH A . 
D 3 HOH 82  284 82  HOH HOH A . 
D 3 HOH 83  285 83  HOH HOH A . 
D 3 HOH 84  286 84  HOH HOH A . 
D 3 HOH 85  287 85  HOH HOH A . 
D 3 HOH 86  288 86  HOH HOH A . 
D 3 HOH 87  289 87  HOH HOH A . 
D 3 HOH 88  290 88  HOH HOH A . 
D 3 HOH 89  291 89  HOH HOH A . 
D 3 HOH 90  292 90  HOH HOH A . 
D 3 HOH 91  293 91  HOH HOH A . 
D 3 HOH 92  294 92  HOH HOH A . 
D 3 HOH 93  295 93  HOH HOH A . 
D 3 HOH 94  296 94  HOH HOH A . 
D 3 HOH 95  297 95  HOH HOH A . 
D 3 HOH 96  298 96  HOH HOH A . 
D 3 HOH 97  299 97  HOH HOH A . 
D 3 HOH 98  300 98  HOH HOH A . 
D 3 HOH 99  301 99  HOH HOH A . 
D 3 HOH 100 302 100 HOH HOH A . 
D 3 HOH 101 303 101 HOH HOH A . 
D 3 HOH 102 304 102 HOH HOH A . 
D 3 HOH 103 305 103 HOH HOH A . 
D 3 HOH 104 306 104 HOH HOH A . 
D 3 HOH 105 307 105 HOH HOH A . 
D 3 HOH 106 308 106 HOH HOH A . 
D 3 HOH 107 309 107 HOH HOH A . 
D 3 HOH 108 310 108 HOH HOH A . 
D 3 HOH 109 311 109 HOH HOH A . 
D 3 HOH 110 312 110 HOH HOH A . 
D 3 HOH 111 313 111 HOH HOH A . 
D 3 HOH 112 314 112 HOH HOH A . 
D 3 HOH 113 315 113 HOH HOH A . 
D 3 HOH 114 316 114 HOH HOH A . 
D 3 HOH 115 317 115 HOH HOH A . 
D 3 HOH 116 318 116 HOH HOH A . 
D 3 HOH 117 319 117 HOH HOH A . 
D 3 HOH 118 320 118 HOH HOH A . 
D 3 HOH 119 321 119 HOH HOH A . 
D 3 HOH 120 322 120 HOH HOH A . 
D 3 HOH 121 323 121 HOH HOH A . 
D 3 HOH 122 324 122 HOH HOH A . 
D 3 HOH 123 325 123 HOH HOH A . 
D 3 HOH 124 326 124 HOH HOH A . 
D 3 HOH 125 327 125 HOH HOH A . 
D 3 HOH 126 328 126 HOH HOH A . 
D 3 HOH 127 329 127 HOH HOH A . 
D 3 HOH 128 330 128 HOH HOH A . 
D 3 HOH 129 331 129 HOH HOH A . 
D 3 HOH 130 332 130 HOH HOH A . 
D 3 HOH 131 333 131 HOH HOH A . 
D 3 HOH 132 334 132 HOH HOH A . 
D 3 HOH 133 335 133 HOH HOH A . 
D 3 HOH 134 336 134 HOH HOH A . 
D 3 HOH 135 337 135 HOH HOH A . 
D 3 HOH 136 338 136 HOH HOH A . 
D 3 HOH 137 339 137 HOH HOH A . 
D 3 HOH 138 340 138 HOH HOH A . 
D 3 HOH 139 341 139 HOH HOH A . 
D 3 HOH 140 342 140 HOH HOH A . 
D 3 HOH 141 343 141 HOH HOH A . 
D 3 HOH 142 344 142 HOH HOH A . 
D 3 HOH 143 345 143 HOH HOH A . 
D 3 HOH 144 346 144 HOH HOH A . 
D 3 HOH 145 347 145 HOH HOH A . 
D 3 HOH 146 348 146 HOH HOH A . 
D 3 HOH 147 349 147 HOH HOH A . 
D 3 HOH 148 350 148 HOH HOH A . 
D 3 HOH 149 351 150 HOH HOH A . 
D 3 HOH 150 352 151 HOH HOH A . 
D 3 HOH 151 353 152 HOH HOH A . 
D 3 HOH 152 354 153 HOH HOH A . 
D 3 HOH 153 355 154 HOH HOH A . 
D 3 HOH 154 356 155 HOH HOH A . 
D 3 HOH 155 357 156 HOH HOH A . 
D 3 HOH 156 358 157 HOH HOH A . 
D 3 HOH 157 359 158 HOH HOH A . 
D 3 HOH 158 360 159 HOH HOH A . 
D 3 HOH 159 361 160 HOH HOH A . 
D 3 HOH 160 362 161 HOH HOH A . 
D 3 HOH 161 363 162 HOH HOH A . 
D 3 HOH 162 364 163 HOH HOH A . 
D 3 HOH 163 365 164 HOH HOH A . 
D 3 HOH 164 366 165 HOH HOH A . 
D 3 HOH 165 367 166 HOH HOH A . 
D 3 HOH 166 368 167 HOH HOH A . 
D 3 HOH 167 369 168 HOH HOH A . 
D 3 HOH 168 370 169 HOH HOH A . 
D 3 HOH 169 371 170 HOH HOH A . 
D 3 HOH 170 372 171 HOH HOH A . 
D 3 HOH 171 373 172 HOH HOH A . 
D 3 HOH 172 374 173 HOH HOH A . 
D 3 HOH 173 375 174 HOH HOH A . 
D 3 HOH 174 376 175 HOH HOH A . 
D 3 HOH 175 377 176 HOH HOH A . 
D 3 HOH 176 378 177 HOH HOH A . 
D 3 HOH 177 379 178 HOH HOH A . 
D 3 HOH 178 380 179 HOH HOH A . 
D 3 HOH 179 381 180 HOH HOH A . 
D 3 HOH 180 382 181 HOH HOH A . 
D 3 HOH 181 383 182 HOH HOH A . 
D 3 HOH 182 384 183 HOH HOH A . 
D 3 HOH 183 385 184 HOH HOH A . 
D 3 HOH 184 386 185 HOH HOH A . 
D 3 HOH 185 387 186 HOH HOH A . 
D 3 HOH 186 388 187 HOH HOH A . 
D 3 HOH 187 389 188 HOH HOH A . 
D 3 HOH 188 390 189 HOH HOH A . 
# 
loop_
_pdbx_unobs_or_zero_occ_atoms.id 
_pdbx_unobs_or_zero_occ_atoms.PDB_model_num 
_pdbx_unobs_or_zero_occ_atoms.polymer_flag 
_pdbx_unobs_or_zero_occ_atoms.occupancy_flag 
_pdbx_unobs_or_zero_occ_atoms.auth_asym_id 
_pdbx_unobs_or_zero_occ_atoms.auth_comp_id 
_pdbx_unobs_or_zero_occ_atoms.auth_seq_id 
_pdbx_unobs_or_zero_occ_atoms.PDB_ins_code 
_pdbx_unobs_or_zero_occ_atoms.auth_atom_id 
_pdbx_unobs_or_zero_occ_atoms.label_alt_id 
_pdbx_unobs_or_zero_occ_atoms.label_asym_id 
_pdbx_unobs_or_zero_occ_atoms.label_comp_id 
_pdbx_unobs_or_zero_occ_atoms.label_seq_id 
_pdbx_unobs_or_zero_occ_atoms.label_atom_id 
1  1 Y 1 A GLU 34  ? CG  ? A GLU 1   CG  
2  1 Y 1 A GLU 34  ? CD  ? A GLU 1   CD  
3  1 Y 1 A GLU 34  ? OE1 ? A GLU 1   OE1 
4  1 Y 1 A GLU 34  ? OE2 ? A GLU 1   OE2 
5  1 Y 1 A GLU 49  ? CG  ? A GLU 16  CG  
6  1 Y 1 A GLU 49  ? CD  ? A GLU 16  CD  
7  1 Y 1 A GLU 49  ? OE1 ? A GLU 16  OE1 
8  1 Y 1 A GLU 49  ? OE2 ? A GLU 16  OE2 
9  1 Y 1 A ARG 75  ? CG  ? A ARG 42  CG  
10 1 Y 1 A ARG 75  ? CD  ? A ARG 42  CD  
11 1 Y 1 A ARG 75  ? NE  ? A ARG 42  NE  
12 1 Y 1 A ARG 75  ? CZ  ? A ARG 42  CZ  
13 1 Y 1 A ARG 75  ? NH1 ? A ARG 42  NH1 
14 1 Y 1 A ARG 75  ? NH2 ? A ARG 42  NH2 
15 1 Y 1 A ASN 165 ? CG  ? A ASN 132 CG  
16 1 Y 1 A ASN 165 ? OD1 ? A ASN 132 OD1 
17 1 Y 1 A ASN 165 ? ND2 ? A ASN 132 ND2 
18 1 Y 1 A ASP 167 ? CG  ? A ASP 134 CG  
19 1 Y 1 A ASP 167 ? OD1 ? A ASP 134 OD1 
20 1 Y 1 A ASP 167 ? OD2 ? A ASP 134 OD2 
# 
loop_
_software.name 
_software.version 
_software.date 
_software.type 
_software.contact_author 
_software.contact_author_email 
_software.classification 
_software.location 
_software.language 
_software.citation_id 
_software.pdbx_ordinal 
CNS         .     ?                package 'Axel T. Brunger' axel.brunger@yale.edu    refinement        
http://cns.csb.yale.edu/v1.1/    Fortran_77 ? 1 
PDB_EXTRACT 2.000 'April. 3, 2006' package PDB               sw-help@rcsb.rutgers.edu 'data extraction' 
http://pdb.rutgers.edu/software/ C++        ? 2 
HKL-2000    .     ?                ?       ?                 ?                        'data collection' ? ?          ? 3 
DENZO       .     ?                ?       ?                 ?                        'data reduction'  ? ?          ? 4 
SCALEPACK   .     ?                ?       ?                 ?                        'data scaling'    ? ?          ? 5 
SOLVE       .     ?                ?       ?                 ?                        phasing           ? ?          ? 6 
# 
_cell.length_a           38.432 
_cell.length_b           48.912 
_cell.length_c           83.728 
_cell.angle_alpha        90.000 
_cell.angle_beta         90.000 
_cell.angle_gamma        90.000 
_cell.entry_id           2OKM 
_cell.pdbx_unique_axis   ? 
_cell.Z_PDB              4 
_cell.length_a_esd       ? 
_cell.length_b_esd       ? 
_cell.length_c_esd       ? 
_cell.angle_alpha_esd    ? 
_cell.angle_beta_esd     ? 
_cell.angle_gamma_esd    ? 
# 
_symmetry.space_group_name_H-M             'P 21 21 21' 
_symmetry.entry_id                         2OKM 
_symmetry.pdbx_full_space_group_name_H-M   ? 
_symmetry.Int_Tables_number                19 
_symmetry.cell_setting                     ? 
_symmetry.space_group_name_Hall            ? 
# 
_exptl.crystals_number   1 
_exptl.entry_id          2OKM 
_exptl.method            'X-RAY DIFFRACTION' 
# 
_exptl_crystal.id                    1 
_exptl_crystal.density_Matthews      2.29 
_exptl_crystal.density_meas          ? 
_exptl_crystal.density_percent_sol   46.38 
_exptl_crystal.description           ? 
_exptl_crystal.F_000                 ? 
_exptl_crystal.preparation           ? 
# 
_exptl_crystal_grow.crystal_id      1 
_exptl_crystal_grow.method          'VAPOR DIFFUSION, HANGING DROP' 
_exptl_crystal_grow.pH              7.5 
_exptl_crystal_grow.temp            296 
_exptl_crystal_grow.temp_details    ? 
_exptl_crystal_grow.pdbx_details    
'25mM Tris, 150mM NaCl, 20-35% PEG 4000, pH 7.5, VAPOR DIFFUSION, HANGING DROP, temperature 296K' 
_exptl_crystal_grow.pdbx_pH_range   . 
# 
_diffrn.id                     1 
_diffrn.ambient_temp           100 
_diffrn.ambient_temp_details   ? 
_diffrn.crystal_id             1 
# 
_diffrn_detector.diffrn_id              1 
_diffrn_detector.detector               'IMAGE PLATE' 
_diffrn_detector.type                   'RIGAKU RAXIS IV' 
_diffrn_detector.pdbx_collection_date   2001-09-10 
_diffrn_detector.details                mirrors 
# 
_diffrn_radiation.diffrn_id                        1 
_diffrn_radiation.wavelength_id                    1 
_diffrn_radiation.pdbx_diffrn_protocol             'SINGLE WAVELENGTH' 
_diffrn_radiation.monochromator                    ? 
_diffrn_radiation.pdbx_monochromatic_or_laue_m_l   M 
_diffrn_radiation.pdbx_scattering_type             x-ray 
# 
_diffrn_radiation_wavelength.id           1 
_diffrn_radiation_wavelength.wavelength   1.5418 
_diffrn_radiation_wavelength.wt           1.0 
# 
_diffrn_source.diffrn_id                   1 
_diffrn_source.source                      'ROTATING ANODE' 
_diffrn_source.type                        'RIGAKU RU300' 
_diffrn_source.pdbx_wavelength             ? 
_diffrn_source.pdbx_wavelength_list        1.5418 
_diffrn_source.pdbx_synchrotron_site       ? 
_diffrn_source.pdbx_synchrotron_beamline   ? 
# 
_reflns.entry_id                     2OKM 
_reflns.observed_criterion_sigma_F   ? 
_reflns.observed_criterion_sigma_I   1 
_reflns.d_resolution_high            1.65 
_reflns.d_resolution_low             50 
_reflns.number_all                   19670 
_reflns.number_obs                   19444 
_reflns.percent_possible_obs         99.9 
_reflns.pdbx_Rmerge_I_obs            0.046 
_reflns.pdbx_Rsym_value              ? 
_reflns.pdbx_netI_over_sigmaI        40.7 
_reflns.B_iso_Wilson_estimate        ? 
_reflns.pdbx_redundancy              9.9 
_reflns.R_free_details               ? 
_reflns.limit_h_max                  ? 
_reflns.limit_h_min                  ? 
_reflns.limit_k_max                  ? 
_reflns.limit_k_min                  ? 
_reflns.limit_l_max                  ? 
_reflns.limit_l_min                  ? 
_reflns.observed_criterion_F_max     ? 
_reflns.observed_criterion_F_min     ? 
_reflns.pdbx_chi_squared             ? 
_reflns.pdbx_scaling_rejects         ? 
_reflns.pdbx_diffrn_id               1 
_reflns.pdbx_ordinal                 1 
# 
_reflns_shell.d_res_high             1.65 
_reflns_shell.d_res_low              1.71 
_reflns_shell.percent_possible_obs   ? 
_reflns_shell.percent_possible_all   ? 
_reflns_shell.Rmerge_I_obs           0.251 
_reflns_shell.meanI_over_sigI_obs    11.6 
_reflns_shell.pdbx_Rsym_value        ? 
_reflns_shell.pdbx_redundancy        ? 
_reflns_shell.number_unique_all      ? 
_reflns_shell.number_measured_all    ? 
_reflns_shell.number_measured_obs    ? 
_reflns_shell.number_unique_obs      ? 
_reflns_shell.pdbx_chi_squared       ? 
_reflns_shell.pdbx_diffrn_id         ? 
_reflns_shell.pdbx_ordinal           1 
# 
_refine.entry_id                                 2OKM 
_refine.ls_d_res_high                            1.650 
_refine.ls_d_res_low                             20.000 
_refine.pdbx_ls_sigma_F                          0.00 
_refine.ls_percent_reflns_obs                    99.100 
_refine.ls_number_reflns_obs                     19444 
_refine.ls_R_factor_R_work                       0.198 
_refine.ls_R_factor_R_free                       0.216 
_refine.ls_percent_reflns_R_free                 5.800 
_refine.ls_number_reflns_R_free                  1135 
_refine.B_iso_mean                               17.839 
_refine.solvent_model_param_bsol                 47.070 
_refine.aniso_B[1][1]                            -4.498 
_refine.aniso_B[2][2]                            4.037 
_refine.aniso_B[3][3]                            0.461 
_refine.aniso_B[1][2]                            0.000 
_refine.aniso_B[1][3]                            0.000 
_refine.aniso_B[2][3]                            0.000 
_refine.pdbx_ls_sigma_I                          ? 
_refine.ls_number_reflns_all                     ? 
_refine.ls_R_factor_all                          ? 
_refine.ls_R_factor_obs                          ? 
_refine.ls_redundancy_reflns_obs                 ? 
_refine.pdbx_data_cutoff_high_absF               ? 
_refine.pdbx_data_cutoff_low_absF                ? 
_refine.ls_number_parameters                     ? 
_refine.ls_number_restraints                     ? 
_refine.ls_R_factor_R_free_error                 ? 
_refine.ls_R_factor_R_free_error_details         ? 
_refine.pdbx_method_to_determine_struct          MIR 
_refine.pdbx_starting_model                      ? 
_refine.pdbx_ls_cross_valid_method               THROUGHOUT 
_refine.pdbx_R_Free_selection_details            RANDOM 
_refine.pdbx_stereochem_target_val_spec_case     ? 
_refine.pdbx_stereochemistry_target_values       ? 
_refine.solvent_model_details                    ? 
_refine.solvent_model_param_ksol                 ? 
_refine.occupancy_max                            ? 
_refine.occupancy_min                            ? 
_refine.pdbx_isotropic_thermal_model             ? 
_refine.details                                  ? 
_refine.B_iso_min                                ? 
_refine.B_iso_max                                ? 
_refine.correlation_coeff_Fo_to_Fc               ? 
_refine.correlation_coeff_Fo_to_Fc_free          ? 
_refine.pdbx_solvent_vdw_probe_radii             ? 
_refine.pdbx_solvent_ion_probe_radii             ? 
_refine.pdbx_solvent_shrinkage_radii             ? 
_refine.overall_SU_R_Cruickshank_DPI             ? 
_refine.overall_SU_R_free                        ? 
_refine.overall_SU_ML                            ? 
_refine.overall_SU_B                             ? 
_refine.pdbx_overall_ESU_R_Free                  ? 
_refine.pdbx_data_cutoff_high_rms_absF           ? 
_refine.pdbx_overall_ESU_R                       ? 
_refine.ls_wR_factor_R_free                      ? 
_refine.ls_wR_factor_R_work                      ? 
_refine.overall_FOM_free_R_set                   ? 
_refine.overall_FOM_work_R_set                   ? 
_refine.pdbx_overall_phase_error                 ? 
_refine.pdbx_refine_id                           'X-RAY DIFFRACTION' 
_refine.pdbx_diffrn_id                           1 
_refine.pdbx_TLS_residual_ADP_flag               ? 
_refine.pdbx_overall_SU_R_free_Cruickshank_DPI   ? 
_refine.pdbx_overall_SU_R_Blow_DPI               ? 
_refine.pdbx_overall_SU_R_free_Blow_DPI          ? 
# 
_refine_hist.pdbx_refine_id                   'X-RAY DIFFRACTION' 
_refine_hist.cycle_id                         LAST 
_refine_hist.pdbx_number_atoms_protein        1186 
_refine_hist.pdbx_number_atoms_nucleic_acid   0 
_refine_hist.pdbx_number_atoms_ligand         10 
_refine_hist.number_atoms_solvent             188 
_refine_hist.number_atoms_total               1384 
_refine_hist.d_res_high                       1.650 
_refine_hist.d_res_low                        20.000 
# 
loop_
_refine_ls_restr.type 
_refine_ls_restr.number 
_refine_ls_restr.dev_ideal 
_refine_ls_restr.dev_ideal_target 
_refine_ls_restr.weight 
_refine_ls_restr.pdbx_refine_id 
_refine_ls_restr.pdbx_restraint_function 
c_bond_d    ? 0.006 ? ? 'X-RAY DIFFRACTION' ? 
c_angle_deg ? 1.356 ? ? 'X-RAY DIFFRACTION' ? 
# 
loop_
_pdbx_xplor_file.serial_no 
_pdbx_xplor_file.param_file 
_pdbx_xplor_file.topol_file 
_pdbx_xplor_file.pdbx_refine_id 
1 protein_rep.param ? 'X-RAY DIFFRACTION' 
2 water_rep.param   ? 'X-RAY DIFFRACTION' 
3 ion.param         ? 'X-RAY DIFFRACTION' 
# 
_struct.entry_id                  2OKM 
_struct.title                     
'Crystal structure of ACE19, the collagen binding subdomain of Enterococcus faecalis surface protein ACE' 
_struct.pdbx_model_details        ? 
_struct.pdbx_CASP_flag            ? 
_struct.pdbx_model_type_details   ? 
# 
_struct_keywords.entry_id        2OKM 
_struct_keywords.pdbx_keywords   'CELL ADHESION' 
_struct_keywords.text            'Adhesin, collagen-binding, CELL ADHESION' 
# 
loop_
_struct_asym.id 
_struct_asym.pdbx_blank_PDB_chainid_flag 
_struct_asym.pdbx_modified 
_struct_asym.entity_id 
_struct_asym.details 
A N N 1 ? 
B N N 2 ? 
C N N 2 ? 
D N N 3 ? 
# 
_struct_ref.id                         1 
_struct_ref.db_name                    UNP 
_struct_ref.db_code                    Q9EU70_ENTFA 
_struct_ref.pdbx_db_accession          Q9EU70 
_struct_ref.entity_id                  1 
_struct_ref.pdbx_seq_one_letter_code   
;ERDYPFFYKVGDLAGESNQVRWFLNVNLNKSDVTEDISIADRQGSGQQLNKESFTFDIVNDKETKYISLAEFEQQGYGKI
DFVTDNDFNLRFYRDKARFTSFIVRYTSTITEAGQHQATFENSYDINYQLNNQDATNEKNTSQVKNV
;
_struct_ref.pdbx_align_begin           133 
_struct_ref.pdbx_db_isoform            ? 
# 
_struct_ref_seq.align_id                      1 
_struct_ref_seq.ref_id                        1 
_struct_ref_seq.pdbx_PDB_id_code              2OKM 
_struct_ref_seq.pdbx_strand_id                A 
_struct_ref_seq.seq_align_beg                 1 
_struct_ref_seq.pdbx_seq_align_beg_ins_code   ? 
_struct_ref_seq.seq_align_end                 147 
_struct_ref_seq.pdbx_seq_align_end_ins_code   ? 
_struct_ref_seq.pdbx_db_accession             Q9EU70 
_struct_ref_seq.db_align_beg                  133 
_struct_ref_seq.pdbx_db_align_beg_ins_code    ? 
_struct_ref_seq.db_align_end                  279 
_struct_ref_seq.pdbx_db_align_end_ins_code    ? 
_struct_ref_seq.pdbx_auth_seq_align_beg       34 
_struct_ref_seq.pdbx_auth_seq_align_end       180 
# 
_pdbx_struct_assembly.id                   1 
_pdbx_struct_assembly.details              author_defined_assembly 
_pdbx_struct_assembly.method_details       ? 
_pdbx_struct_assembly.oligomeric_details   monomeric 
_pdbx_struct_assembly.oligomeric_count     1 
# 
_pdbx_struct_assembly_gen.assembly_id       1 
_pdbx_struct_assembly_gen.oper_expression   1 
_pdbx_struct_assembly_gen.asym_id_list      A,B,C,D 
# 
_pdbx_struct_oper_list.id                   1 
_pdbx_struct_oper_list.type                 'identity operation' 
_pdbx_struct_oper_list.name                 1_555 
_pdbx_struct_oper_list.symmetry_operation   x,y,z 
_pdbx_struct_oper_list.matrix[1][1]         1.0000000000 
_pdbx_struct_oper_list.matrix[1][2]         0.0000000000 
_pdbx_struct_oper_list.matrix[1][3]         0.0000000000 
_pdbx_struct_oper_list.vector[1]            0.0000000000 
_pdbx_struct_oper_list.matrix[2][1]         0.0000000000 
_pdbx_struct_oper_list.matrix[2][2]         1.0000000000 
_pdbx_struct_oper_list.matrix[2][3]         0.0000000000 
_pdbx_struct_oper_list.vector[2]            0.0000000000 
_pdbx_struct_oper_list.matrix[3][1]         0.0000000000 
_pdbx_struct_oper_list.matrix[3][2]         0.0000000000 
_pdbx_struct_oper_list.matrix[3][3]         1.0000000000 
_pdbx_struct_oper_list.vector[3]            0.0000000000 
# 
_struct_biol.id        1 
_struct_biol.details   ? 
# 
loop_
_struct_conf.conf_type_id 
_struct_conf.id 
_struct_conf.pdbx_PDB_helix_id 
_struct_conf.beg_label_comp_id 
_struct_conf.beg_label_asym_id 
_struct_conf.beg_label_seq_id 
_struct_conf.pdbx_beg_PDB_ins_code 
_struct_conf.end_label_comp_id 
_struct_conf.end_label_asym_id 
_struct_conf.end_label_seq_id 
_struct_conf.pdbx_end_PDB_ins_code 
_struct_conf.beg_auth_comp_id 
_struct_conf.beg_auth_asym_id 
_struct_conf.beg_auth_seq_id 
_struct_conf.end_auth_comp_id 
_struct_conf.end_auth_asym_id 
_struct_conf.end_auth_seq_id 
_struct_conf.pdbx_PDB_helix_class 
_struct_conf.details 
_struct_conf.pdbx_PDB_helix_length 
HELX_P HELX_P1 1 LEU A 69  ? GLN A 75  ? LEU A 102 GLN A 108 1 ? 7 
HELX_P HELX_P2 2 TYR A 93  ? ARG A 98  ? TYR A 126 ARG A 131 1 ? 6 
HELX_P HELX_P3 3 THR A 111 ? HIS A 116 ? THR A 144 HIS A 149 1 ? 6 
# 
_struct_conf_type.id          HELX_P 
_struct_conf_type.criteria    ? 
_struct_conf_type.reference   ? 
# 
loop_
_struct_sheet.id 
_struct_sheet.type 
_struct_sheet.number_strands 
_struct_sheet.details 
A ? 4 ? 
B ? 5 ? 
C ? 5 ? 
# 
loop_
_struct_sheet_order.sheet_id 
_struct_sheet_order.range_id_1 
_struct_sheet_order.range_id_2 
_struct_sheet_order.offset 
_struct_sheet_order.sense 
A 1 2 ? anti-parallel 
A 2 3 ? anti-parallel 
A 3 4 ? anti-parallel 
B 1 2 ? anti-parallel 
B 2 3 ? anti-parallel 
B 3 4 ? anti-parallel 
B 4 5 ? anti-parallel 
C 1 2 ? anti-parallel 
C 2 3 ? anti-parallel 
C 3 4 ? anti-parallel 
C 4 5 ? anti-parallel 
# 
loop_
_struct_sheet_range.sheet_id 
_struct_sheet_range.id 
_struct_sheet_range.beg_label_comp_id 
_struct_sheet_range.beg_label_asym_id 
_struct_sheet_range.beg_label_seq_id 
_struct_sheet_range.pdbx_beg_PDB_ins_code 
_struct_sheet_range.end_label_comp_id 
_struct_sheet_range.end_label_asym_id 
_struct_sheet_range.end_label_seq_id 
_struct_sheet_range.pdbx_end_PDB_ins_code 
_struct_sheet_range.beg_auth_comp_id 
_struct_sheet_range.beg_auth_asym_id 
_struct_sheet_range.beg_auth_seq_id 
_struct_sheet_range.end_auth_comp_id 
_struct_sheet_range.end_auth_asym_id 
_struct_sheet_range.end_auth_seq_id 
A 1 PHE A 7   ? ASP A 12  ? PHE A 40  ASP A 45  
A 2 GLN A 19  ? VAL A 26  ? GLN A 52  VAL A 59  
A 3 SER A 101 ? ILE A 110 ? SER A 134 ILE A 143 
A 4 GLN A 47  ? LEU A 49  ? GLN A 80  LEU A 82  
B 1 PHE A 7   ? ASP A 12  ? PHE A 40  ASP A 45  
B 2 GLN A 19  ? VAL A 26  ? GLN A 52  VAL A 59  
B 3 SER A 101 ? ILE A 110 ? SER A 134 ILE A 143 
B 4 THR A 55  ? VAL A 59  ? THR A 88  VAL A 92  
B 5 THR A 64  ? SER A 68  ? THR A 97  SER A 101 
C 1 GLY A 78  ? PHE A 82  ? GLY A 111 PHE A 115 
C 2 ASP A 87  ? PHE A 92  ? ASP A 120 PHE A 125 
C 3 ILE A 37  ? GLN A 43  ? ILE A 70  GLN A 76  
C 4 THR A 119 ? TYR A 128 ? THR A 152 TYR A 161 
C 5 THR A 136 ? LYS A 145 ? THR A 169 LYS A 178 
# 
loop_
_pdbx_struct_sheet_hbond.sheet_id 
_pdbx_struct_sheet_hbond.range_id_1 
_pdbx_struct_sheet_hbond.range_id_2 
_pdbx_struct_sheet_hbond.range_1_label_atom_id 
_pdbx_struct_sheet_hbond.range_1_label_comp_id 
_pdbx_struct_sheet_hbond.range_1_label_asym_id 
_pdbx_struct_sheet_hbond.range_1_label_seq_id 
_pdbx_struct_sheet_hbond.range_1_PDB_ins_code 
_pdbx_struct_sheet_hbond.range_1_auth_atom_id 
_pdbx_struct_sheet_hbond.range_1_auth_comp_id 
_pdbx_struct_sheet_hbond.range_1_auth_asym_id 
_pdbx_struct_sheet_hbond.range_1_auth_seq_id 
_pdbx_struct_sheet_hbond.range_2_label_atom_id 
_pdbx_struct_sheet_hbond.range_2_label_comp_id 
_pdbx_struct_sheet_hbond.range_2_label_asym_id 
_pdbx_struct_sheet_hbond.range_2_label_seq_id 
_pdbx_struct_sheet_hbond.range_2_PDB_ins_code 
_pdbx_struct_sheet_hbond.range_2_auth_atom_id 
_pdbx_struct_sheet_hbond.range_2_auth_comp_id 
_pdbx_struct_sheet_hbond.range_2_auth_asym_id 
_pdbx_struct_sheet_hbond.range_2_auth_seq_id 
A 1 2 N ASP A 12  ? N ASP A 45  O ARG A 21  ? O ARG A 54  
A 2 3 N VAL A 26  ? N VAL A 59  O PHE A 102 ? O PHE A 135 
A 3 4 O THR A 109 ? O THR A 142 N GLN A 48  ? N GLN A 81  
B 1 2 N ASP A 12  ? N ASP A 45  O ARG A 21  ? O ARG A 54  
B 2 3 N VAL A 26  ? N VAL A 59  O PHE A 102 ? O PHE A 135 
B 3 4 O SER A 101 ? O SER A 134 N VAL A 59  ? N VAL A 92  
B 4 5 N PHE A 56  ? N PHE A 89  O ILE A 67  ? O ILE A 100 
C 1 2 N LYS A 79  ? N LYS A 112 O ARG A 91  ? O ARG A 124 
C 2 3 O LEU A 90  ? O LEU A 123 N ILE A 39  ? N ILE A 72  
C 3 4 N ALA A 40  ? N ALA A 73  O ASP A 125 ? O ASP A 158 
C 4 5 N TYR A 128 ? N TYR A 161 O THR A 136 ? O THR A 169 
# 
loop_
_struct_site.id 
_struct_site.pdbx_evidence_code 
_struct_site.pdbx_auth_asym_id 
_struct_site.pdbx_auth_comp_id 
_struct_site.pdbx_auth_seq_id 
_struct_site.pdbx_auth_ins_code 
_struct_site.pdbx_num_residues 
_struct_site.details 
AC1 Software A SO4 201 ? 9 'BINDING SITE FOR RESIDUE SO4 A 201' 
AC2 Software A SO4 202 ? 7 'BINDING SITE FOR RESIDUE SO4 A 202' 
# 
loop_
_struct_site_gen.id 
_struct_site_gen.site_id 
_struct_site_gen.pdbx_num_res 
_struct_site_gen.label_comp_id 
_struct_site_gen.label_asym_id 
_struct_site_gen.label_seq_id 
_struct_site_gen.pdbx_auth_ins_code 
_struct_site_gen.auth_comp_id 
_struct_site_gen.auth_asym_id 
_struct_site_gen.auth_seq_id 
_struct_site_gen.label_atom_id 
_struct_site_gen.label_alt_id 
_struct_site_gen.symmetry 
_struct_site_gen.details 
1  AC1 9 PRO A 5   ? PRO A 38  . ? 1_555 ? 
2  AC1 9 PHE A 6   ? PHE A 39  . ? 1_555 ? 
3  AC1 9 ARG A 21  ? ARG A 54  . ? 4_547 ? 
4  AC1 9 PHE A 23  ? PHE A 56  . ? 4_547 ? 
5  AC1 9 ARG A 105 ? ARG A 138 . ? 4_547 ? 
6  AC1 9 HOH D .   ? HOH A 266 . ? 1_555 ? 
7  AC1 9 HOH D .   ? HOH A 276 . ? 1_555 ? 
8  AC1 9 HOH D .   ? HOH A 310 . ? 4_547 ? 
9  AC1 9 HOH D .   ? HOH A 388 . ? 1_555 ? 
10 AC2 7 THR A 84  ? THR A 117 . ? 1_555 ? 
11 AC2 7 ASP A 85  ? ASP A 118 . ? 1_555 ? 
12 AC2 7 ASN A 86  ? ASN A 119 . ? 1_555 ? 
13 AC2 7 ASP A 87  ? ASP A 120 . ? 1_555 ? 
14 AC2 7 TYR A 93  ? TYR A 126 . ? 3_546 ? 
15 AC2 7 HOH D .   ? HOH A 280 . ? 3_546 ? 
16 AC2 7 HOH D .   ? HOH A 302 . ? 1_555 ? 
# 
_pdbx_unobs_or_zero_occ_residues.id               1 
_pdbx_unobs_or_zero_occ_residues.PDB_model_num    1 
_pdbx_unobs_or_zero_occ_residues.polymer_flag     Y 
_pdbx_unobs_or_zero_occ_residues.occupancy_flag   1 
_pdbx_unobs_or_zero_occ_residues.auth_asym_id     A 
_pdbx_unobs_or_zero_occ_residues.auth_comp_id     VAL 
_pdbx_unobs_or_zero_occ_residues.auth_seq_id      180 
_pdbx_unobs_or_zero_occ_residues.PDB_ins_code     ? 
_pdbx_unobs_or_zero_occ_residues.label_asym_id    A 
_pdbx_unobs_or_zero_occ_residues.label_comp_id    VAL 
_pdbx_unobs_or_zero_occ_residues.label_seq_id     147 
# 
loop_
_chem_comp_atom.comp_id 
_chem_comp_atom.atom_id 
_chem_comp_atom.type_symbol 
_chem_comp_atom.pdbx_aromatic_flag 
_chem_comp_atom.pdbx_stereo_config 
_chem_comp_atom.pdbx_ordinal 
ALA N    N N N 1   
ALA CA   C N S 2   
ALA C    C N N 3   
ALA O    O N N 4   
ALA CB   C N N 5   
ALA OXT  O N N 6   
ALA H    H N N 7   
ALA H2   H N N 8   
ALA HA   H N N 9   
ALA HB1  H N N 10  
ALA HB2  H N N 11  
ALA HB3  H N N 12  
ALA HXT  H N N 13  
ARG N    N N N 14  
ARG CA   C N S 15  
ARG C    C N N 16  
ARG O    O N N 17  
ARG CB   C N N 18  
ARG CG   C N N 19  
ARG CD   C N N 20  
ARG NE   N N N 21  
ARG CZ   C N N 22  
ARG NH1  N N N 23  
ARG NH2  N N N 24  
ARG OXT  O N N 25  
ARG H    H N N 26  
ARG H2   H N N 27  
ARG HA   H N N 28  
ARG HB2  H N N 29  
ARG HB3  H N N 30  
ARG HG2  H N N 31  
ARG HG3  H N N 32  
ARG HD2  H N N 33  
ARG HD3  H N N 34  
ARG HE   H N N 35  
ARG HH11 H N N 36  
ARG HH12 H N N 37  
ARG HH21 H N N 38  
ARG HH22 H N N 39  
ARG HXT  H N N 40  
ASN N    N N N 41  
ASN CA   C N S 42  
ASN C    C N N 43  
ASN O    O N N 44  
ASN CB   C N N 45  
ASN CG   C N N 46  
ASN OD1  O N N 47  
ASN ND2  N N N 48  
ASN OXT  O N N 49  
ASN H    H N N 50  
ASN H2   H N N 51  
ASN HA   H N N 52  
ASN HB2  H N N 53  
ASN HB3  H N N 54  
ASN HD21 H N N 55  
ASN HD22 H N N 56  
ASN HXT  H N N 57  
ASP N    N N N 58  
ASP CA   C N S 59  
ASP C    C N N 60  
ASP O    O N N 61  
ASP CB   C N N 62  
ASP CG   C N N 63  
ASP OD1  O N N 64  
ASP OD2  O N N 65  
ASP OXT  O N N 66  
ASP H    H N N 67  
ASP H2   H N N 68  
ASP HA   H N N 69  
ASP HB2  H N N 70  
ASP HB3  H N N 71  
ASP HD2  H N N 72  
ASP HXT  H N N 73  
GLN N    N N N 74  
GLN CA   C N S 75  
GLN C    C N N 76  
GLN O    O N N 77  
GLN CB   C N N 78  
GLN CG   C N N 79  
GLN CD   C N N 80  
GLN OE1  O N N 81  
GLN NE2  N N N 82  
GLN OXT  O N N 83  
GLN H    H N N 84  
GLN H2   H N N 85  
GLN HA   H N N 86  
GLN HB2  H N N 87  
GLN HB3  H N N 88  
GLN HG2  H N N 89  
GLN HG3  H N N 90  
GLN HE21 H N N 91  
GLN HE22 H N N 92  
GLN HXT  H N N 93  
GLU N    N N N 94  
GLU CA   C N S 95  
GLU C    C N N 96  
GLU O    O N N 97  
GLU CB   C N N 98  
GLU CG   C N N 99  
GLU CD   C N N 100 
GLU OE1  O N N 101 
GLU OE2  O N N 102 
GLU OXT  O N N 103 
GLU H    H N N 104 
GLU H2   H N N 105 
GLU HA   H N N 106 
GLU HB2  H N N 107 
GLU HB3  H N N 108 
GLU HG2  H N N 109 
GLU HG3  H N N 110 
GLU HE2  H N N 111 
GLU HXT  H N N 112 
GLY N    N N N 113 
GLY CA   C N N 114 
GLY C    C N N 115 
GLY O    O N N 116 
GLY OXT  O N N 117 
GLY H    H N N 118 
GLY H2   H N N 119 
GLY HA2  H N N 120 
GLY HA3  H N N 121 
GLY HXT  H N N 122 
HIS N    N N N 123 
HIS CA   C N S 124 
HIS C    C N N 125 
HIS O    O N N 126 
HIS CB   C N N 127 
HIS CG   C Y N 128 
HIS ND1  N Y N 129 
HIS CD2  C Y N 130 
HIS CE1  C Y N 131 
HIS NE2  N Y N 132 
HIS OXT  O N N 133 
HIS H    H N N 134 
HIS H2   H N N 135 
HIS HA   H N N 136 
HIS HB2  H N N 137 
HIS HB3  H N N 138 
HIS HD1  H N N 139 
HIS HD2  H N N 140 
HIS HE1  H N N 141 
HIS HE2  H N N 142 
HIS HXT  H N N 143 
HOH O    O N N 144 
HOH H1   H N N 145 
HOH H2   H N N 146 
ILE N    N N N 147 
ILE CA   C N S 148 
ILE C    C N N 149 
ILE O    O N N 150 
ILE CB   C N S 151 
ILE CG1  C N N 152 
ILE CG2  C N N 153 
ILE CD1  C N N 154 
ILE OXT  O N N 155 
ILE H    H N N 156 
ILE H2   H N N 157 
ILE HA   H N N 158 
ILE HB   H N N 159 
ILE HG12 H N N 160 
ILE HG13 H N N 161 
ILE HG21 H N N 162 
ILE HG22 H N N 163 
ILE HG23 H N N 164 
ILE HD11 H N N 165 
ILE HD12 H N N 166 
ILE HD13 H N N 167 
ILE HXT  H N N 168 
LEU N    N N N 169 
LEU CA   C N S 170 
LEU C    C N N 171 
LEU O    O N N 172 
LEU CB   C N N 173 
LEU CG   C N N 174 
LEU CD1  C N N 175 
LEU CD2  C N N 176 
LEU OXT  O N N 177 
LEU H    H N N 178 
LEU H2   H N N 179 
LEU HA   H N N 180 
LEU HB2  H N N 181 
LEU HB3  H N N 182 
LEU HG   H N N 183 
LEU HD11 H N N 184 
LEU HD12 H N N 185 
LEU HD13 H N N 186 
LEU HD21 H N N 187 
LEU HD22 H N N 188 
LEU HD23 H N N 189 
LEU HXT  H N N 190 
LYS N    N N N 191 
LYS CA   C N S 192 
LYS C    C N N 193 
LYS O    O N N 194 
LYS CB   C N N 195 
LYS CG   C N N 196 
LYS CD   C N N 197 
LYS CE   C N N 198 
LYS NZ   N N N 199 
LYS OXT  O N N 200 
LYS H    H N N 201 
LYS H2   H N N 202 
LYS HA   H N N 203 
LYS HB2  H N N 204 
LYS HB3  H N N 205 
LYS HG2  H N N 206 
LYS HG3  H N N 207 
LYS HD2  H N N 208 
LYS HD3  H N N 209 
LYS HE2  H N N 210 
LYS HE3  H N N 211 
LYS HZ1  H N N 212 
LYS HZ2  H N N 213 
LYS HZ3  H N N 214 
LYS HXT  H N N 215 
PHE N    N N N 216 
PHE CA   C N S 217 
PHE C    C N N 218 
PHE O    O N N 219 
PHE CB   C N N 220 
PHE CG   C Y N 221 
PHE CD1  C Y N 222 
PHE CD2  C Y N 223 
PHE CE1  C Y N 224 
PHE CE2  C Y N 225 
PHE CZ   C Y N 226 
PHE OXT  O N N 227 
PHE H    H N N 228 
PHE H2   H N N 229 
PHE HA   H N N 230 
PHE HB2  H N N 231 
PHE HB3  H N N 232 
PHE HD1  H N N 233 
PHE HD2  H N N 234 
PHE HE1  H N N 235 
PHE HE2  H N N 236 
PHE HZ   H N N 237 
PHE HXT  H N N 238 
PRO N    N N N 239 
PRO CA   C N S 240 
PRO C    C N N 241 
PRO O    O N N 242 
PRO CB   C N N 243 
PRO CG   C N N 244 
PRO CD   C N N 245 
PRO OXT  O N N 246 
PRO H    H N N 247 
PRO HA   H N N 248 
PRO HB2  H N N 249 
PRO HB3  H N N 250 
PRO HG2  H N N 251 
PRO HG3  H N N 252 
PRO HD2  H N N 253 
PRO HD3  H N N 254 
PRO HXT  H N N 255 
SER N    N N N 256 
SER CA   C N S 257 
SER C    C N N 258 
SER O    O N N 259 
SER CB   C N N 260 
SER OG   O N N 261 
SER OXT  O N N 262 
SER H    H N N 263 
SER H2   H N N 264 
SER HA   H N N 265 
SER HB2  H N N 266 
SER HB3  H N N 267 
SER HG   H N N 268 
SER HXT  H N N 269 
SO4 S    S N N 270 
SO4 O1   O N N 271 
SO4 O2   O N N 272 
SO4 O3   O N N 273 
SO4 O4   O N N 274 
THR N    N N N 275 
THR CA   C N S 276 
THR C    C N N 277 
THR O    O N N 278 
THR CB   C N R 279 
THR OG1  O N N 280 
THR CG2  C N N 281 
THR OXT  O N N 282 
THR H    H N N 283 
THR H2   H N N 284 
THR HA   H N N 285 
THR HB   H N N 286 
THR HG1  H N N 287 
THR HG21 H N N 288 
THR HG22 H N N 289 
THR HG23 H N N 290 
THR HXT  H N N 291 
TRP N    N N N 292 
TRP CA   C N S 293 
TRP C    C N N 294 
TRP O    O N N 295 
TRP CB   C N N 296 
TRP CG   C Y N 297 
TRP CD1  C Y N 298 
TRP CD2  C Y N 299 
TRP NE1  N Y N 300 
TRP CE2  C Y N 301 
TRP CE3  C Y N 302 
TRP CZ2  C Y N 303 
TRP CZ3  C Y N 304 
TRP CH2  C Y N 305 
TRP OXT  O N N 306 
TRP H    H N N 307 
TRP H2   H N N 308 
TRP HA   H N N 309 
TRP HB2  H N N 310 
TRP HB3  H N N 311 
TRP HD1  H N N 312 
TRP HE1  H N N 313 
TRP HE3  H N N 314 
TRP HZ2  H N N 315 
TRP HZ3  H N N 316 
TRP HH2  H N N 317 
TRP HXT  H N N 318 
TYR N    N N N 319 
TYR CA   C N S 320 
TYR C    C N N 321 
TYR O    O N N 322 
TYR CB   C N N 323 
TYR CG   C Y N 324 
TYR CD1  C Y N 325 
TYR CD2  C Y N 326 
TYR CE1  C Y N 327 
TYR CE2  C Y N 328 
TYR CZ   C Y N 329 
TYR OH   O N N 330 
TYR OXT  O N N 331 
TYR H    H N N 332 
TYR H2   H N N 333 
TYR HA   H N N 334 
TYR HB2  H N N 335 
TYR HB3  H N N 336 
TYR HD1  H N N 337 
TYR HD2  H N N 338 
TYR HE1  H N N 339 
TYR HE2  H N N 340 
TYR HH   H N N 341 
TYR HXT  H N N 342 
VAL N    N N N 343 
VAL CA   C N S 344 
VAL C    C N N 345 
VAL O    O N N 346 
VAL CB   C N N 347 
VAL CG1  C N N 348 
VAL CG2  C N N 349 
VAL OXT  O N N 350 
VAL H    H N N 351 
VAL H2   H N N 352 
VAL HA   H N N 353 
VAL HB   H N N 354 
VAL HG11 H N N 355 
VAL HG12 H N N 356 
VAL HG13 H N N 357 
VAL HG21 H N N 358 
VAL HG22 H N N 359 
VAL HG23 H N N 360 
VAL HXT  H N N 361 
# 
loop_
_chem_comp_bond.comp_id 
_chem_comp_bond.atom_id_1 
_chem_comp_bond.atom_id_2 
_chem_comp_bond.value_order 
_chem_comp_bond.pdbx_aromatic_flag 
_chem_comp_bond.pdbx_stereo_config 
_chem_comp_bond.pdbx_ordinal 
ALA N   CA   sing N N 1   
ALA N   H    sing N N 2   
ALA N   H2   sing N N 3   
ALA CA  C    sing N N 4   
ALA CA  CB   sing N N 5   
ALA CA  HA   sing N N 6   
ALA C   O    doub N N 7   
ALA C   OXT  sing N N 8   
ALA CB  HB1  sing N N 9   
ALA CB  HB2  sing N N 10  
ALA CB  HB3  sing N N 11  
ALA OXT HXT  sing N N 12  
ARG N   CA   sing N N 13  
ARG N   H    sing N N 14  
ARG N   H2   sing N N 15  
ARG CA  C    sing N N 16  
ARG CA  CB   sing N N 17  
ARG CA  HA   sing N N 18  
ARG C   O    doub N N 19  
ARG C   OXT  sing N N 20  
ARG CB  CG   sing N N 21  
ARG CB  HB2  sing N N 22  
ARG CB  HB3  sing N N 23  
ARG CG  CD   sing N N 24  
ARG CG  HG2  sing N N 25  
ARG CG  HG3  sing N N 26  
ARG CD  NE   sing N N 27  
ARG CD  HD2  sing N N 28  
ARG CD  HD3  sing N N 29  
ARG NE  CZ   sing N N 30  
ARG NE  HE   sing N N 31  
ARG CZ  NH1  sing N N 32  
ARG CZ  NH2  doub N N 33  
ARG NH1 HH11 sing N N 34  
ARG NH1 HH12 sing N N 35  
ARG NH2 HH21 sing N N 36  
ARG NH2 HH22 sing N N 37  
ARG OXT HXT  sing N N 38  
ASN N   CA   sing N N 39  
ASN N   H    sing N N 40  
ASN N   H2   sing N N 41  
ASN CA  C    sing N N 42  
ASN CA  CB   sing N N 43  
ASN CA  HA   sing N N 44  
ASN C   O    doub N N 45  
ASN C   OXT  sing N N 46  
ASN CB  CG   sing N N 47  
ASN CB  HB2  sing N N 48  
ASN CB  HB3  sing N N 49  
ASN CG  OD1  doub N N 50  
ASN CG  ND2  sing N N 51  
ASN ND2 HD21 sing N N 52  
ASN ND2 HD22 sing N N 53  
ASN OXT HXT  sing N N 54  
ASP N   CA   sing N N 55  
ASP N   H    sing N N 56  
ASP N   H2   sing N N 57  
ASP CA  C    sing N N 58  
ASP CA  CB   sing N N 59  
ASP CA  HA   sing N N 60  
ASP C   O    doub N N 61  
ASP C   OXT  sing N N 62  
ASP CB  CG   sing N N 63  
ASP CB  HB2  sing N N 64  
ASP CB  HB3  sing N N 65  
ASP CG  OD1  doub N N 66  
ASP CG  OD2  sing N N 67  
ASP OD2 HD2  sing N N 68  
ASP OXT HXT  sing N N 69  
GLN N   CA   sing N N 70  
GLN N   H    sing N N 71  
GLN N   H2   sing N N 72  
GLN CA  C    sing N N 73  
GLN CA  CB   sing N N 74  
GLN CA  HA   sing N N 75  
GLN C   O    doub N N 76  
GLN C   OXT  sing N N 77  
GLN CB  CG   sing N N 78  
GLN CB  HB2  sing N N 79  
GLN CB  HB3  sing N N 80  
GLN CG  CD   sing N N 81  
GLN CG  HG2  sing N N 82  
GLN CG  HG3  sing N N 83  
GLN CD  OE1  doub N N 84  
GLN CD  NE2  sing N N 85  
GLN NE2 HE21 sing N N 86  
GLN NE2 HE22 sing N N 87  
GLN OXT HXT  sing N N 88  
GLU N   CA   sing N N 89  
GLU N   H    sing N N 90  
GLU N   H2   sing N N 91  
GLU CA  C    sing N N 92  
GLU CA  CB   sing N N 93  
GLU CA  HA   sing N N 94  
GLU C   O    doub N N 95  
GLU C   OXT  sing N N 96  
GLU CB  CG   sing N N 97  
GLU CB  HB2  sing N N 98  
GLU CB  HB3  sing N N 99  
GLU CG  CD   sing N N 100 
GLU CG  HG2  sing N N 101 
GLU CG  HG3  sing N N 102 
GLU CD  OE1  doub N N 103 
GLU CD  OE2  sing N N 104 
GLU OE2 HE2  sing N N 105 
GLU OXT HXT  sing N N 106 
GLY N   CA   sing N N 107 
GLY N   H    sing N N 108 
GLY N   H2   sing N N 109 
GLY CA  C    sing N N 110 
GLY CA  HA2  sing N N 111 
GLY CA  HA3  sing N N 112 
GLY C   O    doub N N 113 
GLY C   OXT  sing N N 114 
GLY OXT HXT  sing N N 115 
HIS N   CA   sing N N 116 
HIS N   H    sing N N 117 
HIS N   H2   sing N N 118 
HIS CA  C    sing N N 119 
HIS CA  CB   sing N N 120 
HIS CA  HA   sing N N 121 
HIS C   O    doub N N 122 
HIS C   OXT  sing N N 123 
HIS CB  CG   sing N N 124 
HIS CB  HB2  sing N N 125 
HIS CB  HB3  sing N N 126 
HIS CG  ND1  sing Y N 127 
HIS CG  CD2  doub Y N 128 
HIS ND1 CE1  doub Y N 129 
HIS ND1 HD1  sing N N 130 
HIS CD2 NE2  sing Y N 131 
HIS CD2 HD2  sing N N 132 
HIS CE1 NE2  sing Y N 133 
HIS CE1 HE1  sing N N 134 
HIS NE2 HE2  sing N N 135 
HIS OXT HXT  sing N N 136 
HOH O   H1   sing N N 137 
HOH O   H2   sing N N 138 
ILE N   CA   sing N N 139 
ILE N   H    sing N N 140 
ILE N   H2   sing N N 141 
ILE CA  C    sing N N 142 
ILE CA  CB   sing N N 143 
ILE CA  HA   sing N N 144 
ILE C   O    doub N N 145 
ILE C   OXT  sing N N 146 
ILE CB  CG1  sing N N 147 
ILE CB  CG2  sing N N 148 
ILE CB  HB   sing N N 149 
ILE CG1 CD1  sing N N 150 
ILE CG1 HG12 sing N N 151 
ILE CG1 HG13 sing N N 152 
ILE CG2 HG21 sing N N 153 
ILE CG2 HG22 sing N N 154 
ILE CG2 HG23 sing N N 155 
ILE CD1 HD11 sing N N 156 
ILE CD1 HD12 sing N N 157 
ILE CD1 HD13 sing N N 158 
ILE OXT HXT  sing N N 159 
LEU N   CA   sing N N 160 
LEU N   H    sing N N 161 
LEU N   H2   sing N N 162 
LEU CA  C    sing N N 163 
LEU CA  CB   sing N N 164 
LEU CA  HA   sing N N 165 
LEU C   O    doub N N 166 
LEU C   OXT  sing N N 167 
LEU CB  CG   sing N N 168 
LEU CB  HB2  sing N N 169 
LEU CB  HB3  sing N N 170 
LEU CG  CD1  sing N N 171 
LEU CG  CD2  sing N N 172 
LEU CG  HG   sing N N 173 
LEU CD1 HD11 sing N N 174 
LEU CD1 HD12 sing N N 175 
LEU CD1 HD13 sing N N 176 
LEU CD2 HD21 sing N N 177 
LEU CD2 HD22 sing N N 178 
LEU CD2 HD23 sing N N 179 
LEU OXT HXT  sing N N 180 
LYS N   CA   sing N N 181 
LYS N   H    sing N N 182 
LYS N   H2   sing N N 183 
LYS CA  C    sing N N 184 
LYS CA  CB   sing N N 185 
LYS CA  HA   sing N N 186 
LYS C   O    doub N N 187 
LYS C   OXT  sing N N 188 
LYS CB  CG   sing N N 189 
LYS CB  HB2  sing N N 190 
LYS CB  HB3  sing N N 191 
LYS CG  CD   sing N N 192 
LYS CG  HG2  sing N N 193 
LYS CG  HG3  sing N N 194 
LYS CD  CE   sing N N 195 
LYS CD  HD2  sing N N 196 
LYS CD  HD3  sing N N 197 
LYS CE  NZ   sing N N 198 
LYS CE  HE2  sing N N 199 
LYS CE  HE3  sing N N 200 
LYS NZ  HZ1  sing N N 201 
LYS NZ  HZ2  sing N N 202 
LYS NZ  HZ3  sing N N 203 
LYS OXT HXT  sing N N 204 
PHE N   CA   sing N N 205 
PHE N   H    sing N N 206 
PHE N   H2   sing N N 207 
PHE CA  C    sing N N 208 
PHE CA  CB   sing N N 209 
PHE CA  HA   sing N N 210 
PHE C   O    doub N N 211 
PHE C   OXT  sing N N 212 
PHE CB  CG   sing N N 213 
PHE CB  HB2  sing N N 214 
PHE CB  HB3  sing N N 215 
PHE CG  CD1  doub Y N 216 
PHE CG  CD2  sing Y N 217 
PHE CD1 CE1  sing Y N 218 
PHE CD1 HD1  sing N N 219 
PHE CD2 CE2  doub Y N 220 
PHE CD2 HD2  sing N N 221 
PHE CE1 CZ   doub Y N 222 
PHE CE1 HE1  sing N N 223 
PHE CE2 CZ   sing Y N 224 
PHE CE2 HE2  sing N N 225 
PHE CZ  HZ   sing N N 226 
PHE OXT HXT  sing N N 227 
PRO N   CA   sing N N 228 
PRO N   CD   sing N N 229 
PRO N   H    sing N N 230 
PRO CA  C    sing N N 231 
PRO CA  CB   sing N N 232 
PRO CA  HA   sing N N 233 
PRO C   O    doub N N 234 
PRO C   OXT  sing N N 235 
PRO CB  CG   sing N N 236 
PRO CB  HB2  sing N N 237 
PRO CB  HB3  sing N N 238 
PRO CG  CD   sing N N 239 
PRO CG  HG2  sing N N 240 
PRO CG  HG3  sing N N 241 
PRO CD  HD2  sing N N 242 
PRO CD  HD3  sing N N 243 
PRO OXT HXT  sing N N 244 
SER N   CA   sing N N 245 
SER N   H    sing N N 246 
SER N   H2   sing N N 247 
SER CA  C    sing N N 248 
SER CA  CB   sing N N 249 
SER CA  HA   sing N N 250 
SER C   O    doub N N 251 
SER C   OXT  sing N N 252 
SER CB  OG   sing N N 253 
SER CB  HB2  sing N N 254 
SER CB  HB3  sing N N 255 
SER OG  HG   sing N N 256 
SER OXT HXT  sing N N 257 
SO4 S   O1   doub N N 258 
SO4 S   O2   doub N N 259 
SO4 S   O3   sing N N 260 
SO4 S   O4   sing N N 261 
THR N   CA   sing N N 262 
THR N   H    sing N N 263 
THR N   H2   sing N N 264 
THR CA  C    sing N N 265 
THR CA  CB   sing N N 266 
THR CA  HA   sing N N 267 
THR C   O    doub N N 268 
THR C   OXT  sing N N 269 
THR CB  OG1  sing N N 270 
THR CB  CG2  sing N N 271 
THR CB  HB   sing N N 272 
THR OG1 HG1  sing N N 273 
THR CG2 HG21 sing N N 274 
THR CG2 HG22 sing N N 275 
THR CG2 HG23 sing N N 276 
THR OXT HXT  sing N N 277 
TRP N   CA   sing N N 278 
TRP N   H    sing N N 279 
TRP N   H2   sing N N 280 
TRP CA  C    sing N N 281 
TRP CA  CB   sing N N 282 
TRP CA  HA   sing N N 283 
TRP C   O    doub N N 284 
TRP C   OXT  sing N N 285 
TRP CB  CG   sing N N 286 
TRP CB  HB2  sing N N 287 
TRP CB  HB3  sing N N 288 
TRP CG  CD1  doub Y N 289 
TRP CG  CD2  sing Y N 290 
TRP CD1 NE1  sing Y N 291 
TRP CD1 HD1  sing N N 292 
TRP CD2 CE2  doub Y N 293 
TRP CD2 CE3  sing Y N 294 
TRP NE1 CE2  sing Y N 295 
TRP NE1 HE1  sing N N 296 
TRP CE2 CZ2  sing Y N 297 
TRP CE3 CZ3  doub Y N 298 
TRP CE3 HE3  sing N N 299 
TRP CZ2 CH2  doub Y N 300 
TRP CZ2 HZ2  sing N N 301 
TRP CZ3 CH2  sing Y N 302 
TRP CZ3 HZ3  sing N N 303 
TRP CH2 HH2  sing N N 304 
TRP OXT HXT  sing N N 305 
TYR N   CA   sing N N 306 
TYR N   H    sing N N 307 
TYR N   H2   sing N N 308 
TYR CA  C    sing N N 309 
TYR CA  CB   sing N N 310 
TYR CA  HA   sing N N 311 
TYR C   O    doub N N 312 
TYR C   OXT  sing N N 313 
TYR CB  CG   sing N N 314 
TYR CB  HB2  sing N N 315 
TYR CB  HB3  sing N N 316 
TYR CG  CD1  doub Y N 317 
TYR CG  CD2  sing Y N 318 
TYR CD1 CE1  sing Y N 319 
TYR CD1 HD1  sing N N 320 
TYR CD2 CE2  doub Y N 321 
TYR CD2 HD2  sing N N 322 
TYR CE1 CZ   doub Y N 323 
TYR CE1 HE1  sing N N 324 
TYR CE2 CZ   sing Y N 325 
TYR CE2 HE2  sing N N 326 
TYR CZ  OH   sing N N 327 
TYR OH  HH   sing N N 328 
TYR OXT HXT  sing N N 329 
VAL N   CA   sing N N 330 
VAL N   H    sing N N 331 
VAL N   H2   sing N N 332 
VAL CA  C    sing N N 333 
VAL CA  CB   sing N N 334 
VAL CA  HA   sing N N 335 
VAL C   O    doub N N 336 
VAL C   OXT  sing N N 337 
VAL CB  CG1  sing N N 338 
VAL CB  CG2  sing N N 339 
VAL CB  HB   sing N N 340 
VAL CG1 HG11 sing N N 341 
VAL CG1 HG12 sing N N 342 
VAL CG1 HG13 sing N N 343 
VAL CG2 HG21 sing N N 344 
VAL CG2 HG22 sing N N 345 
VAL CG2 HG23 sing N N 346 
VAL OXT HXT  sing N N 347 
# 
_atom_sites.entry_id                    2OKM 
_atom_sites.fract_transf_matrix[1][1]   -0.01094670 
_atom_sites.fract_transf_matrix[1][2]   -0.02307212 
_atom_sites.fract_transf_matrix[1][3]   -0.00498873 
_atom_sites.fract_transf_matrix[2][1]   0.01835100 
_atom_sites.fract_transf_matrix[2][2]   -0.00769031 
_atom_sites.fract_transf_matrix[2][3]   -0.00470083 
_atom_sites.fract_transf_matrix[3][1]   0.00157360 
_atom_sites.fract_transf_matrix[3][2]   -0.00321052 
_atom_sites.fract_transf_matrix[3][3]   0.01139524 
_atom_sites.fract_transf_vector[1]      0.071183 
_atom_sites.fract_transf_vector[2]      -0.307332 
_atom_sites.fract_transf_vector[3]      0.898598 
# 
loop_
_atom_type.symbol 
C 
N 
O 
S 
# 
loop_
_atom_site.group_PDB 
_atom_site.id 
_atom_site.type_symbol 
_atom_site.label_atom_id 
_atom_site.label_alt_id 
_atom_site.label_comp_id 
_atom_site.label_asym_id 
_atom_site.label_entity_id 
_atom_site.label_seq_id 
_atom_site.pdbx_PDB_ins_code 
_atom_site.Cartn_x 
_atom_site.Cartn_y 
_atom_site.Cartn_z 
_atom_site.occupancy 
_atom_site.B_iso_or_equiv 
_atom_site.pdbx_formal_charge 
_atom_site.auth_seq_id 
_atom_site.auth_comp_id 
_atom_site.auth_asym_id 
_atom_site.auth_atom_id 
_atom_site.pdbx_PDB_model_num 
ATOM   1    N N   . GLU A 1 1   ? 13.611  -13.777 12.200  1.00 27.80 ? 34  GLU A N   1 
ATOM   2    C CA  . GLU A 1 1   ? 12.775  -12.831 11.409  1.00 24.42 ? 34  GLU A CA  1 
ATOM   3    C C   . GLU A 1 1   ? 11.393  -13.428 11.146  1.00 23.25 ? 34  GLU A C   1 
ATOM   4    O O   . GLU A 1 1   ? 11.264  -14.603 10.793  1.00 22.90 ? 34  GLU A O   1 
ATOM   5    C CB  . GLU A 1 1   ? 13.469  -12.499 10.086  1.00 26.52 ? 34  GLU A CB  1 
ATOM   6    N N   . ARG A 1 2   ? 10.360  -12.613 11.324  1.00 20.20 ? 35  ARG A N   1 
ATOM   7    C CA  . ARG A 1 2   ? 8.995   -13.068 11.111  1.00 18.51 ? 35  ARG A CA  1 
ATOM   8    C C   . ARG A 1 2   ? 8.681   -13.332 9.641   1.00 17.18 ? 35  ARG A C   1 
ATOM   9    O O   . ARG A 1 2   ? 9.159   -12.632 8.748   1.00 17.24 ? 35  ARG A O   1 
ATOM   10   C CB  . ARG A 1 2   ? 8.009   -12.056 11.698  1.00 18.98 ? 35  ARG A CB  1 
ATOM   11   C CG  . ARG A 1 2   ? 8.097   -11.960 13.210  1.00 22.78 ? 35  ARG A CG  1 
ATOM   12   C CD  . ARG A 1 2   ? 7.061   -11.014 13.797  1.00 24.11 ? 35  ARG A CD  1 
ATOM   13   N NE  . ARG A 1 2   ? 7.122   -11.008 15.258  1.00 29.10 ? 35  ARG A NE  1 
ATOM   14   C CZ  . ARG A 1 2   ? 7.685   -10.048 15.986  1.00 30.07 ? 35  ARG A CZ  1 
ATOM   15   N NH1 . ARG A 1 2   ? 8.237   -8.994  15.395  1.00 32.23 ? 35  ARG A NH1 1 
ATOM   16   N NH2 . ARG A 1 2   ? 7.709   -10.151 17.309  1.00 30.88 ? 35  ARG A NH2 1 
ATOM   17   N N   . ASP A 1 3   ? 7.872   -14.362 9.414   1.00 14.83 ? 36  ASP A N   1 
ATOM   18   C CA  . ASP A 1 3   ? 7.459   -14.790 8.081   1.00 13.59 ? 36  ASP A CA  1 
ATOM   19   C C   . ASP A 1 3   ? 6.162   -14.083 7.694   1.00 14.02 ? 36  ASP A C   1 
ATOM   20   O O   . ASP A 1 3   ? 5.086   -14.440 8.163   1.00 12.62 ? 36  ASP A O   1 
ATOM   21   C CB  . ASP A 1 3   ? 7.273   -16.315 8.105   1.00 13.40 ? 36  ASP A CB  1 
ATOM   22   C CG  . ASP A 1 3   ? 6.689   -16.870 6.823   1.00 13.76 ? 36  ASP A CG  1 
ATOM   23   O OD1 . ASP A 1 3   ? 6.593   -16.139 5.819   1.00 15.12 ? 36  ASP A OD1 1 
ATOM   24   O OD2 . ASP A 1 3   ? 6.335   -18.065 6.825   1.00 13.26 ? 36  ASP A OD2 1 
ATOM   25   N N   . TYR A 1 4   ? 6.276   -13.072 6.838   1.00 13.24 ? 37  TYR A N   1 
ATOM   26   C CA  . TYR A 1 4   ? 5.116   -12.304 6.393   1.00 14.27 ? 37  TYR A CA  1 
ATOM   27   C C   . TYR A 1 4   ? 4.728   -12.673 4.969   1.00 12.91 ? 37  TYR A C   1 
ATOM   28   O O   . TYR A 1 4   ? 5.526   -13.234 4.223   1.00 13.23 ? 37  TYR A O   1 
ATOM   29   C CB  . TYR A 1 4   ? 5.434   -10.804 6.407   1.00 18.23 ? 37  TYR A CB  1 
ATOM   30   C CG  . TYR A 1 4   ? 5.699   -10.201 7.765   1.00 22.17 ? 37  TYR A CG  1 
ATOM   31   C CD1 . TYR A 1 4   ? 4.653   -9.933  8.647   1.00 24.26 ? 37  TYR A CD1 1 
ATOM   32   C CD2 . TYR A 1 4   ? 6.998   -9.883  8.165   1.00 24.91 ? 37  TYR A CD2 1 
ATOM   33   C CE1 . TYR A 1 4   ? 4.891   -9.361  9.894   1.00 27.73 ? 37  TYR A CE1 1 
ATOM   34   C CE2 . TYR A 1 4   ? 7.248   -9.310  9.412   1.00 26.72 ? 37  TYR A CE2 1 
ATOM   35   C CZ  . TYR A 1 4   ? 6.190   -9.052  10.268  1.00 27.09 ? 37  TYR A CZ  1 
ATOM   36   O OH  . TYR A 1 4   ? 6.428   -8.482  11.499  1.00 30.68 ? 37  TYR A OH  1 
ATOM   37   N N   . PRO A 1 5   ? 3.479   -12.384 4.576   1.00 12.93 ? 38  PRO A N   1 
ATOM   38   C CA  . PRO A 1 5   ? 3.129   -12.721 3.195   1.00 12.78 ? 38  PRO A CA  1 
ATOM   39   C C   . PRO A 1 5   ? 3.876   -11.704 2.337   1.00 11.55 ? 38  PRO A C   1 
ATOM   40   O O   . PRO A 1 5   ? 4.384   -10.712 2.867   1.00 12.14 ? 38  PRO A O   1 
ATOM   41   C CB  . PRO A 1 5   ? 1.617   -12.509 3.152   1.00 14.52 ? 38  PRO A CB  1 
ATOM   42   C CG  . PRO A 1 5   ? 1.380   -11.476 4.210   1.00 14.72 ? 38  PRO A CG  1 
ATOM   43   C CD  . PRO A 1 5   ? 2.309   -11.896 5.323   1.00 14.69 ? 38  PRO A CD  1 
ATOM   44   N N   . PHE A 1 6   ? 3.962   -11.942 1.033   1.00 11.29 ? 39  PHE A N   1 
ATOM   45   C CA  . PHE A 1 6   ? 4.646   -10.991 0.171   1.00 10.76 ? 39  PHE A CA  1 
ATOM   46   C C   . PHE A 1 6   ? 3.922   -9.656  0.264   1.00 11.55 ? 39  PHE A C   1 
ATOM   47   O O   . PHE A 1 6   ? 4.538   -8.595  0.188   1.00 11.43 ? 39  PHE A O   1 
ATOM   48   C CB  . PHE A 1 6   ? 4.641   -11.451 -1.282  1.00 11.05 ? 39  PHE A CB  1 
ATOM   49   C CG  . PHE A 1 6   ? 5.342   -10.501 -2.203  1.00 10.92 ? 39  PHE A CG  1 
ATOM   50   C CD1 . PHE A 1 6   ? 6.730   -10.467 -2.261  1.00 11.92 ? 39  PHE A CD1 1 
ATOM   51   C CD2 . PHE A 1 6   ? 4.615   -9.590  -2.960  1.00 12.57 ? 39  PHE A CD2 1 
ATOM   52   C CE1 . PHE A 1 6   ? 7.388   -9.534  -3.061  1.00 11.55 ? 39  PHE A CE1 1 
ATOM   53   C CE2 . PHE A 1 6   ? 5.263   -8.652  -3.764  1.00 12.69 ? 39  PHE A CE2 1 
ATOM   54   C CZ  . PHE A 1 6   ? 6.651   -8.626  -3.813  1.00 12.96 ? 39  PHE A CZ  1 
ATOM   55   N N   . PHE A 1 7   ? 2.603   -9.716  0.412   1.00 10.20 ? 40  PHE A N   1 
ATOM   56   C CA  . PHE A 1 7   ? 1.818   -8.501  0.528   1.00 10.19 ? 40  PHE A CA  1 
ATOM   57   C C   . PHE A 1 7   ? 0.586   -8.645  1.394   1.00 10.34 ? 40  PHE A C   1 
ATOM   58   O O   . PHE A 1 7   ? -0.119  -9.653  1.348   1.00 11.98 ? 40  PHE A O   1 
ATOM   59   C CB  . PHE A 1 7   ? 1.374   -7.994  -0.850  1.00 12.13 ? 40  PHE A CB  1 
ATOM   60   C CG  . PHE A 1 7   ? 0.506   -6.763  -0.782  1.00 11.66 ? 40  PHE A CG  1 
ATOM   61   C CD1 . PHE A 1 7   ? -0.880  -6.866  -0.745  1.00 13.14 ? 40  PHE A CD1 1 
ATOM   62   C CD2 . PHE A 1 7   ? 1.086   -5.503  -0.685  1.00 12.44 ? 40  PHE A CD2 1 
ATOM   63   C CE1 . PHE A 1 7   ? -1.680  -5.729  -0.605  1.00 13.52 ? 40  PHE A CE1 1 
ATOM   64   C CE2 . PHE A 1 7   ? 0.300   -4.361  -0.545  1.00 13.08 ? 40  PHE A CE2 1 
ATOM   65   C CZ  . PHE A 1 7   ? -1.085  -4.475  -0.505  1.00 12.51 ? 40  PHE A CZ  1 
ATOM   66   N N   . TYR A 1 8   ? 0.344   -7.625  2.204   1.00 10.31 ? 41  TYR A N   1 
ATOM   67   C CA  . TYR A 1 8   ? -0.845  -7.594  3.024   1.00 10.62 ? 41  TYR A CA  1 
ATOM   68   C C   . TYR A 1 8   ? -1.186  -6.158  3.344   1.00 10.33 ? 41  TYR A C   1 
ATOM   69   O O   . TYR A 1 8   ? -0.330  -5.265  3.308   1.00 9.59  ? 41  TYR A O   1 
ATOM   70   C CB  . TYR A 1 8   ? -0.703  -8.433  4.304   1.00 10.49 ? 41  TYR A CB  1 
ATOM   71   C CG  . TYR A 1 8   ? 0.177   -7.873  5.391   1.00 11.32 ? 41  TYR A CG  1 
ATOM   72   C CD1 . TYR A 1 8   ? 1.551   -8.099  5.388   1.00 12.40 ? 41  TYR A CD1 1 
ATOM   73   C CD2 . TYR A 1 8   ? -0.375  -7.169  6.463   1.00 11.67 ? 41  TYR A CD2 1 
ATOM   74   C CE1 . TYR A 1 8   ? 2.353   -7.645  6.430   1.00 14.37 ? 41  TYR A CE1 1 
ATOM   75   C CE2 . TYR A 1 8   ? 0.418   -6.712  7.506   1.00 12.80 ? 41  TYR A CE2 1 
ATOM   76   C CZ  . TYR A 1 8   ? 1.778   -6.957  7.484   1.00 14.49 ? 41  TYR A CZ  1 
ATOM   77   O OH  . TYR A 1 8   ? 2.560   -6.523  8.527   1.00 17.90 ? 41  TYR A OH  1 
ATOM   78   N N   . LYS A 1 9   ? -2.454  -5.945  3.651   1.00 9.00  ? 42  LYS A N   1 
ATOM   79   C CA  . LYS A 1 9   ? -2.944  -4.623  3.941   1.00 10.37 ? 42  LYS A CA  1 
ATOM   80   C C   . LYS A 1 9   ? -3.809  -4.609  5.192   1.00 10.08 ? 42  LYS A C   1 
ATOM   81   O O   . LYS A 1 9   ? -4.664  -5.482  5.379   1.00 9.96  ? 42  LYS A O   1 
ATOM   82   C CB  . LYS A 1 9   ? -3.745  -4.162  2.739   1.00 10.95 ? 42  LYS A CB  1 
ATOM   83   C CG  . LYS A 1 9   ? -4.427  -2.870  2.913   1.00 13.64 ? 42  LYS A CG  1 
ATOM   84   C CD  . LYS A 1 9   ? -5.200  -2.616  1.670   1.00 18.65 ? 42  LYS A CD  1 
ATOM   85   C CE  . LYS A 1 9   ? -6.263  -1.684  2.007   1.00 25.06 ? 42  LYS A CE  1 
ATOM   86   N NZ  . LYS A 1 9   ? -5.687  -0.394  2.442   1.00 27.52 ? 42  LYS A NZ  1 
ATOM   87   N N   . VAL A 1 10  ? -3.563  -3.624  6.052   1.00 10.67 ? 43  VAL A N   1 
ATOM   88   C CA  . VAL A 1 10  ? -4.334  -3.459  7.280   1.00 10.69 ? 43  VAL A CA  1 
ATOM   89   C C   . VAL A 1 10  ? -4.529  -1.977  7.548   1.00 10.24 ? 43  VAL A C   1 
ATOM   90   O O   . VAL A 1 10  ? -3.914  -1.126  6.909   1.00 10.40 ? 43  VAL A O   1 
ATOM   91   C CB  . VAL A 1 10  ? -3.622  -4.073  8.508   1.00 10.84 ? 43  VAL A CB  1 
ATOM   92   C CG1 . VAL A 1 10  ? -3.594  -5.580  8.386   1.00 11.53 ? 43  VAL A CG1 1 
ATOM   93   C CG2 . VAL A 1 10  ? -2.203  -3.516  8.624   1.00 12.62 ? 43  VAL A CG2 1 
ATOM   94   N N   . GLY A 1 11  ? -5.395  -1.672  8.501   1.00 10.97 ? 44  GLY A N   1 
ATOM   95   C CA  . GLY A 1 11  ? -5.633  -0.289  8.852   1.00 11.44 ? 44  GLY A CA  1 
ATOM   96   C C   . GLY A 1 11  ? -6.104  -0.192  10.286  1.00 11.89 ? 44  GLY A C   1 
ATOM   97   O O   . GLY A 1 11  ? -6.375  -1.210  10.928  1.00 12.46 ? 44  GLY A O   1 
ATOM   98   N N   . ASP A 1 12  ? -6.177  1.032   10.795  1.00 13.12 ? 45  ASP A N   1 
ATOM   99   C CA  . ASP A 1 12  ? -6.657  1.259   12.149  1.00 15.13 ? 45  ASP A CA  1 
ATOM   100  C C   . ASP A 1 12  ? -7.224  2.665   12.263  1.00 15.57 ? 45  ASP A C   1 
ATOM   101  O O   . ASP A 1 12  ? -7.138  3.457   11.321  1.00 14.99 ? 45  ASP A O   1 
ATOM   102  C CB  . ASP A 1 12  ? -5.543  1.036   13.187  1.00 15.95 ? 45  ASP A CB  1 
ATOM   103  C CG  . ASP A 1 12  ? -4.387  2.005   13.043  1.00 18.18 ? 45  ASP A CG  1 
ATOM   104  O OD1 . ASP A 1 12  ? -4.631  3.221   12.904  1.00 19.16 ? 45  ASP A OD1 1 
ATOM   105  O OD2 . ASP A 1 12  ? -3.222  1.548   13.090  1.00 20.55 ? 45  ASP A OD2 1 
ATOM   106  N N   . LEU A 1 13  ? -7.818  2.964   13.412  1.00 16.11 ? 46  LEU A N   1 
ATOM   107  C CA  . LEU A 1 13  ? -8.407  4.276   13.656  1.00 18.07 ? 46  LEU A CA  1 
ATOM   108  C C   . LEU A 1 13  ? -7.613  5.038   14.720  1.00 20.68 ? 46  LEU A C   1 
ATOM   109  O O   . LEU A 1 13  ? -8.180  5.781   15.523  1.00 22.74 ? 46  LEU A O   1 
ATOM   110  C CB  . LEU A 1 13  ? -9.860  4.114   14.113  1.00 18.27 ? 46  LEU A CB  1 
ATOM   111  C CG  . LEU A 1 13  ? -10.766 3.260   13.222  1.00 18.61 ? 46  LEU A CG  1 
ATOM   112  C CD1 . LEU A 1 13  ? -12.143 3.163   13.851  1.00 20.80 ? 46  LEU A CD1 1 
ATOM   113  C CD2 . LEU A 1 13  ? -10.856 3.871   11.828  1.00 19.92 ? 46  LEU A CD2 1 
ATOM   114  N N   . ALA A 1 14  ? -6.299  4.847   14.723  1.00 23.30 ? 47  ALA A N   1 
ATOM   115  C CA  . ALA A 1 14  ? -5.427  5.515   15.684  1.00 26.91 ? 47  ALA A CA  1 
ATOM   116  C C   . ALA A 1 14  ? -5.022  6.896   15.190  1.00 29.38 ? 47  ALA A C   1 
ATOM   117  O O   . ALA A 1 14  ? -5.044  7.163   13.990  1.00 29.61 ? 47  ALA A O   1 
ATOM   118  C CB  . ALA A 1 14  ? -4.185  4.673   15.925  1.00 27.36 ? 47  ALA A CB  1 
ATOM   119  N N   . GLY A 1 15  ? -4.657  7.774   16.118  1.00 31.99 ? 48  GLY A N   1 
ATOM   120  C CA  . GLY A 1 15  ? -4.228  9.109   15.739  1.00 34.69 ? 48  GLY A CA  1 
ATOM   121  C C   . GLY A 1 15  ? -5.306  10.159  15.535  1.00 36.52 ? 48  GLY A C   1 
ATOM   122  O O   . GLY A 1 15  ? -6.022  10.520  16.468  1.00 38.10 ? 48  GLY A O   1 
ATOM   123  N N   . GLU A 1 16  ? -5.417  10.651  14.304  1.00 35.83 ? 49  GLU A N   1 
ATOM   124  C CA  . GLU A 1 16  ? -6.379  11.695  13.960  1.00 36.06 ? 49  GLU A CA  1 
ATOM   125  C C   . GLU A 1 16  ? -7.848  11.300  14.045  1.00 35.13 ? 49  GLU A C   1 
ATOM   126  O O   . GLU A 1 16  ? -8.238  10.182  13.700  1.00 35.53 ? 49  GLU A O   1 
ATOM   127  C CB  . GLU A 1 16  ? -6.075  12.235  12.565  1.00 36.39 ? 49  GLU A CB  1 
ATOM   128  N N   . SER A 1 17  ? -8.661  12.244  14.506  1.00 33.08 ? 50  SER A N   1 
ATOM   129  C CA  . SER A 1 17  ? -10.094 12.036  14.632  1.00 31.21 ? 50  SER A CA  1 
ATOM   130  C C   . SER A 1 17  ? -10.717 11.983  13.239  1.00 28.66 ? 50  SER A C   1 
ATOM   131  O O   . SER A 1 17  ? -10.305 12.710  12.335  1.00 28.85 ? 50  SER A O   1 
ATOM   132  C CB  . SER A 1 17  ? -10.720 13.179  15.432  1.00 32.60 ? 50  SER A CB  1 
ATOM   133  O OG  . SER A 1 17  ? -12.131 13.073  15.458  1.00 34.78 ? 50  SER A OG  1 
ATOM   134  N N   . ASN A 1 18  ? -11.702 11.109  13.072  1.00 26.67 ? 51  ASN A N   1 
ATOM   135  C CA  . ASN A 1 18  ? -12.400 10.958  11.802  1.00 23.86 ? 51  ASN A CA  1 
ATOM   136  C C   . ASN A 1 18  ? -11.500 10.609  10.618  1.00 20.27 ? 51  ASN A C   1 
ATOM   137  O O   . ASN A 1 18  ? -11.713 11.083  9.506   1.00 16.89 ? 51  ASN A O   1 
ATOM   138  C CB  . ASN A 1 18  ? -13.202 12.227  11.497  1.00 26.62 ? 51  ASN A CB  1 
ATOM   139  C CG  . ASN A 1 18  ? -14.336 12.452  12.486  1.00 29.07 ? 51  ASN A CG  1 
ATOM   140  O OD1 . ASN A 1 18  ? -15.030 13.466  12.434  1.00 31.56 ? 51  ASN A OD1 1 
ATOM   141  N ND2 . ASN A 1 18  ? -14.527 11.498  13.394  1.00 30.02 ? 51  ASN A ND2 1 
ATOM   142  N N   . GLN A 1 19  ? -10.491 9.783   10.862  1.00 17.71 ? 52  GLN A N   1 
ATOM   143  C CA  . GLN A 1 19  ? -9.592  9.350   9.801   1.00 16.90 ? 52  GLN A CA  1 
ATOM   144  C C   . GLN A 1 19  ? -9.268  7.875   9.958   1.00 15.71 ? 52  GLN A C   1 
ATOM   145  O O   . GLN A 1 19  ? -9.246  7.346   11.070  1.00 15.81 ? 52  GLN A O   1 
ATOM   146  C CB  . GLN A 1 19  ? -8.275  10.143  9.813   1.00 20.08 ? 52  GLN A CB  1 
ATOM   147  C CG  . GLN A 1 19  ? -8.308  11.450  9.034   1.00 23.93 ? 52  GLN A CG  1 
ATOM   148  C CD  . GLN A 1 19  ? -6.926  12.060  8.851   1.00 25.90 ? 52  GLN A CD  1 
ATOM   149  O OE1 . GLN A 1 19  ? -6.755  13.024  8.107   1.00 29.16 ? 52  GLN A OE1 1 
ATOM   150  N NE2 . GLN A 1 19  ? -5.934  11.499  9.530   1.00 27.18 ? 52  GLN A NE2 1 
ATOM   151  N N   . VAL A 1 20  ? -9.039  7.210   8.834   1.00 14.09 ? 53  VAL A N   1 
ATOM   152  C CA  . VAL A 1 20  ? -8.664  5.807   8.851   1.00 12.87 ? 53  VAL A CA  1 
ATOM   153  C C   . VAL A 1 20  ? -7.215  5.780   8.387   1.00 12.31 ? 53  VAL A C   1 
ATOM   154  O O   . VAL A 1 20  ? -6.870  6.424   7.394   1.00 11.05 ? 53  VAL A O   1 
ATOM   155  C CB  . VAL A 1 20  ? -9.503  4.958   7.871   1.00 13.78 ? 53  VAL A CB  1 
ATOM   156  C CG1 . VAL A 1 20  ? -9.007  3.520   7.884   1.00 14.68 ? 53  VAL A CG1 1 
ATOM   157  C CG2 . VAL A 1 20  ? -10.973 5.006   8.262   1.00 14.28 ? 53  VAL A CG2 1 
ATOM   158  N N   . ARG A 1 21  ? -6.363  5.073   9.125   1.00 10.64 ? 54  ARG A N   1 
ATOM   159  C CA  . ARG A 1 21  ? -4.960  4.953   8.745   1.00 11.50 ? 54  ARG A CA  1 
ATOM   160  C C   . ARG A 1 21  ? -4.808  3.614   8.037   1.00 11.47 ? 54  ARG A C   1 
ATOM   161  O O   . ARG A 1 21  ? -5.170  2.572   8.585   1.00 13.28 ? 54  ARG A O   1 
ATOM   162  C CB  . ARG A 1 21  ? -4.043  4.982   9.973   1.00 12.78 ? 54  ARG A CB  1 
ATOM   163  C CG  . ARG A 1 21  ? -4.164  6.220   10.847  1.00 14.92 ? 54  ARG A CG  1 
ATOM   164  C CD  . ARG A 1 21  ? -2.923  6.352   11.729  1.00 19.10 ? 54  ARG A CD  1 
ATOM   165  N NE  . ARG A 1 21  ? -2.614  5.106   12.429  1.00 22.06 ? 54  ARG A NE  1 
ATOM   166  C CZ  . ARG A 1 21  ? -1.426  4.818   12.956  1.00 22.20 ? 54  ARG A CZ  1 
ATOM   167  N NH1 . ARG A 1 21  ? -0.428  5.686   12.862  1.00 24.60 ? 54  ARG A NH1 1 
ATOM   168  N NH2 . ARG A 1 21  ? -1.233  3.659   13.573  1.00 23.10 ? 54  ARG A NH2 1 
ATOM   169  N N   . TRP A 1 22  ? -4.288  3.644   6.814   1.00 9.41  ? 55  TRP A N   1 
ATOM   170  C CA  . TRP A 1 22  ? -4.105  2.425   6.037   1.00 10.28 ? 55  TRP A CA  1 
ATOM   171  C C   . TRP A 1 22  ? -2.631  2.106   5.842   1.00 9.01  ? 55  TRP A C   1 
ATOM   172  O O   . TRP A 1 22  ? -1.780  3.000   5.864   1.00 9.20  ? 55  TRP A O   1 
ATOM   173  C CB  . TRP A 1 22  ? -4.789  2.553   4.667   1.00 8.83  ? 55  TRP A CB  1 
ATOM   174  C CG  . TRP A 1 22  ? -6.296  2.511   4.719   1.00 9.88  ? 55  TRP A CG  1 
ATOM   175  C CD1 . TRP A 1 22  ? -7.156  3.562   4.550   1.00 11.23 ? 55  TRP A CD1 1 
ATOM   176  C CD2 . TRP A 1 22  ? -7.115  1.361   4.970   1.00 11.52 ? 55  TRP A CD2 1 
ATOM   177  N NE1 . TRP A 1 22  ? -8.457  3.135   4.676   1.00 12.51 ? 55  TRP A NE1 1 
ATOM   178  C CE2 . TRP A 1 22  ? -8.462  1.786   4.932   1.00 11.78 ? 55  TRP A CE2 1 
ATOM   179  C CE3 . TRP A 1 22  ? -6.841  0.006   5.215   1.00 9.51  ? 55  TRP A CE3 1 
ATOM   180  C CZ2 . TRP A 1 22  ? -9.537  0.911   5.142   1.00 10.37 ? 55  TRP A CZ2 1 
ATOM   181  C CZ3 . TRP A 1 22  ? -7.911  -0.869  5.423   1.00 11.62 ? 55  TRP A CZ3 1 
ATOM   182  C CH2 . TRP A 1 22  ? -9.243  -0.410  5.380   1.00 11.18 ? 55  TRP A CH2 1 
ATOM   183  N N   . PHE A 1 23  ? -2.336  0.822   5.669   1.00 9.18  ? 56  PHE A N   1 
ATOM   184  C CA  . PHE A 1 23  ? -0.962  0.375   5.477   1.00 8.84  ? 56  PHE A CA  1 
ATOM   185  C C   . PHE A 1 23  ? -0.863  -0.678  4.382   1.00 9.00  ? 56  PHE A C   1 
ATOM   186  O O   . PHE A 1 23  ? -1.582  -1.681  4.408   1.00 9.31  ? 56  PHE A O   1 
ATOM   187  C CB  . PHE A 1 23  ? -0.409  -0.249  6.767   1.00 8.75  ? 56  PHE A CB  1 
ATOM   188  C CG  . PHE A 1 23  ? -0.499  0.643   7.979   1.00 10.78 ? 56  PHE A CG  1 
ATOM   189  C CD1 . PHE A 1 23  ? -1.707  0.828   8.640   1.00 12.08 ? 56  PHE A CD1 1 
ATOM   190  C CD2 . PHE A 1 23  ? 0.639   1.273   8.475   1.00 10.85 ? 56  PHE A CD2 1 
ATOM   191  C CE1 . PHE A 1 23  ? -1.784  1.631   9.781   1.00 12.71 ? 56  PHE A CE1 1 
ATOM   192  C CE2 . PHE A 1 23  ? 0.574   2.078   9.617   1.00 11.75 ? 56  PHE A CE2 1 
ATOM   193  C CZ  . PHE A 1 23  ? -0.641  2.254   10.270  1.00 11.72 ? 56  PHE A CZ  1 
ATOM   194  N N   . LEU A 1 24  ? 0.026   -0.445  3.421   1.00 9.16  ? 57  LEU A N   1 
ATOM   195  C CA  . LEU A 1 24  ? 0.268   -1.407  2.355   1.00 8.29  ? 57  LEU A CA  1 
ATOM   196  C C   . LEU A 1 24  ? 1.651   -1.955  2.692   1.00 9.23  ? 57  LEU A C   1 
ATOM   197  O O   . LEU A 1 24  ? 2.643   -1.237  2.622   1.00 10.38 ? 57  LEU A O   1 
ATOM   198  C CB  . LEU A 1 24  ? 0.278   -0.715  0.989   1.00 9.43  ? 57  LEU A CB  1 
ATOM   199  C CG  . LEU A 1 24  ? -0.962  0.127   0.669   1.00 9.06  ? 57  LEU A CG  1 
ATOM   200  C CD1 . LEU A 1 24  ? -0.800  0.710   -0.721  1.00 10.44 ? 57  LEU A CD1 1 
ATOM   201  C CD2 . LEU A 1 24  ? -2.234  -0.717  0.746   1.00 9.07  ? 57  LEU A CD2 1 
ATOM   202  N N   . ASN A 1 25  ? 1.703   -3.226  3.077   1.00 9.45  ? 58  ASN A N   1 
ATOM   203  C CA  . ASN A 1 25  ? 2.957   -3.863  3.476   1.00 9.49  ? 58  ASN A CA  1 
ATOM   204  C C   . ASN A 1 25  ? 3.511   -4.714  2.355   1.00 9.33  ? 58  ASN A C   1 
ATOM   205  O O   . ASN A 1 25  ? 3.042   -5.820  2.100   1.00 9.54  ? 58  ASN A O   1 
ATOM   206  C CB  . ASN A 1 25  ? 2.698   -4.695  4.721   1.00 10.28 ? 58  ASN A CB  1 
ATOM   207  C CG  . ASN A 1 25  ? 2.238   -3.840  5.881   1.00 13.42 ? 58  ASN A CG  1 
ATOM   208  O OD1 . ASN A 1 25  ? 3.040   -3.155  6.512   1.00 15.11 ? 58  ASN A OD1 1 
ATOM   209  N ND2 . ASN A 1 25  ? 0.938   -3.854  6.148   1.00 15.04 ? 58  ASN A ND2 1 
ATOM   210  N N   . VAL A 1 26  ? 4.535   -4.183  1.698   1.00 9.30  ? 59  VAL A N   1 
ATOM   211  C CA  . VAL A 1 26  ? 5.128   -4.834  0.546   1.00 10.35 ? 59  VAL A CA  1 
ATOM   212  C C   . VAL A 1 26  ? 6.501   -5.468  0.732   1.00 9.95  ? 59  VAL A C   1 
ATOM   213  O O   . VAL A 1 26  ? 7.470   -4.793  1.085   1.00 10.05 ? 59  VAL A O   1 
ATOM   214  C CB  . VAL A 1 26  ? 5.221   -3.819  -0.619  1.00 11.13 ? 59  VAL A CB  1 
ATOM   215  C CG1 . VAL A 1 26  ? 5.662   -4.518  -1.898  1.00 11.00 ? 59  VAL A CG1 1 
ATOM   216  C CG2 . VAL A 1 26  ? 3.879   -3.117  -0.799  1.00 11.72 ? 59  VAL A CG2 1 
ATOM   217  N N   . ASN A 1 27  ? 6.569   -6.774  0.482   1.00 9.56  ? 60  ASN A N   1 
ATOM   218  C CA  . ASN A 1 27  ? 7.816   -7.526  0.546   1.00 9.78  ? 60  ASN A CA  1 
ATOM   219  C C   . ASN A 1 27  ? 8.600   -7.315  1.847   1.00 10.89 ? 60  ASN A C   1 
ATOM   220  O O   . ASN A 1 27  ? 9.799   -7.044  1.818   1.00 9.97  ? 60  ASN A O   1 
ATOM   221  C CB  . ASN A 1 27  ? 8.664   -7.132  -0.672  1.00 11.70 ? 60  ASN A CB  1 
ATOM   222  C CG  . ASN A 1 27  ? 9.825   -8.069  -0.916  1.00 11.96 ? 60  ASN A CG  1 
ATOM   223  O OD1 . ASN A 1 27  ? 9.784   -9.244  -0.548  1.00 11.50 ? 60  ASN A OD1 1 
ATOM   224  N ND2 . ASN A 1 27  ? 10.864  -7.557  -1.568  1.00 12.74 ? 60  ASN A ND2 1 
ATOM   225  N N   . LEU A 1 28  ? 7.926   -7.456  2.987   1.00 10.33 ? 61  LEU A N   1 
ATOM   226  C CA  . LEU A 1 28  ? 8.585   -7.260  4.275   1.00 11.51 ? 61  LEU A CA  1 
ATOM   227  C C   . LEU A 1 28  ? 9.761   -8.212  4.499   1.00 12.49 ? 61  LEU A C   1 
ATOM   228  O O   . LEU A 1 28  ? 10.699  -7.881  5.227   1.00 14.55 ? 61  LEU A O   1 
ATOM   229  C CB  . LEU A 1 28  ? 7.574   -7.383  5.424   1.00 11.47 ? 61  LEU A CB  1 
ATOM   230  C CG  . LEU A 1 28  ? 6.799   -6.106  5.784   1.00 14.32 ? 61  LEU A CG  1 
ATOM   231  C CD1 . LEU A 1 28  ? 6.127   -5.524  4.560   1.00 19.33 ? 61  LEU A CD1 1 
ATOM   232  C CD2 . LEU A 1 28  ? 5.776   -6.420  6.867   1.00 15.34 ? 61  LEU A CD2 1 
ATOM   233  N N   . ASN A 1 29  ? 9.724   -9.384  3.873   1.00 13.79 ? 62  ASN A N   1 
ATOM   234  C CA  . ASN A 1 29  ? 10.828  -10.327 4.038   1.00 14.96 ? 62  ASN A CA  1 
ATOM   235  C C   . ASN A 1 29  ? 11.967  -10.059 3.068   1.00 16.34 ? 62  ASN A C   1 
ATOM   236  O O   . ASN A 1 29  ? 12.943  -10.804 3.015   1.00 16.03 ? 62  ASN A O   1 
ATOM   237  C CB  . ASN A 1 29  ? 10.340  -11.764 3.907   1.00 15.59 ? 62  ASN A CB  1 
ATOM   238  C CG  . ASN A 1 29  ? 9.561   -12.214 5.124   1.00 17.12 ? 62  ASN A CG  1 
ATOM   239  O OD1 . ASN A 1 29  ? 8.338   -12.226 5.119   1.00 17.56 ? 62  ASN A OD1 1 
ATOM   240  N ND2 . ASN A 1 29  ? 10.278  -12.563 6.190   1.00 18.67 ? 62  ASN A ND2 1 
ATOM   241  N N   . LYS A 1 30  ? 11.830  -8.984  2.302   1.00 14.91 ? 63  LYS A N   1 
ATOM   242  C CA  . LYS A 1 30  ? 12.854  -8.566  1.364   1.00 15.72 ? 63  LYS A CA  1 
ATOM   243  C C   . LYS A 1 30  ? 13.314  -9.653  0.402   1.00 15.52 ? 63  LYS A C   1 
ATOM   244  O O   . LYS A 1 30  ? 14.510  -9.934  0.285   1.00 16.64 ? 63  LYS A O   1 
ATOM   245  C CB  . LYS A 1 30  ? 14.048  -8.011  2.142   1.00 16.87 ? 63  LYS A CB  1 
ATOM   246  C CG  . LYS A 1 30  ? 13.684  -6.809  3.021   1.00 19.60 ? 63  LYS A CG  1 
ATOM   247  C CD  . LYS A 1 30  ? 14.845  -6.353  3.883   1.00 22.48 ? 63  LYS A CD  1 
ATOM   248  C CE  . LYS A 1 30  ? 14.578  -6.609  5.366   1.00 25.24 ? 63  LYS A CE  1 
ATOM   249  N NZ  . LYS A 1 30  ? 14.399  -5.346  6.152   1.00 24.73 ? 63  LYS A NZ  1 
ATOM   250  N N   . SER A 1 31  ? 12.360  -10.246 -0.306  1.00 15.72 ? 64  SER A N   1 
ATOM   251  C CA  . SER A 1 31  ? 12.657  -11.279 -1.294  1.00 15.63 ? 64  SER A CA  1 
ATOM   252  C C   . SER A 1 31  ? 13.059  -10.582 -2.590  1.00 14.85 ? 64  SER A C   1 
ATOM   253  O O   . SER A 1 31  ? 12.855  -9.383  -2.751  1.00 14.22 ? 64  SER A O   1 
ATOM   254  C CB  . SER A 1 31  ? 11.418  -12.132 -1.568  1.00 18.61 ? 64  SER A CB  1 
ATOM   255  O OG  . SER A 1 31  ? 10.912  -12.723 -0.383  1.00 22.04 ? 64  SER A OG  1 
ATOM   256  N N   . ASP A 1 32  ? 13.647  -11.335 -3.509  1.00 15.15 ? 65  ASP A N   1 
ATOM   257  C CA  . ASP A 1 32  ? 14.019  -10.777 -4.798  1.00 14.32 ? 65  ASP A CA  1 
ATOM   258  C C   . ASP A 1 32  ? 12.725  -10.794 -5.612  1.00 15.29 ? 65  ASP A C   1 
ATOM   259  O O   . ASP A 1 32  ? 11.790  -11.521 -5.272  1.00 15.00 ? 65  ASP A O   1 
ATOM   260  C CB  . ASP A 1 32  ? 15.071  -11.667 -5.475  1.00 15.13 ? 65  ASP A CB  1 
ATOM   261  C CG  . ASP A 1 32  ? 15.738  -10.993 -6.660  1.00 15.66 ? 65  ASP A CG  1 
ATOM   262  O OD1 . ASP A 1 32  ? 16.594  -11.640 -7.303  1.00 18.17 ? 65  ASP A OD1 1 
ATOM   263  O OD2 . ASP A 1 32  ? 15.421  -9.820  -6.946  1.00 14.61 ? 65  ASP A OD2 1 
ATOM   264  N N   . VAL A 1 33  ? 12.655  -9.977  -6.660  1.00 15.15 ? 66  VAL A N   1 
ATOM   265  C CA  . VAL A 1 33  ? 11.487  -9.941  -7.539  1.00 15.96 ? 66  VAL A CA  1 
ATOM   266  C C   . VAL A 1 33  ? 12.009  -9.909  -8.971  1.00 16.45 ? 66  VAL A C   1 
ATOM   267  O O   . VAL A 1 33  ? 13.096  -9.386  -9.219  1.00 16.04 ? 66  VAL A O   1 
ATOM   268  C CB  . VAL A 1 33  ? 10.597  -8.696  -7.289  1.00 17.02 ? 66  VAL A CB  1 
ATOM   269  C CG1 . VAL A 1 33  ? 9.959   -8.779  -5.908  1.00 17.46 ? 66  VAL A CG1 1 
ATOM   270  C CG2 . VAL A 1 33  ? 11.420  -7.424  -7.425  1.00 17.09 ? 66  VAL A CG2 1 
ATOM   271  N N   . THR A 1 34  ? 11.245  -10.470 -9.907  1.00 17.23 ? 67  THR A N   1 
ATOM   272  C CA  . THR A 1 34  ? 11.661  -10.515 -11.308 1.00 18.76 ? 67  THR A CA  1 
ATOM   273  C C   . THR A 1 34  ? 10.927  -9.536  -12.218 1.00 17.51 ? 67  THR A C   1 
ATOM   274  O O   . THR A 1 34  ? 11.242  -9.425  -13.404 1.00 18.10 ? 67  THR A O   1 
ATOM   275  C CB  . THR A 1 34  ? 11.490  -11.932 -11.890 1.00 21.09 ? 67  THR A CB  1 
ATOM   276  O OG1 . THR A 1 34  ? 10.118  -12.330 -11.787 1.00 24.23 ? 67  THR A OG1 1 
ATOM   277  C CG2 . THR A 1 34  ? 12.361  -12.924 -11.137 1.00 23.31 ? 67  THR A CG2 1 
ATOM   278  N N   . GLU A 1 35  ? 9.943   -8.834  -11.667 1.00 15.77 ? 68  GLU A N   1 
ATOM   279  C CA  . GLU A 1 35  ? 9.184   -7.856  -12.430 1.00 15.79 ? 68  GLU A CA  1 
ATOM   280  C C   . GLU A 1 35  ? 8.662   -6.792  -11.480 1.00 14.53 ? 68  GLU A C   1 
ATOM   281  O O   . GLU A 1 35  ? 8.853   -6.887  -10.264 1.00 14.36 ? 68  GLU A O   1 
ATOM   282  C CB  . GLU A 1 35  ? 8.004   -8.517  -13.146 1.00 17.06 ? 68  GLU A CB  1 
ATOM   283  C CG  . GLU A 1 35  ? 7.058   -9.271  -12.224 1.00 21.96 ? 68  GLU A CG  1 
ATOM   284  C CD  . GLU A 1 35  ? 5.800   -9.744  -12.932 1.00 24.54 ? 68  GLU A CD  1 
ATOM   285  O OE1 . GLU A 1 35  ? 5.892   -10.144 -14.114 1.00 27.64 ? 68  GLU A OE1 1 
ATOM   286  O OE2 . GLU A 1 35  ? 4.721   -9.727  -12.304 1.00 25.33 ? 68  GLU A OE2 1 
ATOM   287  N N   . ASP A 1 36  ? 8.018   -5.773  -12.038 1.00 13.43 ? 69  ASP A N   1 
ATOM   288  C CA  . ASP A 1 36  ? 7.458   -4.704  -11.220 1.00 13.11 ? 69  ASP A CA  1 
ATOM   289  C C   . ASP A 1 36  ? 6.383   -5.309  -10.329 1.00 12.00 ? 69  ASP A C   1 
ATOM   290  O O   . ASP A 1 36  ? 5.896   -6.410  -10.587 1.00 13.06 ? 69  ASP A O   1 
ATOM   291  C CB  . ASP A 1 36  ? 6.776   -3.632  -12.079 1.00 13.57 ? 69  ASP A CB  1 
ATOM   292  C CG  . ASP A 1 36  ? 7.727   -2.905  -13.005 1.00 14.02 ? 69  ASP A CG  1 
ATOM   293  O OD1 . ASP A 1 36  ? 8.956   -2.965  -12.806 1.00 13.89 ? 69  ASP A OD1 1 
ATOM   294  O OD2 . ASP A 1 36  ? 7.221   -2.244  -13.934 1.00 16.08 ? 69  ASP A OD2 1 
ATOM   295  N N   . ILE A 1 37  ? 6.023   -4.578  -9.283  1.00 10.85 ? 70  ILE A N   1 
ATOM   296  C CA  . ILE A 1 37  ? 4.963   -4.994  -8.373  1.00 10.35 ? 70  ILE A CA  1 
ATOM   297  C C   . ILE A 1 37  ? 3.863   -3.989  -8.680  1.00 10.73 ? 70  ILE A C   1 
ATOM   298  O O   . ILE A 1 37  ? 4.088   -2.785  -8.585  1.00 11.49 ? 70  ILE A O   1 
ATOM   299  C CB  . ILE A 1 37  ? 5.369   -4.828  -6.899  1.00 10.99 ? 70  ILE A CB  1 
ATOM   300  C CG1 . ILE A 1 37  ? 6.606   -5.673  -6.598  1.00 10.83 ? 70  ILE A CG1 1 
ATOM   301  C CG2 . ILE A 1 37  ? 4.203   -5.236  -5.998  1.00 11.31 ? 70  ILE A CG2 1 
ATOM   302  C CD1 . ILE A 1 37  ? 7.238   -5.363  -5.252  1.00 12.05 ? 70  ILE A CD1 1 
ATOM   303  N N   . SER A 1 38  ? 2.682   -4.474  -9.052  1.00 11.00 ? 71  SER A N   1 
ATOM   304  C CA  . SER A 1 38  ? 1.586   -3.575  -9.399  1.00 12.11 ? 71  SER A CA  1 
ATOM   305  C C   . SER A 1 38  ? 0.355   -3.805  -8.544  1.00 11.61 ? 71  SER A C   1 
ATOM   306  O O   . SER A 1 38  ? -0.187  -4.905  -8.510  1.00 13.04 ? 71  SER A O   1 
ATOM   307  C CB  . SER A 1 38  ? 1.218   -3.747  -10.875 1.00 15.33 ? 71  SER A CB  1 
ATOM   308  O OG  . SER A 1 38  ? 2.339   -3.505  -11.706 1.00 21.48 ? 71  SER A OG  1 
ATOM   309  N N   . ILE A 1 39  ? -0.087  -2.751  -7.864  1.00 10.39 ? 72  ILE A N   1 
ATOM   310  C CA  . ILE A 1 39  ? -1.259  -2.821  -7.004  1.00 10.78 ? 72  ILE A CA  1 
ATOM   311  C C   . ILE A 1 39  ? -2.393  -1.961  -7.550  1.00 11.52 ? 72  ILE A C   1 
ATOM   312  O O   . ILE A 1 39  ? -2.187  -0.796  -7.884  1.00 13.15 ? 72  ILE A O   1 
ATOM   313  C CB  . ILE A 1 39  ? -0.940  -2.310  -5.580  1.00 10.52 ? 72  ILE A CB  1 
ATOM   314  C CG1 . ILE A 1 39  ? 0.179   -3.145  -4.958  1.00 11.42 ? 72  ILE A CG1 1 
ATOM   315  C CG2 . ILE A 1 39  ? -2.199  -2.356  -4.715  1.00 13.13 ? 72  ILE A CG2 1 
ATOM   316  C CD1 . ILE A 1 39  ? 0.646   -2.627  -3.612  1.00 12.28 ? 72  ILE A CD1 1 
ATOM   317  N N   . ALA A 1 40  ? -3.581  -2.551  -7.656  1.00 10.78 ? 73  ALA A N   1 
ATOM   318  C CA  . ALA A 1 40  ? -4.765  -1.820  -8.099  1.00 11.91 ? 73  ALA A CA  1 
ATOM   319  C C   . ALA A 1 40  ? -5.604  -1.747  -6.830  1.00 11.85 ? 73  ALA A C   1 
ATOM   320  O O   . ALA A 1 40  ? -6.070  -2.772  -6.326  1.00 11.64 ? 73  ALA A O   1 
ATOM   321  C CB  . ALA A 1 40  ? -5.505  -2.592  -9.184  1.00 12.61 ? 73  ALA A CB  1 
ATOM   322  N N   . ASP A 1 41  ? -5.787  -0.538  -6.311  1.00 10.92 ? 74  ASP A N   1 
ATOM   323  C CA  . ASP A 1 41  ? -6.527  -0.347  -5.070  1.00 10.39 ? 74  ASP A CA  1 
ATOM   324  C C   . ASP A 1 41  ? -7.863  0.371   -5.234  1.00 11.01 ? 74  ASP A C   1 
ATOM   325  O O   . ASP A 1 41  ? -7.937  1.432   -5.849  1.00 10.66 ? 74  ASP A O   1 
ATOM   326  C CB  . ASP A 1 41  ? -5.643  0.422   -4.083  1.00 11.34 ? 74  ASP A CB  1 
ATOM   327  C CG  . ASP A 1 41  ? -6.171  0.375   -2.669  1.00 11.19 ? 74  ASP A CG  1 
ATOM   328  O OD1 . ASP A 1 41  ? -7.278  0.900   -2.427  1.00 10.02 ? 74  ASP A OD1 1 
ATOM   329  O OD2 . ASP A 1 41  ? -5.472  -0.191  -1.803  1.00 11.19 ? 74  ASP A OD2 1 
ATOM   330  N N   . ARG A 1 42  ? -8.916  -0.222  -4.675  1.00 11.26 ? 75  ARG A N   1 
ATOM   331  C CA  . ARG A 1 42  ? -10.256 0.351   -4.728  1.00 11.52 ? 75  ARG A CA  1 
ATOM   332  C C   . ARG A 1 42  ? -10.772 0.482   -3.301  1.00 12.13 ? 75  ARG A C   1 
ATOM   333  O O   . ARG A 1 42  ? -11.125 -0.513  -2.666  1.00 12.71 ? 75  ARG A O   1 
ATOM   334  C CB  . ARG A 1 42  ? -11.188 -0.545  -5.544  1.00 13.93 ? 75  ARG A CB  1 
ATOM   335  N N   . GLN A 1 43  ? -10.815 1.712   -2.804  1.00 11.54 ? 76  GLN A N   1 
ATOM   336  C CA  . GLN A 1 43  ? -11.261 1.963   -1.439  1.00 13.31 ? 76  GLN A CA  1 
ATOM   337  C C   . GLN A 1 43  ? -12.764 1.794   -1.253  1.00 13.28 ? 76  GLN A C   1 
ATOM   338  O O   . GLN A 1 43  ? -13.547 2.063   -2.165  1.00 13.65 ? 76  GLN A O   1 
ATOM   339  C CB  . GLN A 1 43  ? -10.835 3.364   -1.013  1.00 13.90 ? 76  GLN A CB  1 
ATOM   340  C CG  . GLN A 1 43  ? -11.013 3.638   0.459   1.00 17.12 ? 76  GLN A CG  1 
ATOM   341  C CD  . GLN A 1 43  ? -10.381 4.945   0.868   1.00 18.30 ? 76  GLN A CD  1 
ATOM   342  O OE1 . GLN A 1 43  ? -10.862 6.025   0.515   1.00 20.60 ? 76  GLN A OE1 1 
ATOM   343  N NE2 . GLN A 1 43  ? -9.283  4.855   1.605   1.00 18.89 ? 76  GLN A NE2 1 
ATOM   344  N N   . GLY A 1 44  ? -13.147 1.341   -0.062  1.00 13.08 ? 77  GLY A N   1 
ATOM   345  C CA  . GLY A 1 44  ? -14.547 1.123   0.257   1.00 13.34 ? 77  GLY A CA  1 
ATOM   346  C C   . GLY A 1 44  ? -15.295 2.399   0.585   1.00 13.72 ? 77  GLY A C   1 
ATOM   347  O O   . GLY A 1 44  ? -14.710 3.478   0.661   1.00 14.01 ? 77  GLY A O   1 
ATOM   348  N N   . SER A 1 45  ? -16.601 2.272   0.791   1.00 13.11 ? 78  SER A N   1 
ATOM   349  C CA  . SER A 1 45  ? -17.449 3.420   1.095   1.00 13.40 ? 78  SER A CA  1 
ATOM   350  C C   . SER A 1 45  ? -17.159 4.085   2.437   1.00 13.46 ? 78  SER A C   1 
ATOM   351  O O   . SER A 1 45  ? -16.427 3.549   3.275   1.00 12.35 ? 78  SER A O   1 
ATOM   352  C CB  . SER A 1 45  ? -18.918 2.994   1.058   1.00 13.73 ? 78  SER A CB  1 
ATOM   353  O OG  . SER A 1 45  ? -19.203 2.068   2.097   1.00 15.75 ? 78  SER A OG  1 
ATOM   354  N N   . GLY A 1 46  ? -17.745 5.268   2.621   1.00 13.54 ? 79  GLY A N   1 
ATOM   355  C CA  . GLY A 1 46  ? -17.602 6.018   3.857   1.00 13.10 ? 79  GLY A CA  1 
ATOM   356  C C   . GLY A 1 46  ? -16.251 6.659   4.090   1.00 12.94 ? 79  GLY A C   1 
ATOM   357  O O   . GLY A 1 46  ? -15.956 7.095   5.207   1.00 13.72 ? 79  GLY A O   1 
ATOM   358  N N   . GLN A 1 47  ? -15.445 6.742   3.034   1.00 12.32 ? 80  GLN A N   1 
ATOM   359  C CA  . GLN A 1 47  ? -14.101 7.296   3.131   1.00 12.79 ? 80  GLN A CA  1 
ATOM   360  C C   . GLN A 1 47  ? -13.736 8.145   1.925   1.00 12.72 ? 80  GLN A C   1 
ATOM   361  O O   . GLN A 1 47  ? -14.217 7.914   0.817   1.00 14.13 ? 80  GLN A O   1 
ATOM   362  C CB  . GLN A 1 47  ? -13.076 6.162   3.215   1.00 12.23 ? 80  GLN A CB  1 
ATOM   363  C CG  . GLN A 1 47  ? -13.358 5.109   4.267   1.00 12.35 ? 80  GLN A CG  1 
ATOM   364  C CD  . GLN A 1 47  ? -12.487 3.880   4.088   1.00 13.95 ? 80  GLN A CD  1 
ATOM   365  O OE1 . GLN A 1 47  ? -11.277 3.927   4.309   1.00 14.62 ? 80  GLN A OE1 1 
ATOM   366  N NE2 . GLN A 1 47  ? -13.101 2.774   3.673   1.00 13.82 ? 80  GLN A NE2 1 
ATOM   367  N N   . GLN A 1 48  ? -12.871 9.122   2.158   1.00 13.76 ? 81  GLN A N   1 
ATOM   368  C CA  . GLN A 1 48  ? -12.369 9.988   1.106   1.00 14.61 ? 81  GLN A CA  1 
ATOM   369  C C   . GLN A 1 48  ? -10.855 9.953   1.208   1.00 13.82 ? 81  GLN A C   1 
ATOM   370  O O   . GLN A 1 48  ? -10.270 10.433  2.176   1.00 14.50 ? 81  GLN A O   1 
ATOM   371  C CB  . GLN A 1 48  ? -12.890 11.416  1.270   1.00 17.15 ? 81  GLN A CB  1 
ATOM   372  C CG  . GLN A 1 48  ? -14.320 11.558  0.785   1.00 23.02 ? 81  GLN A CG  1 
ATOM   373  C CD  . GLN A 1 48  ? -14.459 11.261  -0.704  1.00 26.44 ? 81  GLN A CD  1 
ATOM   374  O OE1 . GLN A 1 48  ? -15.514 10.825  -1.166  1.00 30.14 ? 81  GLN A OE1 1 
ATOM   375  N NE2 . GLN A 1 48  ? -13.391 11.504  -1.460  1.00 28.21 ? 81  GLN A NE2 1 
ATOM   376  N N   . LEU A 1 49  ? -10.232 9.354   0.202   1.00 13.09 ? 82  LEU A N   1 
ATOM   377  C CA  . LEU A 1 49  ? -8.784  9.220   0.162   1.00 12.49 ? 82  LEU A CA  1 
ATOM   378  C C   . LEU A 1 49  ? -8.050  10.556  0.243   1.00 12.85 ? 82  LEU A C   1 
ATOM   379  O O   . LEU A 1 49  ? -8.383  11.501  -0.471  1.00 13.82 ? 82  LEU A O   1 
ATOM   380  C CB  . LEU A 1 49  ? -8.383  8.494   -1.121  1.00 11.92 ? 82  LEU A CB  1 
ATOM   381  C CG  . LEU A 1 49  ? -6.891  8.298   -1.378  1.00 12.93 ? 82  LEU A CG  1 
ATOM   382  C CD1 . LEU A 1 49  ? -6.297  7.400   -0.298  1.00 14.43 ? 82  LEU A CD1 1 
ATOM   383  C CD2 . LEU A 1 49  ? -6.698  7.671   -2.751  1.00 14.29 ? 82  LEU A CD2 1 
ATOM   384  N N   . ASN A 1 50  ? -7.056  10.628  1.126   1.00 11.89 ? 83  ASN A N   1 
ATOM   385  C CA  . ASN A 1 50  ? -6.247  11.834  1.281   1.00 12.28 ? 83  ASN A CA  1 
ATOM   386  C C   . ASN A 1 50  ? -5.045  11.629  0.353   1.00 12.67 ? 83  ASN A C   1 
ATOM   387  O O   . ASN A 1 50  ? -4.025  11.064  0.748   1.00 11.94 ? 83  ASN A O   1 
ATOM   388  C CB  . ASN A 1 50  ? -5.796  11.973  2.742   1.00 14.13 ? 83  ASN A CB  1 
ATOM   389  C CG  . ASN A 1 50  ? -6.966  12.146  3.705   1.00 17.39 ? 83  ASN A CG  1 
ATOM   390  O OD1 . ASN A 1 50  ? -6.855  11.860  4.902   1.00 18.97 ? 83  ASN A OD1 1 
ATOM   391  N ND2 . ASN A 1 50  ? -8.089  12.629  3.189   1.00 18.44 ? 83  ASN A ND2 1 
ATOM   392  N N   . LYS A 1 51  ? -5.179  12.083  -0.891  1.00 12.21 ? 84  LYS A N   1 
ATOM   393  C CA  . LYS A 1 51  ? -4.132  11.904  -1.896  1.00 13.03 ? 84  LYS A CA  1 
ATOM   394  C C   . LYS A 1 51  ? -2.764  12.493  -1.591  1.00 13.38 ? 84  LYS A C   1 
ATOM   395  O O   . LYS A 1 51  ? -1.776  12.108  -2.215  1.00 15.72 ? 84  LYS A O   1 
ATOM   396  C CB  . LYS A 1 51  ? -4.610  12.437  -3.249  1.00 14.25 ? 84  LYS A CB  1 
ATOM   397  C CG  . LYS A 1 51  ? -5.800  11.698  -3.808  1.00 15.92 ? 84  LYS A CG  1 
ATOM   398  C CD  . LYS A 1 51  ? -6.150  12.222  -5.185  1.00 19.88 ? 84  LYS A CD  1 
ATOM   399  C CE  . LYS A 1 51  ? -7.359  11.517  -5.753  1.00 21.29 ? 84  LYS A CE  1 
ATOM   400  N NZ  . LYS A 1 51  ? -7.660  12.031  -7.119  1.00 24.37 ? 84  LYS A NZ  1 
ATOM   401  N N   . GLU A 1 52  ? -2.693  13.421  -0.646  1.00 13.70 ? 85  GLU A N   1 
ATOM   402  C CA  . GLU A 1 52  ? -1.414  14.036  -0.300  1.00 15.31 ? 85  GLU A CA  1 
ATOM   403  C C   . GLU A 1 52  ? -0.821  13.456  0.982   1.00 13.63 ? 85  GLU A C   1 
ATOM   404  O O   . GLU A 1 52  ? 0.172   13.968  1.494   1.00 15.17 ? 85  GLU A O   1 
ATOM   405  C CB  . GLU A 1 52  ? -1.592  15.546  -0.128  1.00 18.83 ? 85  GLU A CB  1 
ATOM   406  C CG  . GLU A 1 52  ? -2.212  16.244  -1.332  1.00 26.29 ? 85  GLU A CG  1 
ATOM   407  C CD  . GLU A 1 52  ? -2.423  17.729  -1.101  1.00 30.31 ? 85  GLU A CD  1 
ATOM   408  O OE1 . GLU A 1 52  ? -3.141  18.091  -0.146  1.00 33.47 ? 85  GLU A OE1 1 
ATOM   409  O OE2 . GLU A 1 52  ? -1.872  18.535  -1.879  1.00 34.34 ? 85  GLU A OE2 1 
ATOM   410  N N   . SER A 1 53  ? -1.416  12.380  1.487   1.00 12.99 ? 86  SER A N   1 
ATOM   411  C CA  . SER A 1 53  ? -0.961  11.773  2.742   1.00 11.85 ? 86  SER A CA  1 
ATOM   412  C C   . SER A 1 53  ? 0.061   10.644  2.643   1.00 11.86 ? 86  SER A C   1 
ATOM   413  O O   . SER A 1 53  ? 0.600   10.210  3.662   1.00 12.47 ? 86  SER A O   1 
ATOM   414  C CB  . SER A 1 53  ? -2.168  11.246  3.524   1.00 12.75 ? 86  SER A CB  1 
ATOM   415  O OG  . SER A 1 53  ? -2.731  10.108  2.890   1.00 11.43 ? 86  SER A OG  1 
ATOM   416  N N   . PHE A 1 54  ? 0.342   10.173  1.438   1.00 11.82 ? 87  PHE A N   1 
ATOM   417  C CA  . PHE A 1 54  ? 1.264   9.052   1.272   1.00 10.70 ? 87  PHE A CA  1 
ATOM   418  C C   . PHE A 1 54  ? 2.712   9.229   1.707   1.00 11.18 ? 87  PHE A C   1 
ATOM   419  O O   . PHE A 1 54  ? 3.345   10.233  1.398   1.00 11.73 ? 87  PHE A O   1 
ATOM   420  C CB  . PHE A 1 54  ? 1.280   8.590   -0.188  1.00 10.76 ? 87  PHE A CB  1 
ATOM   421  C CG  . PHE A 1 54  ? 0.030   7.880   -0.623  1.00 10.19 ? 87  PHE A CG  1 
ATOM   422  C CD1 . PHE A 1 54  ? -1.159  8.581   -0.826  1.00 10.79 ? 87  PHE A CD1 1 
ATOM   423  C CD2 . PHE A 1 54  ? 0.044   6.507   -0.842  1.00 11.20 ? 87  PHE A CD2 1 
ATOM   424  C CE1 . PHE A 1 54  ? -2.313  7.918   -1.241  1.00 11.77 ? 87  PHE A CE1 1 
ATOM   425  C CE2 . PHE A 1 54  ? -1.105  5.837   -1.256  1.00 11.65 ? 87  PHE A CE2 1 
ATOM   426  C CZ  . PHE A 1 54  ? -2.287  6.545   -1.457  1.00 12.18 ? 87  PHE A CZ  1 
ATOM   427  N N   . THR A 1 55  ? 3.228   8.241   2.434   1.00 11.69 ? 88  THR A N   1 
ATOM   428  C CA  . THR A 1 55  ? 4.634   8.235   2.826   1.00 10.55 ? 88  THR A CA  1 
ATOM   429  C C   . THR A 1 55  ? 5.111   6.809   2.601   1.00 9.13  ? 88  THR A C   1 
ATOM   430  O O   . THR A 1 55  ? 4.329   5.855   2.702   1.00 9.30  ? 88  THR A O   1 
ATOM   431  C CB  . THR A 1 55  ? 4.893   8.646   4.303   1.00 11.96 ? 88  THR A CB  1 
ATOM   432  O OG1 . THR A 1 55  ? 4.327   7.683   5.195   1.00 12.48 ? 88  THR A OG1 1 
ATOM   433  C CG2 . THR A 1 55  ? 4.309   10.018  4.584   1.00 13.44 ? 88  THR A CG2 1 
ATOM   434  N N   . PHE A 1 56  ? 6.390   6.670   2.279   1.00 9.44  ? 89  PHE A N   1 
ATOM   435  C CA  . PHE A 1 56  ? 6.968   5.365   2.005   1.00 9.90  ? 89  PHE A CA  1 
ATOM   436  C C   . PHE A 1 56  ? 8.132   5.040   2.934   1.00 10.23 ? 89  PHE A C   1 
ATOM   437  O O   . PHE A 1 56  ? 9.125   5.765   2.984   1.00 10.22 ? 89  PHE A O   1 
ATOM   438  C CB  . PHE A 1 56  ? 7.427   5.290   0.544   1.00 8.20  ? 89  PHE A CB  1 
ATOM   439  C CG  . PHE A 1 56  ? 6.312   5.438   -0.452  1.00 9.44  ? 89  PHE A CG  1 
ATOM   440  C CD1 . PHE A 1 56  ? 5.731   6.680   -0.687  1.00 10.00 ? 89  PHE A CD1 1 
ATOM   441  C CD2 . PHE A 1 56  ? 5.832   4.328   -1.146  1.00 10.54 ? 89  PHE A CD2 1 
ATOM   442  C CE1 . PHE A 1 56  ? 4.683   6.817   -1.603  1.00 11.45 ? 89  PHE A CE1 1 
ATOM   443  C CE2 . PHE A 1 56  ? 4.787   4.454   -2.063  1.00 10.07 ? 89  PHE A CE2 1 
ATOM   444  C CZ  . PHE A 1 56  ? 4.213   5.701   -2.290  1.00 11.42 ? 89  PHE A CZ  1 
ATOM   445  N N   . ASP A 1 57  ? 7.982   3.932   3.656   1.00 9.81  ? 90  ASP A N   1 
ATOM   446  C CA  . ASP A 1 57  ? 8.960   3.414   4.619   1.00 10.42 ? 90  ASP A CA  1 
ATOM   447  C C   . ASP A 1 57  ? 9.701   2.324   3.847   1.00 10.90 ? 90  ASP A C   1 
ATOM   448  O O   . ASP A 1 57  ? 9.217   1.198   3.740   1.00 10.83 ? 90  ASP A O   1 
ATOM   449  C CB  . ASP A 1 57  ? 8.177   2.826   5.799   1.00 11.48 ? 90  ASP A CB  1 
ATOM   450  C CG  . ASP A 1 57  ? 9.058   2.257   6.887   1.00 14.71 ? 90  ASP A CG  1 
ATOM   451  O OD1 . ASP A 1 57  ? 10.283  2.128   6.681   1.00 15.06 ? 90  ASP A OD1 1 
ATOM   452  O OD2 . ASP A 1 57  ? 8.498   1.929   7.958   1.00 17.15 ? 90  ASP A OD2 1 
ATOM   453  N N   . ILE A 1 58  ? 10.871  2.674   3.310   1.00 9.44  ? 91  ILE A N   1 
ATOM   454  C CA  . ILE A 1 58  ? 11.657  1.767   2.470   1.00 10.18 ? 91  ILE A CA  1 
ATOM   455  C C   . ILE A 1 58  ? 12.894  1.217   3.164   1.00 10.24 ? 91  ILE A C   1 
ATOM   456  O O   . ILE A 1 58  ? 13.741  1.976   3.635   1.00 10.77 ? 91  ILE A O   1 
ATOM   457  C CB  . ILE A 1 58  ? 12.077  2.504   1.182   1.00 9.66  ? 91  ILE A CB  1 
ATOM   458  C CG1 . ILE A 1 58  ? 10.867  3.243   0.603   1.00 11.36 ? 91  ILE A CG1 1 
ATOM   459  C CG2 . ILE A 1 58  ? 12.623  1.515   0.156   1.00 11.91 ? 91  ILE A CG2 1 
ATOM   460  C CD1 . ILE A 1 58  ? 11.175  4.035   -0.649  1.00 11.96 ? 91  ILE A CD1 1 
ATOM   461  N N   . VAL A 1 59  ? 13.008  -0.107  3.198   1.00 9.98  ? 92  VAL A N   1 
ATOM   462  C CA  . VAL A 1 59  ? 14.128  -0.738  3.885   1.00 10.72 ? 92  VAL A CA  1 
ATOM   463  C C   . VAL A 1 59  ? 14.807  -1.895  3.162   1.00 12.18 ? 92  VAL A C   1 
ATOM   464  O O   . VAL A 1 59  ? 14.145  -2.773  2.611   1.00 10.57 ? 92  VAL A O   1 
ATOM   465  C CB  . VAL A 1 59  ? 13.669  -1.276  5.271   1.00 12.14 ? 92  VAL A CB  1 
ATOM   466  C CG1 . VAL A 1 59  ? 14.844  -1.893  6.015   1.00 12.61 ? 92  VAL A CG1 1 
ATOM   467  C CG2 . VAL A 1 59  ? 13.048  -0.158  6.094   1.00 12.59 ? 92  VAL A CG2 1 
ATOM   468  N N   . ASN A 1 60  ? 16.136  -1.879  3.157   1.00 11.60 ? 93  ASN A N   1 
ATOM   469  C CA  . ASN A 1 60  ? 16.913  -2.981  2.604   1.00 12.14 ? 93  ASN A CA  1 
ATOM   470  C C   . ASN A 1 60  ? 18.173  -3.085  3.460   1.00 13.27 ? 93  ASN A C   1 
ATOM   471  O O   . ASN A 1 60  ? 18.329  -2.318  4.418   1.00 12.93 ? 93  ASN A O   1 
ATOM   472  C CB  . ASN A 1 60  ? 17.240  -2.796  1.110   1.00 12.41 ? 93  ASN A CB  1 
ATOM   473  C CG  . ASN A 1 60  ? 17.990  -1.519  0.812   1.00 14.30 ? 93  ASN A CG  1 
ATOM   474  O OD1 . ASN A 1 60  ? 18.891  -1.125  1.543   1.00 13.79 ? 93  ASN A OD1 1 
ATOM   475  N ND2 . ASN A 1 60  ? 17.631  -0.877  -0.295  1.00 15.52 ? 93  ASN A ND2 1 
ATOM   476  N N   . ASP A 1 61  ? 19.055  -4.029  3.149   1.00 13.81 ? 94  ASP A N   1 
ATOM   477  C CA  . ASP A 1 61  ? 20.264  -4.206  3.952   1.00 16.43 ? 94  ASP A CA  1 
ATOM   478  C C   . ASP A 1 61  ? 21.304  -3.104  3.786   1.00 17.38 ? 94  ASP A C   1 
ATOM   479  O O   . ASP A 1 61  ? 22.396  -3.177  4.355   1.00 18.57 ? 94  ASP A O   1 
ATOM   480  C CB  . ASP A 1 61  ? 20.905  -5.576  3.675   1.00 17.40 ? 94  ASP A CB  1 
ATOM   481  C CG  . ASP A 1 61  ? 21.303  -5.765  2.220   1.00 20.08 ? 94  ASP A CG  1 
ATOM   482  O OD1 . ASP A 1 61  ? 21.275  -4.783  1.449   1.00 18.70 ? 94  ASP A OD1 1 
ATOM   483  O OD2 . ASP A 1 61  ? 21.657  -6.908  1.851   1.00 22.11 ? 94  ASP A OD2 1 
ATOM   484  N N   . LYS A 1 62  ? 20.961  -2.076  3.019   1.00 15.81 ? 95  LYS A N   1 
ATOM   485  C CA  . LYS A 1 62  ? 21.876  -0.965  2.796   1.00 15.77 ? 95  LYS A CA  1 
ATOM   486  C C   . LYS A 1 62  ? 21.419  0.280   3.549   1.00 15.96 ? 95  LYS A C   1 
ATOM   487  O O   . LYS A 1 62  ? 22.236  1.016   4.106   1.00 16.31 ? 95  LYS A O   1 
ATOM   488  C CB  . LYS A 1 62  ? 21.957  -0.638  1.300   1.00 17.99 ? 95  LYS A CB  1 
ATOM   489  C CG  . LYS A 1 62  ? 22.537  -1.751  0.440   1.00 20.45 ? 95  LYS A CG  1 
ATOM   490  C CD  . LYS A 1 62  ? 22.469  -1.407  -1.046  1.00 21.82 ? 95  LYS A CD  1 
ATOM   491  C CE  . LYS A 1 62  ? 21.034  -1.380  -1.550  1.00 23.78 ? 95  LYS A CE  1 
ATOM   492  N NZ  . LYS A 1 62  ? 20.955  -1.058  -3.002  1.00 25.45 ? 95  LYS A NZ  1 
ATOM   493  N N   . GLU A 1 63  ? 20.110  0.506   3.584   1.00 14.03 ? 96  GLU A N   1 
ATOM   494  C CA  . GLU A 1 63  ? 19.606  1.707   4.231   1.00 14.00 ? 96  GLU A CA  1 
ATOM   495  C C   . GLU A 1 63  ? 18.117  1.706   4.540   1.00 12.93 ? 96  GLU A C   1 
ATOM   496  O O   . GLU A 1 63  ? 17.344  0.912   3.998   1.00 11.99 ? 96  GLU A O   1 
ATOM   497  C CB  . GLU A 1 63  ? 19.927  2.913   3.342   1.00 16.32 ? 96  GLU A CB  1 
ATOM   498  C CG  . GLU A 1 63  ? 19.427  2.739   1.909   1.00 17.56 ? 96  GLU A CG  1 
ATOM   499  C CD  . GLU A 1 63  ? 19.947  3.794   0.944   1.00 20.84 ? 96  GLU A CD  1 
ATOM   500  O OE1 . GLU A 1 63  ? 19.753  3.619   -0.278  1.00 22.83 ? 96  GLU A OE1 1 
ATOM   501  O OE2 . GLU A 1 63  ? 20.541  4.796   1.394   1.00 19.56 ? 96  GLU A OE2 1 
ATOM   502  N N   . THR A 1 64  ? 17.740  2.620   5.428   1.00 12.66 ? 97  THR A N   1 
ATOM   503  C CA  . THR A 1 64  ? 16.357  2.822   5.837   1.00 11.83 ? 97  THR A CA  1 
ATOM   504  C C   . THR A 1 64  ? 15.986  4.232   5.377   1.00 12.52 ? 97  THR A C   1 
ATOM   505  O O   . THR A 1 64  ? 16.710  5.194   5.651   1.00 13.11 ? 97  THR A O   1 
ATOM   506  C CB  . THR A 1 64  ? 16.207  2.737   7.370   1.00 11.44 ? 97  THR A CB  1 
ATOM   507  O OG1 . THR A 1 64  ? 16.504  1.405   7.804   1.00 14.06 ? 97  THR A OG1 1 
ATOM   508  C CG2 . THR A 1 64  ? 14.791  3.103   7.791   1.00 11.48 ? 97  THR A CG2 1 
ATOM   509  N N   . LYS A 1 65  ? 14.873  4.357   4.663   1.00 12.41 ? 98  LYS A N   1 
ATOM   510  C CA  . LYS A 1 65  ? 14.437  5.660   4.177   1.00 13.59 ? 98  LYS A CA  1 
ATOM   511  C C   . LYS A 1 65  ? 12.936  5.826   4.392   1.00 13.27 ? 98  LYS A C   1 
ATOM   512  O O   . LYS A 1 65  ? 12.176  4.865   4.323   1.00 14.06 ? 98  LYS A O   1 
ATOM   513  C CB  . LYS A 1 65  ? 14.762  5.817   2.672   1.00 16.90 ? 98  LYS A CB  1 
ATOM   514  C CG  . LYS A 1 65  ? 16.255  5.671   2.319   1.00 19.65 ? 98  LYS A CG  1 
ATOM   515  C CD  . LYS A 1 65  ? 16.501  5.411   0.811   1.00 21.67 ? 98  LYS A CD  1 
ATOM   516  C CE  . LYS A 1 65  ? 16.179  6.617   -0.061  1.00 22.96 ? 98  LYS A CE  1 
ATOM   517  N NZ  . LYS A 1 65  ? 16.617  6.421   -1.481  1.00 23.76 ? 98  LYS A NZ  1 
ATOM   518  N N   . TYR A 1 66  ? 12.524  7.058   4.668   1.00 14.36 ? 99  TYR A N   1 
ATOM   519  C CA  . TYR A 1 66  ? 11.115  7.399   4.844   1.00 15.07 ? 99  TYR A CA  1 
ATOM   520  C C   . TYR A 1 66  ? 10.948  8.617   3.950   1.00 15.67 ? 99  TYR A C   1 
ATOM   521  O O   . TYR A 1 66  ? 11.424  9.705   4.276   1.00 17.29 ? 99  TYR A O   1 
ATOM   522  C CB  . TYR A 1 66  ? 10.807  7.753   6.303   1.00 16.84 ? 99  TYR A CB  1 
ATOM   523  C CG  . TYR A 1 66  ? 10.709  6.563   7.241   1.00 18.03 ? 99  TYR A CG  1 
ATOM   524  C CD1 . TYR A 1 66  ? 9.469   6.072   7.658   1.00 16.98 ? 99  TYR A CD1 1 
ATOM   525  C CD2 . TYR A 1 66  ? 11.857  5.953   7.743   1.00 18.69 ? 99  TYR A CD2 1 
ATOM   526  C CE1 . TYR A 1 66  ? 9.382   5.003   8.564   1.00 18.19 ? 99  TYR A CE1 1 
ATOM   527  C CE2 . TYR A 1 66  ? 11.783  4.890   8.642   1.00 20.33 ? 99  TYR A CE2 1 
ATOM   528  C CZ  . TYR A 1 66  ? 10.548  4.421   9.052   1.00 18.60 ? 99  TYR A CZ  1 
ATOM   529  O OH  . TYR A 1 66  ? 10.496  3.387   9.968   1.00 20.27 ? 99  TYR A OH  1 
ATOM   530  N N   . ILE A 1 67  ? 10.287  8.421   2.811   1.00 14.18 ? 100 ILE A N   1 
ATOM   531  C CA  . ILE A 1 67  ? 10.112  9.495   1.844   1.00 13.21 ? 100 ILE A CA  1 
ATOM   532  C C   . ILE A 1 67  ? 8.673   9.753   1.413   1.00 13.25 ? 100 ILE A C   1 
ATOM   533  O O   . ILE A 1 67  ? 7.780   8.940   1.647   1.00 12.74 ? 100 ILE A O   1 
ATOM   534  C CB  . ILE A 1 67  ? 10.965  9.214   0.588   1.00 13.34 ? 100 ILE A CB  1 
ATOM   535  C CG1 . ILE A 1 67  ? 10.494  7.921   -0.087  1.00 13.47 ? 100 ILE A CG1 1 
ATOM   536  C CG2 . ILE A 1 67  ? 12.430  9.068   0.986   1.00 15.35 ? 100 ILE A CG2 1 
ATOM   537  C CD1 . ILE A 1 67  ? 11.300  7.538   -1.316  1.00 15.50 ? 100 ILE A CD1 1 
ATOM   538  N N   . SER A 1 68  ? 8.467   10.902  0.776   1.00 12.94 ? 101 SER A N   1 
ATOM   539  C CA  . SER A 1 68  ? 7.149   11.303  0.296   1.00 13.55 ? 101 SER A CA  1 
ATOM   540  C C   . SER A 1 68  ? 6.862   10.652  -1.047  1.00 12.02 ? 101 SER A C   1 
ATOM   541  O O   . SER A 1 68  ? 7.735   10.024  -1.647  1.00 12.30 ? 101 SER A O   1 
ATOM   542  C CB  . SER A 1 68  ? 7.099   12.821  0.119   1.00 12.92 ? 101 SER A CB  1 
ATOM   543  O OG  . SER A 1 68  ? 7.985   13.213  -0.916  1.00 15.53 ? 101 SER A OG  1 
ATOM   544  N N   . LEU A 1 69  ? 5.630   10.814  -1.516  1.00 11.74 ? 102 LEU A N   1 
ATOM   545  C CA  . LEU A 1 69  ? 5.223   10.269  -2.805  1.00 12.19 ? 102 LEU A CA  1 
ATOM   546  C C   . LEU A 1 69  ? 6.043   10.912  -3.920  1.00 12.47 ? 102 LEU A C   1 
ATOM   547  O O   . LEU A 1 69  ? 6.508   10.233  -4.833  1.00 12.89 ? 102 LEU A O   1 
ATOM   548  C CB  . LEU A 1 69  ? 3.734   10.536  -3.039  1.00 12.53 ? 102 LEU A CB  1 
ATOM   549  C CG  . LEU A 1 69  ? 3.154   10.137  -4.395  1.00 13.51 ? 102 LEU A CG  1 
ATOM   550  C CD1 . LEU A 1 69  ? 3.353   8.647   -4.641  1.00 13.76 ? 102 LEU A CD1 1 
ATOM   551  C CD2 . LEU A 1 69  ? 1.674   10.493  -4.421  1.00 15.16 ? 102 LEU A CD2 1 
ATOM   552  N N   . ALA A 1 70  ? 6.220   12.228  -3.847  1.00 14.33 ? 103 ALA A N   1 
ATOM   553  C CA  . ALA A 1 70  ? 6.997   12.932  -4.862  1.00 14.14 ? 103 ALA A CA  1 
ATOM   554  C C   . ALA A 1 70  ? 8.424   12.386  -4.907  1.00 14.62 ? 103 ALA A C   1 
ATOM   555  O O   . ALA A 1 70  ? 8.977   12.170  -5.983  1.00 15.09 ? 103 ALA A O   1 
ATOM   556  C CB  . ALA A 1 70  ? 7.013   14.434  -4.569  1.00 15.48 ? 103 ALA A CB  1 
ATOM   557  N N   . GLU A 1 71  ? 9.010   12.155  -3.733  1.00 14.85 ? 104 GLU A N   1 
ATOM   558  C CA  . GLU A 1 71  ? 10.369  11.627  -3.648  1.00 14.73 ? 104 GLU A CA  1 
ATOM   559  C C   . GLU A 1 71  ? 10.424  10.182  -4.148  1.00 13.72 ? 104 GLU A C   1 
ATOM   560  O O   . GLU A 1 71  ? 11.382  9.778   -4.807  1.00 13.63 ? 104 GLU A O   1 
ATOM   561  C CB  . GLU A 1 71  ? 10.873  11.732  -2.200  1.00 16.63 ? 104 GLU A CB  1 
ATOM   562  C CG  . GLU A 1 71  ? 11.175  13.174  -1.778  1.00 20.10 ? 104 GLU A CG  1 
ATOM   563  C CD  . GLU A 1 71  ? 11.297  13.368  -0.272  1.00 22.56 ? 104 GLU A CD  1 
ATOM   564  O OE1 . GLU A 1 71  ? 11.702  14.475  0.146   1.00 25.63 ? 104 GLU A OE1 1 
ATOM   565  O OE2 . GLU A 1 71  ? 10.981  12.434  0.497   1.00 22.65 ? 104 GLU A OE2 1 
ATOM   566  N N   . PHE A 1 72  ? 9.383   9.415   -3.836  1.00 12.32 ? 105 PHE A N   1 
ATOM   567  C CA  . PHE A 1 72  ? 9.265   8.021   -4.254  1.00 11.60 ? 105 PHE A CA  1 
ATOM   568  C C   . PHE A 1 72  ? 9.355   7.956   -5.781  1.00 12.32 ? 105 PHE A C   1 
ATOM   569  O O   . PHE A 1 72  ? 10.052  7.115   -6.350  1.00 12.38 ? 105 PHE A O   1 
ATOM   570  C CB  . PHE A 1 72  ? 7.911   7.475   -3.772  1.00 11.62 ? 105 PHE A CB  1 
ATOM   571  C CG  . PHE A 1 72  ? 7.590   6.081   -4.249  1.00 12.27 ? 105 PHE A CG  1 
ATOM   572  C CD1 . PHE A 1 72  ? 8.179   4.966   -3.657  1.00 11.44 ? 105 PHE A CD1 1 
ATOM   573  C CD2 . PHE A 1 72  ? 6.662   5.884   -5.269  1.00 12.45 ? 105 PHE A CD2 1 
ATOM   574  C CE1 . PHE A 1 72  ? 7.840   3.674   -4.076  1.00 11.60 ? 105 PHE A CE1 1 
ATOM   575  C CE2 . PHE A 1 72  ? 6.318   4.600   -5.695  1.00 11.69 ? 105 PHE A CE2 1 
ATOM   576  C CZ  . PHE A 1 72  ? 6.906   3.494   -5.099  1.00 10.06 ? 105 PHE A CZ  1 
ATOM   577  N N   . GLU A 1 73  ? 8.644   8.860   -6.442  1.00 12.51 ? 106 GLU A N   1 
ATOM   578  C CA  . GLU A 1 73  ? 8.645   8.894   -7.894  1.00 13.15 ? 106 GLU A CA  1 
ATOM   579  C C   . GLU A 1 73  ? 9.918   9.511   -8.470  1.00 13.67 ? 106 GLU A C   1 
ATOM   580  O O   . GLU A 1 73  ? 10.480  8.996   -9.436  1.00 14.21 ? 106 GLU A O   1 
ATOM   581  C CB  . GLU A 1 73  ? 7.414   9.654   -8.389  1.00 14.15 ? 106 GLU A CB  1 
ATOM   582  C CG  . GLU A 1 73  ? 6.119   8.919   -8.089  1.00 15.52 ? 106 GLU A CG  1 
ATOM   583  C CD  . GLU A 1 73  ? 4.892   9.662   -8.569  1.00 18.62 ? 106 GLU A CD  1 
ATOM   584  O OE1 . GLU A 1 73  ? 3.853   9.005   -8.782  1.00 17.50 ? 106 GLU A OE1 1 
ATOM   585  O OE2 . GLU A 1 73  ? 4.963   10.900  -8.723  1.00 22.95 ? 106 GLU A OE2 1 
ATOM   586  N N   . GLN A 1 74  ? 10.375  10.603  -7.871  1.00 14.69 ? 107 GLN A N   1 
ATOM   587  C CA  . GLN A 1 74  ? 11.577  11.285  -8.344  1.00 17.15 ? 107 GLN A CA  1 
ATOM   588  C C   . GLN A 1 74  ? 12.807  10.384  -8.262  1.00 16.86 ? 107 GLN A C   1 
ATOM   589  O O   . GLN A 1 74  ? 13.690  10.445  -9.121  1.00 17.71 ? 107 GLN A O   1 
ATOM   590  C CB  . GLN A 1 74  ? 11.806  12.562  -7.524  1.00 19.68 ? 107 GLN A CB  1 
ATOM   591  C CG  . GLN A 1 74  ? 12.874  13.507  -8.076  1.00 25.22 ? 107 GLN A CG  1 
ATOM   592  C CD  . GLN A 1 74  ? 14.282  12.968  -7.931  1.00 28.49 ? 107 GLN A CD  1 
ATOM   593  O OE1 . GLN A 1 74  ? 14.711  12.605  -6.835  1.00 30.52 ? 107 GLN A OE1 1 
ATOM   594  N NE2 . GLN A 1 74  ? 15.015  12.919  -9.039  1.00 30.92 ? 107 GLN A NE2 1 
ATOM   595  N N   . GLN A 1 75  ? 12.857  9.534   -7.239  1.00 14.80 ? 108 GLN A N   1 
ATOM   596  C CA  . GLN A 1 75  ? 13.994  8.640   -7.048  1.00 14.79 ? 108 GLN A CA  1 
ATOM   597  C C   . GLN A 1 75  ? 13.935  7.324   -7.818  1.00 14.60 ? 108 GLN A C   1 
ATOM   598  O O   . GLN A 1 75  ? 14.791  6.458   -7.643  1.00 15.82 ? 108 GLN A O   1 
ATOM   599  C CB  . GLN A 1 75  ? 14.198  8.378   -5.554  1.00 15.58 ? 108 GLN A CB  1 
ATOM   600  C CG  . GLN A 1 75  ? 14.722  9.603   -4.816  1.00 15.79 ? 108 GLN A CG  1 
ATOM   601  C CD  . GLN A 1 75  ? 14.864  9.385   -3.326  1.00 17.04 ? 108 GLN A CD  1 
ATOM   602  O OE1 . GLN A 1 75  ? 15.355  8.347   -2.883  1.00 18.40 ? 108 GLN A OE1 1 
ATOM   603  N NE2 . GLN A 1 75  ? 14.450  10.376  -2.541  1.00 18.15 ? 108 GLN A NE2 1 
ATOM   604  N N   . GLY A 1 76  ? 12.922  7.176   -8.666  1.00 13.88 ? 109 GLY A N   1 
ATOM   605  C CA  . GLY A 1 76  ? 12.801  5.979   -9.477  1.00 12.30 ? 109 GLY A CA  1 
ATOM   606  C C   . GLY A 1 76  ? 12.325  4.702   -8.812  1.00 10.89 ? 109 GLY A C   1 
ATOM   607  O O   . GLY A 1 76  ? 12.662  3.611   -9.268  1.00 11.26 ? 109 GLY A O   1 
ATOM   608  N N   . TYR A 1 77  ? 11.542  4.820   -7.743  1.00 10.53 ? 110 TYR A N   1 
ATOM   609  C CA  . TYR A 1 77  ? 11.029  3.640   -7.059  1.00 11.19 ? 110 TYR A CA  1 
ATOM   610  C C   . TYR A 1 77  ? 9.738   3.140   -7.690  1.00 10.54 ? 110 TYR A C   1 
ATOM   611  O O   . TYR A 1 77  ? 9.428   1.955   -7.626  1.00 10.73 ? 110 TYR A O   1 
ATOM   612  C CB  . TYR A 1 77  ? 10.741  3.929   -5.584  1.00 10.46 ? 110 TYR A CB  1 
ATOM   613  C CG  . TYR A 1 77  ? 11.956  3.973   -4.694  1.00 10.27 ? 110 TYR A CG  1 
ATOM   614  C CD1 . TYR A 1 77  ? 12.530  5.184   -4.327  1.00 10.22 ? 110 TYR A CD1 1 
ATOM   615  C CD2 . TYR A 1 77  ? 12.519  2.797   -4.198  1.00 10.21 ? 110 TYR A CD2 1 
ATOM   616  C CE1 . TYR A 1 77  ? 13.637  5.231   -3.482  1.00 11.93 ? 110 TYR A CE1 1 
ATOM   617  C CE2 . TYR A 1 77  ? 13.630  2.834   -3.352  1.00 11.25 ? 110 TYR A CE2 1 
ATOM   618  C CZ  . TYR A 1 77  ? 14.179  4.054   -2.999  1.00 12.11 ? 110 TYR A CZ  1 
ATOM   619  O OH  . TYR A 1 77  ? 15.260  4.106   -2.149  1.00 13.11 ? 110 TYR A OH  1 
ATOM   620  N N   . GLY A 1 78  ? 8.974   4.047   -8.284  1.00 10.14 ? 111 GLY A N   1 
ATOM   621  C CA  . GLY A 1 78  ? 7.721   3.632   -8.881  1.00 9.86  ? 111 GLY A CA  1 
ATOM   622  C C   . GLY A 1 78  ? 6.837   4.799   -9.256  1.00 11.52 ? 111 GLY A C   1 
ATOM   623  O O   . GLY A 1 78  ? 7.308   5.925   -9.413  1.00 11.08 ? 111 GLY A O   1 
ATOM   624  N N   . LYS A 1 79  ? 5.543   4.532   -9.368  1.00 12.01 ? 112 LYS A N   1 
ATOM   625  C CA  . LYS A 1 79  ? 4.604   5.563   -9.775  1.00 14.06 ? 112 LYS A CA  1 
ATOM   626  C C   . LYS A 1 79  ? 3.198   5.267   -9.271  1.00 13.47 ? 112 LYS A C   1 
ATOM   627  O O   . LYS A 1 79  ? 2.806   4.106   -9.152  1.00 13.70 ? 112 LYS A O   1 
ATOM   628  C CB  . LYS A 1 79  ? 4.605   5.637   -11.304 1.00 17.96 ? 112 LYS A CB  1 
ATOM   629  C CG  . LYS A 1 79  ? 3.795   6.762   -11.912 1.00 22.92 ? 112 LYS A CG  1 
ATOM   630  C CD  . LYS A 1 79  ? 4.077   6.847   -13.406 1.00 27.43 ? 112 LYS A CD  1 
ATOM   631  C CE  . LYS A 1 79  ? 3.523   8.126   -14.009 1.00 30.71 ? 112 LYS A CE  1 
ATOM   632  N NZ  . LYS A 1 79  ? 4.032   8.335   -15.397 1.00 33.35 ? 112 LYS A NZ  1 
ATOM   633  N N   . ILE A 1 80  ? 2.444   6.317   -8.965  1.00 12.83 ? 113 ILE A N   1 
ATOM   634  C CA  . ILE A 1 80  ? 1.071   6.143   -8.513  1.00 12.34 ? 113 ILE A CA  1 
ATOM   635  C C   . ILE A 1 80  ? 0.177   6.824   -9.535  1.00 13.18 ? 113 ILE A C   1 
ATOM   636  O O   . ILE A 1 80  ? 0.603   7.748   -10.227 1.00 13.40 ? 113 ILE A O   1 
ATOM   637  C CB  . ILE A 1 80  ? 0.827   6.779   -7.119  1.00 12.84 ? 113 ILE A CB  1 
ATOM   638  C CG1 . ILE A 1 80  ? -0.472  6.231   -6.520  1.00 13.46 ? 113 ILE A CG1 1 
ATOM   639  C CG2 . ILE A 1 80  ? 0.726   8.306   -7.234  1.00 13.28 ? 113 ILE A CG2 1 
ATOM   640  C CD1 . ILE A 1 80  ? -0.632  6.536   -5.042  1.00 13.83 ? 113 ILE A CD1 1 
ATOM   641  N N   . ASP A 1 81  ? -1.053  6.342   -9.645  1.00 11.60 ? 114 ASP A N   1 
ATOM   642  C CA  . ASP A 1 81  ? -2.017  6.923   -10.567 1.00 12.63 ? 114 ASP A CA  1 
ATOM   643  C C   . ASP A 1 81  ? -3.361  6.917   -9.865  1.00 11.93 ? 114 ASP A C   1 
ATOM   644  O O   . ASP A 1 81  ? -3.928  5.853   -9.612  1.00 12.78 ? 114 ASP A O   1 
ATOM   645  C CB  . ASP A 1 81  ? -2.103  6.102   -11.862 1.00 11.95 ? 114 ASP A CB  1 
ATOM   646  C CG  . ASP A 1 81  ? -3.072  6.702   -12.875 1.00 15.28 ? 114 ASP A CG  1 
ATOM   647  O OD1 . ASP A 1 81  ? -3.250  6.107   -13.960 1.00 16.49 ? 114 ASP A OD1 1 
ATOM   648  O OD2 . ASP A 1 81  ? -3.653  7.769   -12.585 1.00 16.70 ? 114 ASP A OD2 1 
ATOM   649  N N   . PHE A 1 82  ? -3.854  8.098   -9.516  1.00 11.53 ? 115 PHE A N   1 
ATOM   650  C CA  . PHE A 1 82  ? -5.156  8.183   -8.872  1.00 11.66 ? 115 PHE A CA  1 
ATOM   651  C C   . PHE A 1 82  ? -6.164  8.160   -10.016 1.00 13.93 ? 115 PHE A C   1 
ATOM   652  O O   . PHE A 1 82  ? -6.369  9.168   -10.694 1.00 14.11 ? 115 PHE A O   1 
ATOM   653  C CB  . PHE A 1 82  ? -5.272  9.475   -8.062  1.00 12.83 ? 115 PHE A CB  1 
ATOM   654  C CG  . PHE A 1 82  ? -4.305  9.554   -6.910  1.00 12.65 ? 115 PHE A CG  1 
ATOM   655  C CD1 . PHE A 1 82  ? -3.177  10.366  -6.984  1.00 14.81 ? 115 PHE A CD1 1 
ATOM   656  C CD2 . PHE A 1 82  ? -4.506  8.789   -5.766  1.00 14.82 ? 115 PHE A CD2 1 
ATOM   657  C CE1 . PHE A 1 82  ? -2.261  10.417  -5.928  1.00 13.63 ? 115 PHE A CE1 1 
ATOM   658  C CE2 . PHE A 1 82  ? -3.598  8.831   -4.705  1.00 13.15 ? 115 PHE A CE2 1 
ATOM   659  C CZ  . PHE A 1 82  ? -2.474  9.646   -4.789  1.00 13.85 ? 115 PHE A CZ  1 
ATOM   660  N N   . VAL A 1 83  ? -6.769  6.995   -10.238 1.00 13.44 ? 116 VAL A N   1 
ATOM   661  C CA  . VAL A 1 83  ? -7.728  6.822   -11.328 1.00 14.43 ? 116 VAL A CA  1 
ATOM   662  C C   . VAL A 1 83  ? -9.096  7.439   -11.046 1.00 14.74 ? 116 VAL A C   1 
ATOM   663  O O   . VAL A 1 83  ? -9.872  7.689   -11.967 1.00 15.48 ? 116 VAL A O   1 
ATOM   664  C CB  . VAL A 1 83  ? -7.866  5.327   -11.703 1.00 14.57 ? 116 VAL A CB  1 
ATOM   665  C CG1 . VAL A 1 83  ? -6.531  4.813   -12.225 1.00 15.64 ? 116 VAL A CG1 1 
ATOM   666  C CG2 . VAL A 1 83  ? -8.305  4.512   -10.498 1.00 16.36 ? 116 VAL A CG2 1 
ATOM   667  N N   . THR A 1 84  ? -9.388  7.666   -9.771  1.00 13.92 ? 117 THR A N   1 
ATOM   668  C CA  . THR A 1 84  ? -10.622 8.322   -9.346  1.00 14.38 ? 117 THR A CA  1 
ATOM   669  C C   . THR A 1 84  ? -10.210 9.072   -8.089  1.00 14.02 ? 117 THR A C   1 
ATOM   670  O O   . THR A 1 84  ? -9.017  9.219   -7.829  1.00 14.81 ? 117 THR A O   1 
ATOM   671  C CB  . THR A 1 84  ? -11.770 7.329   -9.001  1.00 14.68 ? 117 THR A CB  1 
ATOM   672  O OG1 . THR A 1 84  ? -11.415 6.551   -7.852  1.00 15.26 ? 117 THR A OG1 1 
ATOM   673  C CG2 . THR A 1 84  ? -12.067 6.407   -10.182 1.00 14.64 ? 117 THR A CG2 1 
ATOM   674  N N   . ASP A 1 85  ? -11.170 9.553   -7.309  1.00 13.56 ? 118 ASP A N   1 
ATOM   675  C CA  . ASP A 1 85  ? -10.826 10.262  -6.081  1.00 14.56 ? 118 ASP A CA  1 
ATOM   676  C C   . ASP A 1 85  ? -10.441 9.286   -4.978  1.00 15.14 ? 118 ASP A C   1 
ATOM   677  O O   . ASP A 1 85  ? -9.675  9.632   -4.080  1.00 15.74 ? 118 ASP A O   1 
ATOM   678  C CB  . ASP A 1 85  ? -12.004 11.115  -5.597  1.00 15.24 ? 118 ASP A CB  1 
ATOM   679  C CG  . ASP A 1 85  ? -12.051 12.478  -6.253  1.00 14.41 ? 118 ASP A CG  1 
ATOM   680  O OD1 . ASP A 1 85  ? -13.027 13.221  -5.998  1.00 15.25 ? 118 ASP A OD1 1 
ATOM   681  O OD2 . ASP A 1 85  ? -11.120 12.813  -7.017  1.00 13.85 ? 118 ASP A OD2 1 
ATOM   682  N N   . ASN A 1 86  ? -10.958 8.062   -5.061  1.00 14.66 ? 119 ASN A N   1 
ATOM   683  C CA  . ASN A 1 86  ? -10.707 7.055   -4.032  1.00 14.89 ? 119 ASN A CA  1 
ATOM   684  C C   . ASN A 1 86  ? -10.051 5.755   -4.499  1.00 15.73 ? 119 ASN A C   1 
ATOM   685  O O   . ASN A 1 86  ? -9.848  4.837   -3.701  1.00 17.40 ? 119 ASN A O   1 
ATOM   686  C CB  . ASN A 1 86  ? -12.023 6.740   -3.318  1.00 15.81 ? 119 ASN A CB  1 
ATOM   687  C CG  . ASN A 1 86  ? -12.619 7.962   -2.641  1.00 16.62 ? 119 ASN A CG  1 
ATOM   688  O OD1 . ASN A 1 86  ? -13.741 8.378   -2.943  1.00 19.28 ? 119 ASN A OD1 1 
ATOM   689  N ND2 . ASN A 1 86  ? -11.866 8.545   -1.719  1.00 19.19 ? 119 ASN A ND2 1 
ATOM   690  N N   . ASP A 1 87  ? -9.732  5.669   -5.785  1.00 14.79 ? 120 ASP A N   1 
ATOM   691  C CA  . ASP A 1 87  ? -9.088  4.481   -6.334  1.00 14.26 ? 120 ASP A CA  1 
ATOM   692  C C   . ASP A 1 87  ? -7.721  4.882   -6.875  1.00 14.14 ? 120 ASP A C   1 
ATOM   693  O O   . ASP A 1 87  ? -7.570  5.950   -7.465  1.00 14.63 ? 120 ASP A O   1 
ATOM   694  C CB  . ASP A 1 87  ? -9.915  3.892   -7.481  1.00 15.72 ? 120 ASP A CB  1 
ATOM   695  C CG  . ASP A 1 87  ? -11.254 3.345   -7.027  1.00 18.66 ? 120 ASP A CG  1 
ATOM   696  O OD1 . ASP A 1 87  ? -12.071 3.003   -7.908  1.00 22.35 ? 120 ASP A OD1 1 
ATOM   697  O OD2 . ASP A 1 87  ? -11.491 3.244   -5.808  1.00 18.20 ? 120 ASP A OD2 1 
ATOM   698  N N   . PHE A 1 88  ? -6.724  4.030   -6.680  1.00 11.96 ? 121 PHE A N   1 
ATOM   699  C CA  . PHE A 1 88  ? -5.393  4.339   -7.179  1.00 11.75 ? 121 PHE A CA  1 
ATOM   700  C C   . PHE A 1 88  ? -4.647  3.083   -7.576  1.00 12.05 ? 121 PHE A C   1 
ATOM   701  O O   . PHE A 1 88  ? -4.919  1.999   -7.065  1.00 11.39 ? 121 PHE A O   1 
ATOM   702  C CB  . PHE A 1 88  ? -4.582  5.116   -6.126  1.00 11.71 ? 121 PHE A CB  1 
ATOM   703  C CG  . PHE A 1 88  ? -4.287  4.334   -4.868  1.00 11.55 ? 121 PHE A CG  1 
ATOM   704  C CD1 . PHE A 1 88  ? -3.155  3.526   -4.779  1.00 12.78 ? 121 PHE A CD1 1 
ATOM   705  C CD2 . PHE A 1 88  ? -5.136  4.417   -3.766  1.00 12.43 ? 121 PHE A CD2 1 
ATOM   706  C CE1 . PHE A 1 88  ? -2.875  2.809   -3.612  1.00 13.03 ? 121 PHE A CE1 1 
ATOM   707  C CE2 . PHE A 1 88  ? -4.866  3.704   -2.594  1.00 12.50 ? 121 PHE A CE2 1 
ATOM   708  C CZ  . PHE A 1 88  ? -3.731  2.901   -2.518  1.00 13.94 ? 121 PHE A CZ  1 
ATOM   709  N N   . ASN A 1 89  ? -3.735  3.229   -8.528  1.00 11.59 ? 122 ASN A N   1 
ATOM   710  C CA  . ASN A 1 89  ? -2.907  2.115   -8.954  1.00 11.71 ? 122 ASN A CA  1 
ATOM   711  C C   . ASN A 1 89  ? -1.499  2.515   -8.542  1.00 12.77 ? 122 ASN A C   1 
ATOM   712  O O   . ASN A 1 89  ? -1.046  3.620   -8.844  1.00 13.81 ? 122 ASN A O   1 
ATOM   713  C CB  . ASN A 1 89  ? -2.975  1.909   -10.470 1.00 12.99 ? 122 ASN A CB  1 
ATOM   714  C CG  . ASN A 1 89  ? -4.353  1.495   -10.939 1.00 14.61 ? 122 ASN A CG  1 
ATOM   715  O OD1 . ASN A 1 89  ? -5.074  0.790   -10.234 1.00 15.87 ? 122 ASN A OD1 1 
ATOM   716  N ND2 . ASN A 1 89  ? -4.720  1.915   -12.145 1.00 17.00 ? 122 ASN A ND2 1 
ATOM   717  N N   . LEU A 1 90  ? -0.816  1.625   -7.834  1.00 10.69 ? 123 LEU A N   1 
ATOM   718  C CA  . LEU A 1 90  ? 0.535   1.907   -7.378  1.00 11.45 ? 123 LEU A CA  1 
ATOM   719  C C   . LEU A 1 90  ? 1.495   0.838   -7.877  1.00 10.43 ? 123 LEU A C   1 
ATOM   720  O O   . LEU A 1 90  ? 1.277   -0.355  -7.664  1.00 12.29 ? 123 LEU A O   1 
ATOM   721  C CB  . LEU A 1 90  ? 0.560   1.970   -5.847  1.00 10.38 ? 123 LEU A CB  1 
ATOM   722  C CG  . LEU A 1 90  ? 1.905   2.208   -5.150  1.00 11.02 ? 123 LEU A CG  1 
ATOM   723  C CD1 . LEU A 1 90  ? 2.527   3.506   -5.631  1.00 12.10 ? 123 LEU A CD1 1 
ATOM   724  C CD2 . LEU A 1 90  ? 1.683   2.248   -3.642  1.00 14.66 ? 123 LEU A CD2 1 
ATOM   725  N N   . ARG A 1 91  ? 2.556   1.275   -8.548  1.00 9.16  ? 124 ARG A N   1 
ATOM   726  C CA  . ARG A 1 91  ? 3.554   0.360   -9.085  1.00 10.55 ? 124 ARG A CA  1 
ATOM   727  C C   . ARG A 1 91  ? 4.932   0.611   -8.485  1.00 9.91  ? 124 ARG A C   1 
ATOM   728  O O   . ARG A 1 91  ? 5.329   1.757   -8.281  1.00 8.89  ? 124 ARG A O   1 
ATOM   729  C CB  . ARG A 1 91  ? 3.627   0.523   -10.601 1.00 13.20 ? 124 ARG A CB  1 
ATOM   730  C CG  . ARG A 1 91  ? 4.758   -0.234  -11.254 1.00 17.04 ? 124 ARG A CG  1 
ATOM   731  C CD  . ARG A 1 91  ? 4.696   -0.062  -12.763 1.00 20.01 ? 124 ARG A CD  1 
ATOM   732  N NE  . ARG A 1 91  ? 3.418   -0.467  -13.352 1.00 24.21 ? 124 ARG A NE  1 
ATOM   733  C CZ  . ARG A 1 91  ? 3.230   -1.599  -14.023 1.00 24.52 ? 124 ARG A CZ  1 
ATOM   734  N NH1 . ARG A 1 91  ? 4.239   -2.435  -14.181 1.00 28.87 ? 124 ARG A NH1 1 
ATOM   735  N NH2 . ARG A 1 91  ? 2.050   -1.881  -14.572 1.00 26.46 ? 124 ARG A NH2 1 
ATOM   736  N N   . PHE A 1 92  ? 5.639   -0.475  -8.186  1.00 9.61  ? 125 PHE A N   1 
ATOM   737  C CA  . PHE A 1 92  ? 6.997   -0.420  -7.648  1.00 9.19  ? 125 PHE A CA  1 
ATOM   738  C C   . PHE A 1 92  ? 7.864   -1.032  -8.738  1.00 9.30  ? 125 PHE A C   1 
ATOM   739  O O   . PHE A 1 92  ? 7.649   -2.185  -9.133  1.00 9.56  ? 125 PHE A O   1 
ATOM   740  C CB  . PHE A 1 92  ? 7.125   -1.274  -6.383  1.00 8.64  ? 125 PHE A CB  1 
ATOM   741  C CG  . PHE A 1 92  ? 6.238   -0.834  -5.256  1.00 8.72  ? 125 PHE A CG  1 
ATOM   742  C CD1 . PHE A 1 92  ? 6.722   0.002   -4.257  1.00 10.58 ? 125 PHE A CD1 1 
ATOM   743  C CD2 . PHE A 1 92  ? 4.914   -1.256  -5.199  1.00 10.24 ? 125 PHE A CD2 1 
ATOM   744  C CE1 . PHE A 1 92  ? 5.900   0.413   -3.213  1.00 9.46  ? 125 PHE A CE1 1 
ATOM   745  C CE2 . PHE A 1 92  ? 4.082   -0.851  -4.159  1.00 10.91 ? 125 PHE A CE2 1 
ATOM   746  C CZ  . PHE A 1 92  ? 4.575   -0.015  -3.166  1.00 9.99  ? 125 PHE A CZ  1 
ATOM   747  N N   . TYR A 1 93  ? 8.832   -0.270  -9.239  1.00 9.55  ? 126 TYR A N   1 
ATOM   748  C CA  . TYR A 1 93  ? 9.698   -0.783  -10.293 1.00 10.15 ? 126 TYR A CA  1 
ATOM   749  C C   . TYR A 1 93  ? 10.612  -1.894  -9.781  1.00 11.28 ? 126 TYR A C   1 
ATOM   750  O O   . TYR A 1 93  ? 11.105  -1.850  -8.656  1.00 10.89 ? 126 TYR A O   1 
ATOM   751  C CB  . TYR A 1 93  ? 10.528  0.350   -10.904 1.00 11.05 ? 126 TYR A CB  1 
ATOM   752  C CG  . TYR A 1 93  ? 9.698   1.475   -11.492 1.00 9.35  ? 126 TYR A CG  1 
ATOM   753  C CD1 . TYR A 1 93  ? 8.524   1.209   -12.197 1.00 11.82 ? 126 TYR A CD1 1 
ATOM   754  C CD2 . TYR A 1 93  ? 10.102  2.804   -11.364 1.00 12.11 ? 126 TYR A CD2 1 
ATOM   755  C CE1 . TYR A 1 93  ? 7.770   2.241   -12.761 1.00 11.76 ? 126 TYR A CE1 1 
ATOM   756  C CE2 . TYR A 1 93  ? 9.354   3.844   -11.927 1.00 12.30 ? 126 TYR A CE2 1 
ATOM   757  C CZ  . TYR A 1 93  ? 8.193   3.553   -12.621 1.00 12.20 ? 126 TYR A CZ  1 
ATOM   758  O OH  . TYR A 1 93  ? 7.446   4.573   -13.169 1.00 14.57 ? 126 TYR A OH  1 
ATOM   759  N N   . ARG A 1 94  ? 10.823  -2.887  -10.635 1.00 11.03 ? 127 ARG A N   1 
ATOM   760  C CA  . ARG A 1 94  ? 11.635  -4.056  -10.322 1.00 11.48 ? 127 ARG A CA  1 
ATOM   761  C C   . ARG A 1 94  ? 12.962  -3.804  -9.609  1.00 11.51 ? 127 ARG A C   1 
ATOM   762  O O   . ARG A 1 94  ? 13.184  -4.298  -8.501  1.00 10.37 ? 127 ARG A O   1 
ATOM   763  C CB  . ARG A 1 94  ? 11.897  -4.834  -11.618 1.00 12.85 ? 127 ARG A CB  1 
ATOM   764  C CG  . ARG A 1 94  ? 12.401  -6.262  -11.451 1.00 15.56 ? 127 ARG A CG  1 
ATOM   765  C CD  . ARG A 1 94  ? 13.853  -6.337  -11.013 1.00 17.40 ? 127 ARG A CD  1 
ATOM   766  N NE  . ARG A 1 94  ? 14.364  -7.708  -11.068 1.00 18.04 ? 127 ARG A NE  1 
ATOM   767  C CZ  . ARG A 1 94  ? 14.951  -8.252  -12.129 1.00 19.69 ? 127 ARG A CZ  1 
ATOM   768  N NH1 . ARG A 1 94  ? 15.112  -7.545  -13.240 1.00 20.28 ? 127 ARG A NH1 1 
ATOM   769  N NH2 . ARG A 1 94  ? 15.380  -9.508  -12.080 1.00 19.67 ? 127 ARG A NH2 1 
ATOM   770  N N   . ASP A 1 95  ? 13.850  -3.045  -10.241 1.00 11.82 ? 128 ASP A N   1 
ATOM   771  C CA  . ASP A 1 95  ? 15.169  -2.818  -9.668  1.00 12.19 ? 128 ASP A CA  1 
ATOM   772  C C   . ASP A 1 95  ? 15.261  -2.395  -8.211  1.00 13.07 ? 128 ASP A C   1 
ATOM   773  O O   . ASP A 1 95  ? 15.943  -3.051  -7.421  1.00 13.84 ? 128 ASP A O   1 
ATOM   774  C CB  . ASP A 1 95  ? 15.969  -1.837  -10.529 1.00 13.12 ? 128 ASP A CB  1 
ATOM   775  C CG  . ASP A 1 95  ? 16.706  -2.528  -11.654 1.00 14.66 ? 128 ASP A CG  1 
ATOM   776  O OD1 . ASP A 1 95  ? 17.639  -1.919  -12.216 1.00 14.86 ? 128 ASP A OD1 1 
ATOM   777  O OD2 . ASP A 1 95  ? 16.349  -3.683  -11.973 1.00 17.23 ? 128 ASP A OD2 1 
ATOM   778  N N   . LYS A 1 96  ? 14.590  -1.309  -7.843  1.00 11.47 ? 129 LYS A N   1 
ATOM   779  C CA  . LYS A 1 96  ? 14.674  -0.854  -6.464  1.00 11.47 ? 129 LYS A CA  1 
ATOM   780  C C   . LYS A 1 96  ? 13.788  -1.629  -5.496  1.00 12.01 ? 129 LYS A C   1 
ATOM   781  O O   . LYS A 1 96  ? 13.839  -1.410  -4.282  1.00 11.91 ? 129 LYS A O   1 
ATOM   782  C CB  . LYS A 1 96  ? 14.409  0.656   -6.387  1.00 11.11 ? 129 LYS A CB  1 
ATOM   783  C CG  . LYS A 1 96  ? 15.550  1.472   -7.006  1.00 12.32 ? 129 LYS A CG  1 
ATOM   784  C CD  . LYS A 1 96  ? 15.501  2.950   -6.652  1.00 14.59 ? 129 LYS A CD  1 
ATOM   785  C CE  . LYS A 1 96  ? 16.706  3.677   -7.247  1.00 18.89 ? 129 LYS A CE  1 
ATOM   786  N NZ  . LYS A 1 96  ? 16.810  5.101   -6.817  1.00 21.29 ? 129 LYS A NZ  1 
ATOM   787  N N   . ALA A 1 97  ? 12.996  -2.556  -6.026  1.00 10.66 ? 130 ALA A N   1 
ATOM   788  C CA  . ALA A 1 97  ? 12.135  -3.377  -5.184  1.00 10.43 ? 130 ALA A CA  1 
ATOM   789  C C   . ALA A 1 97  ? 12.842  -4.680  -4.805  1.00 11.10 ? 130 ALA A C   1 
ATOM   790  O O   . ALA A 1 97  ? 12.443  -5.358  -3.860  1.00 11.34 ? 130 ALA A O   1 
ATOM   791  C CB  . ALA A 1 97  ? 10.824  -3.677  -5.900  1.00 9.96  ? 130 ALA A CB  1 
ATOM   792  N N   . ARG A 1 98  ? 13.894  -5.037  -5.540  1.00 11.23 ? 131 ARG A N   1 
ATOM   793  C CA  . ARG A 1 98  ? 14.625  -6.265  -5.238  1.00 10.52 ? 131 ARG A CA  1 
ATOM   794  C C   . ARG A 1 98  ? 15.196  -6.209  -3.822  1.00 10.89 ? 131 ARG A C   1 
ATOM   795  O O   . ARG A 1 98  ? 15.908  -5.268  -3.475  1.00 10.89 ? 131 ARG A O   1 
ATOM   796  C CB  . ARG A 1 98  ? 15.779  -6.470  -6.224  1.00 10.55 ? 131 ARG A CB  1 
ATOM   797  C CG  . ARG A 1 98  ? 15.359  -6.563  -7.678  1.00 11.68 ? 131 ARG A CG  1 
ATOM   798  C CD  . ARG A 1 98  ? 16.558  -6.870  -8.567  1.00 12.06 ? 131 ARG A CD  1 
ATOM   799  N NE  . ARG A 1 98  ? 17.078  -8.214  -8.334  1.00 12.90 ? 131 ARG A NE  1 
ATOM   800  C CZ  . ARG A 1 98  ? 18.183  -8.696  -8.895  1.00 15.64 ? 131 ARG A CZ  1 
ATOM   801  N NH1 . ARG A 1 98  ? 18.888  -7.941  -9.729  1.00 18.15 ? 131 ARG A NH1 1 
ATOM   802  N NH2 . ARG A 1 98  ? 18.584  -9.931  -8.624  1.00 14.93 ? 131 ARG A NH2 1 
ATOM   803  N N   . PHE A 1 99  ? 14.879  -7.223  -3.017  1.00 10.77 ? 132 PHE A N   1 
ATOM   804  C CA  . PHE A 1 99  ? 15.369  -7.329  -1.642  1.00 10.42 ? 132 PHE A CA  1 
ATOM   805  C C   . PHE A 1 99  ? 15.046  -6.100  -0.800  1.00 10.51 ? 132 PHE A C   1 
ATOM   806  O O   . PHE A 1 99  ? 15.761  -5.775  0.152   1.00 11.57 ? 132 PHE A O   1 
ATOM   807  C CB  . PHE A 1 99  ? 16.886  -7.556  -1.642  1.00 11.17 ? 132 PHE A CB  1 
ATOM   808  C CG  . PHE A 1 99  ? 17.336  -8.652  -2.566  1.00 11.97 ? 132 PHE A CG  1 
ATOM   809  C CD1 . PHE A 1 99  ? 17.987  -8.352  -3.760  1.00 12.55 ? 132 PHE A CD1 1 
ATOM   810  C CD2 . PHE A 1 99  ? 17.091  -9.982  -2.254  1.00 13.69 ? 132 PHE A CD2 1 
ATOM   811  C CE1 . PHE A 1 99  ? 18.383  -9.366  -4.632  1.00 14.33 ? 132 PHE A CE1 1 
ATOM   812  C CE2 . PHE A 1 99  ? 17.483  -11.004 -3.118  1.00 13.80 ? 132 PHE A CE2 1 
ATOM   813  C CZ  . PHE A 1 99  ? 18.130  -10.695 -4.307  1.00 13.55 ? 132 PHE A CZ  1 
ATOM   814  N N   . THR A 1 100 ? 13.949  -5.433  -1.138  1.00 9.39  ? 133 THR A N   1 
ATOM   815  C CA  . THR A 1 100 ? 13.565  -4.218  -0.438  1.00 9.15  ? 133 THR A CA  1 
ATOM   816  C C   . THR A 1 100 ? 12.098  -4.231  -0.024  1.00 10.46 ? 133 THR A C   1 
ATOM   817  O O   . THR A 1 100 ? 11.227  -4.614  -0.806  1.00 10.72 ? 133 THR A O   1 
ATOM   818  C CB  . THR A 1 100 ? 13.839  -2.988  -1.341  1.00 10.26 ? 133 THR A CB  1 
ATOM   819  O OG1 . THR A 1 100 ? 15.229  -2.965  -1.699  1.00 10.63 ? 133 THR A OG1 1 
ATOM   820  C CG2 . THR A 1 100 ? 13.493  -1.693  -0.623  1.00 10.42 ? 133 THR A CG2 1 
ATOM   821  N N   . SER A 1 101 ? 11.827  -3.806  1.208   1.00 9.95  ? 134 SER A N   1 
ATOM   822  C CA  . SER A 1 101 ? 10.456  -3.764  1.699   1.00 9.32  ? 134 SER A CA  1 
ATOM   823  C C   . SER A 1 101 ? 9.923   -2.340  1.677   1.00 9.15  ? 134 SER A C   1 
ATOM   824  O O   . SER A 1 101 ? 10.682  -1.378  1.807   1.00 9.90  ? 134 SER A O   1 
ATOM   825  C CB  . SER A 1 101 ? 10.375  -4.318  3.124   1.00 10.50 ? 134 SER A CB  1 
ATOM   826  O OG  . SER A 1 101 ? 11.100  -3.509  4.030   1.00 10.31 ? 134 SER A OG  1 
ATOM   827  N N   . PHE A 1 102 ? 8.611   -2.217  1.500   1.00 9.40  ? 135 PHE A N   1 
ATOM   828  C CA  . PHE A 1 102 ? 7.956   -0.918  1.474   1.00 9.10  ? 135 PHE A CA  1 
ATOM   829  C C   . PHE A 1 102 ? 6.719   -0.950  2.357   1.00 9.77  ? 135 PHE A C   1 
ATOM   830  O O   . PHE A 1 102 ? 5.878   -1.833  2.207   1.00 10.17 ? 135 PHE A O   1 
ATOM   831  C CB  . PHE A 1 102 ? 7.460   -0.567  0.063   1.00 9.69  ? 135 PHE A CB  1 
ATOM   832  C CG  . PHE A 1 102 ? 8.530   -0.548  -0.992  1.00 9.30  ? 135 PHE A CG  1 
ATOM   833  C CD1 . PHE A 1 102 ? 9.079   0.658   -1.420  1.00 9.48  ? 135 PHE A CD1 1 
ATOM   834  C CD2 . PHE A 1 102 ? 8.973   -1.733  -1.576  1.00 10.16 ? 135 PHE A CD2 1 
ATOM   835  C CE1 . PHE A 1 102 ? 10.056  0.684   -2.422  1.00 10.36 ? 135 PHE A CE1 1 
ATOM   836  C CE2 . PHE A 1 102 ? 9.945   -1.717  -2.574  1.00 10.60 ? 135 PHE A CE2 1 
ATOM   837  C CZ  . PHE A 1 102 ? 10.487  -0.507  -2.996  1.00 10.44 ? 135 PHE A CZ  1 
ATOM   838  N N   . ILE A 1 103 ? 6.612   -0.012  3.289   1.00 10.14 ? 136 ILE A N   1 
ATOM   839  C CA  . ILE A 1 103 ? 5.392   0.085   4.073   1.00 9.13  ? 136 ILE A CA  1 
ATOM   840  C C   . ILE A 1 103 ? 4.838   1.432   3.632   1.00 9.32  ? 136 ILE A C   1 
ATOM   841  O O   . ILE A 1 103 ? 5.436   2.482   3.882   1.00 9.89  ? 136 ILE A O   1 
ATOM   842  C CB  . ILE A 1 103 ? 5.633   0.071   5.587   1.00 9.01  ? 136 ILE A CB  1 
ATOM   843  C CG1 . ILE A 1 103 ? 6.095   -1.328  6.009   1.00 11.35 ? 136 ILE A CG1 1 
ATOM   844  C CG2 . ILE A 1 103 ? 4.336   0.430   6.323   1.00 11.15 ? 136 ILE A CG2 1 
ATOM   845  C CD1 . ILE A 1 103 ? 6.428   -1.457  7.480   1.00 14.33 ? 136 ILE A CD1 1 
ATOM   846  N N   . VAL A 1 104 ? 3.716   1.387   2.928   1.00 9.15  ? 137 VAL A N   1 
ATOM   847  C CA  . VAL A 1 104 ? 3.086   2.596   2.424   1.00 10.11 ? 137 VAL A CA  1 
ATOM   848  C C   . VAL A 1 104 ? 2.000   3.008   3.391   1.00 9.19  ? 137 VAL A C   1 
ATOM   849  O O   . VAL A 1 104 ? 1.080   2.240   3.666   1.00 10.51 ? 137 VAL A O   1 
ATOM   850  C CB  . VAL A 1 104 ? 2.452   2.365   1.030   1.00 9.89  ? 137 VAL A CB  1 
ATOM   851  C CG1 . VAL A 1 104 ? 1.967   3.688   0.448   1.00 11.37 ? 137 VAL A CG1 1 
ATOM   852  C CG2 . VAL A 1 104 ? 3.466   1.716   0.099   1.00 11.75 ? 137 VAL A CG2 1 
ATOM   853  N N   . ARG A 1 105 ? 2.124   4.220   3.913   1.00 9.35  ? 138 ARG A N   1 
ATOM   854  C CA  . ARG A 1 105 ? 1.146   4.748   4.846   1.00 9.56  ? 138 ARG A CA  1 
ATOM   855  C C   . ARG A 1 105 ? 0.357   5.867   4.185   1.00 9.47  ? 138 ARG A C   1 
ATOM   856  O O   . ARG A 1 105 ? 0.925   6.722   3.514   1.00 10.15 ? 138 ARG A O   1 
ATOM   857  C CB  . ARG A 1 105 ? 1.839   5.314   6.094   1.00 9.70  ? 138 ARG A CB  1 
ATOM   858  C CG  . ARG A 1 105 ? 2.478   4.276   7.018   1.00 10.59 ? 138 ARG A CG  1 
ATOM   859  C CD  . ARG A 1 105 ? 3.143   4.967   8.206   1.00 10.40 ? 138 ARG A CD  1 
ATOM   860  N NE  . ARG A 1 105 ? 3.593   4.022   9.230   1.00 11.48 ? 138 ARG A NE  1 
ATOM   861  C CZ  . ARG A 1 105 ? 4.671   3.250   9.126   1.00 13.13 ? 138 ARG A CZ  1 
ATOM   862  N NH1 . ARG A 1 105 ? 5.435   3.302   8.043   1.00 11.38 ? 138 ARG A NH1 1 
ATOM   863  N NH2 . ARG A 1 105 ? 4.984   2.415   10.111  1.00 13.84 ? 138 ARG A NH2 1 
ATOM   864  N N   . TYR A 1 106 ? -0.958  5.844   4.360   1.00 9.44  ? 139 TYR A N   1 
ATOM   865  C CA  . TYR A 1 106 ? -1.811  6.901   3.838   1.00 9.23  ? 139 TYR A CA  1 
ATOM   866  C C   . TYR A 1 106 ? -3.091  6.897   4.645   1.00 9.79  ? 139 TYR A C   1 
ATOM   867  O O   . TYR A 1 106 ? -3.417  5.910   5.307   1.00 10.15 ? 139 TYR A O   1 
ATOM   868  C CB  . TYR A 1 106 ? -2.099  6.713   2.339   1.00 9.68  ? 139 TYR A CB  1 
ATOM   869  C CG  . TYR A 1 106 ? -2.959  5.523   1.980   1.00 10.30 ? 139 TYR A CG  1 
ATOM   870  C CD1 . TYR A 1 106 ? -4.353  5.625   1.939   1.00 9.31  ? 139 TYR A CD1 1 
ATOM   871  C CD2 . TYR A 1 106 ? -2.377  4.293   1.663   1.00 10.54 ? 139 TYR A CD2 1 
ATOM   872  C CE1 . TYR A 1 106 ? -5.143  4.532   1.587   1.00 11.21 ? 139 TYR A CE1 1 
ATOM   873  C CE2 . TYR A 1 106 ? -3.157  3.195   1.312   1.00 10.18 ? 139 TYR A CE2 1 
ATOM   874  C CZ  . TYR A 1 106 ? -4.537  3.320   1.275   1.00 10.01 ? 139 TYR A CZ  1 
ATOM   875  O OH  . TYR A 1 106 ? -5.311  2.237   0.931   1.00 12.80 ? 139 TYR A OH  1 
ATOM   876  N N   . THR A 1 107 ? -3.817  8.007   4.604   1.00 10.13 ? 140 THR A N   1 
ATOM   877  C CA  . THR A 1 107 ? -5.056  8.097   5.352   1.00 10.23 ? 140 THR A CA  1 
ATOM   878  C C   . THR A 1 107 ? -6.226  8.437   4.461   1.00 11.35 ? 140 THR A C   1 
ATOM   879  O O   . THR A 1 107 ? -6.064  8.864   3.319   1.00 11.05 ? 140 THR A O   1 
ATOM   880  C CB  . THR A 1 107 ? -4.990  9.191   6.432   1.00 10.98 ? 140 THR A CB  1 
ATOM   881  O OG1 . THR A 1 107 ? -4.602  10.432  5.828   1.00 12.75 ? 140 THR A OG1 1 
ATOM   882  C CG2 . THR A 1 107 ? -3.995  8.815   7.515   1.00 10.85 ? 140 THR A CG2 1 
ATOM   883  N N   . SER A 1 108 ? -7.413  8.220   5.002   1.00 12.14 ? 141 SER A N   1 
ATOM   884  C CA  . SER A 1 108 ? -8.638  8.561   4.316   1.00 13.44 ? 141 SER A CA  1 
ATOM   885  C C   . SER A 1 108 ? -9.481  9.247   5.362   1.00 13.62 ? 141 SER A C   1 
ATOM   886  O O   . SER A 1 108 ? -9.414  8.907   6.543   1.00 13.65 ? 141 SER A O   1 
ATOM   887  C CB  . SER A 1 108 ? -9.342  7.317   3.789   1.00 14.72 ? 141 SER A CB  1 
ATOM   888  O OG  . SER A 1 108 ? -8.619  6.794   2.694   1.00 19.31 ? 141 SER A OG  1 
ATOM   889  N N   . THR A 1 109 ? -10.244 10.240  4.931   1.00 13.35 ? 142 THR A N   1 
ATOM   890  C CA  . THR A 1 109 ? -11.115 10.969  5.834   1.00 14.47 ? 142 THR A CA  1 
ATOM   891  C C   . THR A 1 109 ? -12.434 10.218  5.914   1.00 13.83 ? 142 THR A C   1 
ATOM   892  O O   . THR A 1 109 ? -12.961 9.767   4.895   1.00 14.01 ? 142 THR A O   1 
ATOM   893  C CB  . THR A 1 109 ? -11.376 12.397  5.314   1.00 15.26 ? 142 THR A CB  1 
ATOM   894  O OG1 . THR A 1 109 ? -10.142 13.126  5.282   1.00 17.98 ? 142 THR A OG1 1 
ATOM   895  C CG2 . THR A 1 109 ? -12.371 13.120  6.210   1.00 17.22 ? 142 THR A CG2 1 
ATOM   896  N N   . ILE A 1 110 ? -12.953 10.070  7.127   1.00 14.08 ? 143 ILE A N   1 
ATOM   897  C CA  . ILE A 1 110 ? -14.217 9.381   7.335   1.00 13.46 ? 143 ILE A CA  1 
ATOM   898  C C   . ILE A 1 110 ? -15.348 10.377  7.101   1.00 14.00 ? 143 ILE A C   1 
ATOM   899  O O   . ILE A 1 110 ? -15.379 11.443  7.709   1.00 15.16 ? 143 ILE A O   1 
ATOM   900  C CB  . ILE A 1 110 ? -14.310 8.830   8.770   1.00 14.13 ? 143 ILE A CB  1 
ATOM   901  C CG1 . ILE A 1 110 ? -13.197 7.802   8.998   1.00 14.34 ? 143 ILE A CG1 1 
ATOM   902  C CG2 . ILE A 1 110 ? -15.680 8.210   8.999   1.00 15.11 ? 143 ILE A CG2 1 
ATOM   903  C CD1 . ILE A 1 110 ? -13.091 7.302   10.430  1.00 14.99 ? 143 ILE A CD1 1 
ATOM   904  N N   . THR A 1 111 ? -16.265 10.026  6.205   1.00 14.19 ? 144 THR A N   1 
ATOM   905  C CA  . THR A 1 111 ? -17.395 10.892  5.887   1.00 14.95 ? 144 THR A CA  1 
ATOM   906  C C   . THR A 1 111 ? -18.515 10.723  6.910   1.00 14.80 ? 144 THR A C   1 
ATOM   907  O O   . THR A 1 111 ? -18.457 9.845   7.773   1.00 13.99 ? 144 THR A O   1 
ATOM   908  C CB  . THR A 1 111 ? -17.971 10.558  4.498   1.00 14.60 ? 144 THR A CB  1 
ATOM   909  O OG1 . THR A 1 111 ? -18.496 9.224   4.513   1.00 14.98 ? 144 THR A OG1 1 
ATOM   910  C CG2 . THR A 1 111 ? -16.890 10.668  3.428   1.00 15.85 ? 144 THR A CG2 1 
ATOM   911  N N   . GLU A 1 112 ? -19.533 11.573  6.816   1.00 15.93 ? 145 GLU A N   1 
ATOM   912  C CA  . GLU A 1 112 ? -20.675 11.488  7.721   1.00 17.17 ? 145 GLU A CA  1 
ATOM   913  C C   . GLU A 1 112 ? -21.298 10.097  7.617   1.00 16.74 ? 145 GLU A C   1 
ATOM   914  O O   . GLU A 1 112 ? -21.598 9.466   8.630   1.00 16.84 ? 145 GLU A O   1 
ATOM   915  C CB  . GLU A 1 112 ? -21.710 12.561  7.366   1.00 18.61 ? 145 GLU A CB  1 
ATOM   916  C CG  . GLU A 1 112 ? -23.044 12.462  8.109   1.00 20.86 ? 145 GLU A CG  1 
ATOM   917  C CD  . GLU A 1 112 ? -22.902 12.493  9.622   1.00 21.45 ? 145 GLU A CD  1 
ATOM   918  O OE1 . GLU A 1 112 ? -21.947 13.123  10.124  1.00 23.48 ? 145 GLU A OE1 1 
ATOM   919  O OE2 . GLU A 1 112 ? -23.759 11.898  10.313  1.00 21.91 ? 145 GLU A OE2 1 
ATOM   920  N N   . ALA A 1 113 ? -21.485 9.616   6.391   1.00 15.76 ? 146 ALA A N   1 
ATOM   921  C CA  . ALA A 1 113 ? -22.063 8.293   6.192   1.00 15.89 ? 146 ALA A CA  1 
ATOM   922  C C   . ALA A 1 113 ? -21.121 7.234   6.758   1.00 16.39 ? 146 ALA A C   1 
ATOM   923  O O   . ALA A 1 113 ? -21.560 6.256   7.357   1.00 15.79 ? 146 ALA A O   1 
ATOM   924  C CB  . ALA A 1 113 ? -22.309 8.043   4.704   1.00 15.82 ? 146 ALA A CB  1 
ATOM   925  N N   . GLY A 1 114 ? -19.821 7.443   6.574   1.00 16.71 ? 147 GLY A N   1 
ATOM   926  C CA  . GLY A 1 114 ? -18.842 6.494   7.074   1.00 16.63 ? 147 GLY A CA  1 
ATOM   927  C C   . GLY A 1 114 ? -18.873 6.330   8.581   1.00 17.10 ? 147 GLY A C   1 
ATOM   928  O O   . GLY A 1 114 ? -18.622 5.243   9.100   1.00 17.86 ? 147 GLY A O   1 
ATOM   929  N N   . GLN A 1 115 ? -19.173 7.415   9.287   1.00 16.91 ? 148 GLN A N   1 
ATOM   930  C CA  . GLN A 1 115 ? -19.237 7.396   10.744  1.00 18.96 ? 148 GLN A CA  1 
ATOM   931  C C   . GLN A 1 115 ? -20.234 6.367   11.259  1.00 17.79 ? 148 GLN A C   1 
ATOM   932  O O   . GLN A 1 115 ? -20.099 5.856   12.373  1.00 18.21 ? 148 GLN A O   1 
ATOM   933  C CB  . GLN A 1 115 ? -19.628 8.783   11.262  1.00 21.88 ? 148 GLN A CB  1 
ATOM   934  C CG  . GLN A 1 115 ? -18.502 9.791   11.200  1.00 26.82 ? 148 GLN A CG  1 
ATOM   935  C CD  . GLN A 1 115 ? -17.415 9.485   12.207  1.00 29.59 ? 148 GLN A CD  1 
ATOM   936  O OE1 . GLN A 1 115 ? -16.279 9.934   12.069  1.00 32.81 ? 148 GLN A OE1 1 
ATOM   937  N NE2 . GLN A 1 115 ? -17.765 8.721   13.236  1.00 32.01 ? 148 GLN A NE2 1 
ATOM   938  N N   . HIS A 1 116 ? -21.221 6.049   10.433  1.00 16.21 ? 149 HIS A N   1 
ATOM   939  C CA  . HIS A 1 116 ? -22.268 5.113   10.818  1.00 16.56 ? 149 HIS A CA  1 
ATOM   940  C C   . HIS A 1 116 ? -22.072 3.688   10.313  1.00 16.66 ? 149 HIS A C   1 
ATOM   941  O O   . HIS A 1 116 ? -22.943 2.831   10.490  1.00 17.93 ? 149 HIS A O   1 
ATOM   942  C CB  . HIS A 1 116 ? -23.608 5.675   10.350  1.00 17.09 ? 149 HIS A CB  1 
ATOM   943  C CG  . HIS A 1 116 ? -23.833 7.091   10.784  1.00 17.87 ? 149 HIS A CG  1 
ATOM   944  N ND1 . HIS A 1 116 ? -24.119 7.426   12.093  1.00 20.92 ? 149 HIS A ND1 1 
ATOM   945  C CD2 . HIS A 1 116 ? -23.741 8.254   10.111  1.00 17.73 ? 149 HIS A CD2 1 
ATOM   946  C CE1 . HIS A 1 116 ? -24.194 8.741   12.198  1.00 19.34 ? 149 HIS A CE1 1 
ATOM   947  N NE2 . HIS A 1 116 ? -23.967 9.270   11.010  1.00 18.95 ? 149 HIS A NE2 1 
ATOM   948  N N   . GLN A 1 117 ? -20.929 3.427   9.690   1.00 15.19 ? 150 GLN A N   1 
ATOM   949  C CA  . GLN A 1 117 ? -20.649 2.091   9.190   1.00 15.76 ? 150 GLN A CA  1 
ATOM   950  C C   . GLN A 1 117 ? -20.078 1.227   10.308  1.00 16.06 ? 150 GLN A C   1 
ATOM   951  O O   . GLN A 1 117 ? -19.456 1.738   11.241  1.00 16.31 ? 150 GLN A O   1 
ATOM   952  C CB  . GLN A 1 117 ? -19.656 2.154   8.024   1.00 15.61 ? 150 GLN A CB  1 
ATOM   953  C CG  . GLN A 1 117 ? -20.220 2.841   6.802   1.00 15.48 ? 150 GLN A CG  1 
ATOM   954  C CD  . GLN A 1 117 ? -19.246 2.893   5.639   1.00 15.96 ? 150 GLN A CD  1 
ATOM   955  O OE1 . GLN A 1 117 ? -19.568 3.430   4.581   1.00 16.53 ? 150 GLN A OE1 1 
ATOM   956  N NE2 . GLN A 1 117 ? -18.052 2.338   5.828   1.00 14.97 ? 150 GLN A NE2 1 
ATOM   957  N N   . ALA A 1 118 ? -20.293 -0.081  10.211  1.00 16.09 ? 151 ALA A N   1 
ATOM   958  C CA  . ALA A 1 118 ? -19.782 -1.011  11.204  1.00 15.53 ? 151 ALA A CA  1 
ATOM   959  C C   . ALA A 1 118 ? -18.278 -1.198  11.022  1.00 15.33 ? 151 ALA A C   1 
ATOM   960  O O   . ALA A 1 118 ? -17.549 -1.436  11.985  1.00 14.60 ? 151 ALA A O   1 
ATOM   961  C CB  . ALA A 1 118 ? -20.495 -2.342  11.071  1.00 16.65 ? 151 ALA A CB  1 
ATOM   962  N N   . THR A 1 119 ? -17.834 -1.074  9.776   1.00 13.80 ? 152 THR A N   1 
ATOM   963  C CA  . THR A 1 119 ? -16.427 -1.229  9.426   1.00 14.28 ? 152 THR A CA  1 
ATOM   964  C C   . THR A 1 119 ? -16.042 -0.357  8.232   1.00 13.42 ? 152 THR A C   1 
ATOM   965  O O   . THR A 1 119 ? -16.894 0.209   7.552   1.00 13.52 ? 152 THR A O   1 
ATOM   966  C CB  . THR A 1 119 ? -16.112 -2.655  8.985   1.00 15.92 ? 152 THR A CB  1 
ATOM   967  O OG1 . THR A 1 119 ? -16.715 -2.884  7.703   1.00 16.35 ? 152 THR A OG1 1 
ATOM   968  C CG2 . THR A 1 119 ? -16.657 -3.665  9.973   1.00 16.06 ? 152 THR A CG2 1 
ATOM   969  N N   . PHE A 1 120 ? -14.736 -0.269  7.993   1.00 12.38 ? 153 PHE A N   1 
ATOM   970  C CA  . PHE A 1 120 ? -14.175 0.454   6.855   1.00 12.04 ? 153 PHE A CA  1 
ATOM   971  C C   . PHE A 1 120 ? -13.398 -0.583  6.045   1.00 13.56 ? 153 PHE A C   1 
ATOM   972  O O   . PHE A 1 120 ? -12.665 -1.395  6.606   1.00 14.61 ? 153 PHE A O   1 
ATOM   973  C CB  . PHE A 1 120 ? -13.250 1.587   7.301   1.00 13.34 ? 153 PHE A CB  1 
ATOM   974  C CG  . PHE A 1 120 ? -13.966 2.667   8.041   1.00 13.43 ? 153 PHE A CG  1 
ATOM   975  C CD1 . PHE A 1 120 ? -13.776 2.843   9.404   1.00 13.28 ? 153 PHE A CD1 1 
ATOM   976  C CD2 . PHE A 1 120 ? -14.883 3.473   7.382   1.00 13.37 ? 153 PHE A CD2 1 
ATOM   977  C CE1 . PHE A 1 120 ? -14.496 3.805   10.105  1.00 14.46 ? 153 PHE A CE1 1 
ATOM   978  C CE2 . PHE A 1 120 ? -15.608 4.437   8.060   1.00 13.30 ? 153 PHE A CE2 1 
ATOM   979  C CZ  . PHE A 1 120 ? -15.416 4.609   9.429   1.00 14.35 ? 153 PHE A CZ  1 
ATOM   980  N N   . GLU A 1 121 ? -13.562 -0.560  4.727   1.00 13.05 ? 154 GLU A N   1 
ATOM   981  C CA  . GLU A 1 121 ? -12.896 -1.537  3.866   1.00 15.22 ? 154 GLU A CA  1 
ATOM   982  C C   . GLU A 1 121 ? -12.042 -0.926  2.774   1.00 12.93 ? 154 GLU A C   1 
ATOM   983  O O   . GLU A 1 121 ? -12.209 0.231   2.403   1.00 12.74 ? 154 GLU A O   1 
ATOM   984  C CB  . GLU A 1 121 ? -13.932 -2.431  3.178   1.00 17.23 ? 154 GLU A CB  1 
ATOM   985  C CG  . GLU A 1 121 ? -15.069 -2.862  4.066   1.00 24.70 ? 154 GLU A CG  1 
ATOM   986  C CD  . GLU A 1 121 ? -16.147 -3.607  3.308   1.00 27.53 ? 154 GLU A CD  1 
ATOM   987  O OE1 . GLU A 1 121 ? -17.179 -3.939  3.926   1.00 30.93 ? 154 GLU A OE1 1 
ATOM   988  O OE2 . GLU A 1 121 ? -15.962 -3.860  2.098   1.00 31.63 ? 154 GLU A OE2 1 
ATOM   989  N N   . ASN A 1 122 ? -11.116 -1.729  2.267   1.00 20.29 ? 155 ASN A N   1 
ATOM   990  C CA  . ASN A 1 122 ? -10.264 -1.333  1.160   1.00 20.29 ? 155 ASN A CA  1 
ATOM   991  C C   . ASN A 1 122 ? -9.944  -2.628  0.437   1.00 20.29 ? 155 ASN A C   1 
ATOM   992  O O   . ASN A 1 122 ? -9.577  -3.616  1.068   1.00 20.29 ? 155 ASN A O   1 
ATOM   993  C CB  . ASN A 1 122 ? -8.968  -0.678  1.626   1.00 20.29 ? 155 ASN A CB  1 
ATOM   994  C CG  . ASN A 1 122 ? -8.161  -0.122  0.459   1.00 20.29 ? 155 ASN A CG  1 
ATOM   995  O OD1 . ASN A 1 122 ? -6.935  -0.032  0.506   1.00 20.29 ? 155 ASN A OD1 1 
ATOM   996  N ND2 . ASN A 1 122 ? -8.853  0.252   -0.594  1.00 20.29 ? 155 ASN A ND2 1 
ATOM   997  N N   . SER A 1 123 ? -10.098 -2.623  -0.881  1.00 11.80 ? 156 SER A N   1 
ATOM   998  C CA  . SER A 1 123 ? -9.850  -3.808  -1.684  1.00 11.31 ? 156 SER A CA  1 
ATOM   999  C C   . SER A 1 123 ? -8.658  -3.577  -2.606  1.00 10.55 ? 156 SER A C   1 
ATOM   1000 O O   . SER A 1 123 ? -8.354  -2.445  -2.982  1.00 12.23 ? 156 SER A O   1 
ATOM   1001 C CB  . SER A 1 123 ? -11.095 -4.147  -2.508  1.00 12.95 ? 156 SER A CB  1 
ATOM   1002 O OG  . SER A 1 123 ? -12.203 -4.391  -1.663  1.00 15.00 ? 156 SER A OG  1 
ATOM   1003 N N   . TYR A 1 124 ? -7.981  -4.660  -2.960  1.00 11.39 ? 157 TYR A N   1 
ATOM   1004 C CA  . TYR A 1 124 ? -6.824  -4.559  -3.824  1.00 12.03 ? 157 TYR A CA  1 
ATOM   1005 C C   . TYR A 1 124 ? -6.650  -5.780  -4.708  1.00 13.42 ? 157 TYR A C   1 
ATOM   1006 O O   . TYR A 1 124 ? -7.195  -6.846  -4.437  1.00 12.98 ? 157 TYR A O   1 
ATOM   1007 C CB  . TYR A 1 124 ? -5.556  -4.337  -2.981  1.00 12.51 ? 157 TYR A CB  1 
ATOM   1008 C CG  . TYR A 1 124 ? -5.188  -5.519  -2.104  1.00 12.66 ? 157 TYR A CG  1 
ATOM   1009 C CD1 . TYR A 1 124 ? -4.539  -6.632  -2.640  1.00 11.00 ? 157 TYR A CD1 1 
ATOM   1010 C CD2 . TYR A 1 124 ? -5.516  -5.541  -0.749  1.00 12.12 ? 157 TYR A CD2 1 
ATOM   1011 C CE1 . TYR A 1 124 ? -4.226  -7.741  -1.846  1.00 13.88 ? 157 TYR A CE1 1 
ATOM   1012 C CE2 . TYR A 1 124 ? -5.210  -6.646  0.051   1.00 12.41 ? 157 TYR A CE2 1 
ATOM   1013 C CZ  . TYR A 1 124 ? -4.568  -7.740  -0.504  1.00 13.94 ? 157 TYR A CZ  1 
ATOM   1014 O OH  . TYR A 1 124 ? -4.289  -8.846  0.273   1.00 15.27 ? 157 TYR A OH  1 
ATOM   1015 N N   . ASP A 1 125 ? -5.888  -5.585  -5.776  1.00 13.28 ? 158 ASP A N   1 
ATOM   1016 C CA  . ASP A 1 125 ? -5.544  -6.635  -6.725  1.00 13.78 ? 158 ASP A CA  1 
ATOM   1017 C C   . ASP A 1 125 ? -4.063  -6.371  -6.943  1.00 13.75 ? 158 ASP A C   1 
ATOM   1018 O O   . ASP A 1 125 ? -3.683  -5.294  -7.388  1.00 14.06 ? 158 ASP A O   1 
ATOM   1019 C CB  . ASP A 1 125 ? -6.301  -6.460  -8.036  1.00 17.58 ? 158 ASP A CB  1 
ATOM   1020 C CG  . ASP A 1 125 ? -5.905  -7.490  -9.082  1.00 24.19 ? 158 ASP A CG  1 
ATOM   1021 O OD1 . ASP A 1 125 ? -5.930  -7.143  -10.287 1.00 29.14 ? 158 ASP A OD1 1 
ATOM   1022 O OD2 . ASP A 1 125 ? -5.592  -8.649  -8.714  1.00 28.28 ? 158 ASP A OD2 1 
ATOM   1023 N N   . ILE A 1 126 ? -3.219  -7.333  -6.599  1.00 13.61 ? 159 ILE A N   1 
ATOM   1024 C CA  . ILE A 1 126 ? -1.788  -7.129  -6.770  1.00 12.72 ? 159 ILE A CA  1 
ATOM   1025 C C   . ILE A 1 126 ? -1.171  -8.194  -7.659  1.00 12.39 ? 159 ILE A C   1 
ATOM   1026 O O   . ILE A 1 126 ? -1.510  -9.369  -7.565  1.00 13.26 ? 159 ILE A O   1 
ATOM   1027 C CB  . ILE A 1 126 ? -1.051  -7.111  -5.407  1.00 12.17 ? 159 ILE A CB  1 
ATOM   1028 C CG1 . ILE A 1 126 ? 0.428   -6.782  -5.620  1.00 11.41 ? 159 ILE A CG1 1 
ATOM   1029 C CG2 . ILE A 1 126 ? -1.208  -8.451  -4.703  1.00 13.51 ? 159 ILE A CG2 1 
ATOM   1030 C CD1 . ILE A 1 126 ? 1.215   -6.666  -4.326  1.00 11.46 ? 159 ILE A CD1 1 
ATOM   1031 N N   . ASN A 1 127 ? -0.275  -7.755  -8.540  1.00 12.70 ? 160 ASN A N   1 
ATOM   1032 C CA  . ASN A 1 127 ? 0.437   -8.636  -9.459  1.00 13.18 ? 160 ASN A CA  1 
ATOM   1033 C C   . ASN A 1 127 ? 1.926   -8.529  -9.157  1.00 13.14 ? 160 ASN A C   1 
ATOM   1034 O O   . ASN A 1 127 ? 2.453   -7.428  -9.013  1.00 12.68 ? 160 ASN A O   1 
ATOM   1035 C CB  . ASN A 1 127 ? 0.187   -8.204  -10.910 1.00 16.01 ? 160 ASN A CB  1 
ATOM   1036 C CG  . ASN A 1 127 ? -1.185  -8.611  -11.415 1.00 19.35 ? 160 ASN A CG  1 
ATOM   1037 O OD1 . ASN A 1 127 ? -1.459  -9.798  -11.610 1.00 23.04 ? 160 ASN A OD1 1 
ATOM   1038 N ND2 . ASN A 1 127 ? -2.057  -7.629  -11.624 1.00 22.19 ? 160 ASN A ND2 1 
ATOM   1039 N N   . TYR A 1 128 ? 2.595   -9.672  -9.045  1.00 12.38 ? 161 TYR A N   1 
ATOM   1040 C CA  . TYR A 1 128 ? 4.030   -9.687  -8.777  1.00 13.30 ? 161 TYR A CA  1 
ATOM   1041 C C   . TYR A 1 128 ? 4.617   -11.043 -9.159  1.00 14.77 ? 161 TYR A C   1 
ATOM   1042 O O   . TYR A 1 128 ? 3.881   -11.997 -9.401  1.00 14.56 ? 161 TYR A O   1 
ATOM   1043 C CB  . TYR A 1 128 ? 4.302   -9.380  -7.298  1.00 14.31 ? 161 TYR A CB  1 
ATOM   1044 C CG  . TYR A 1 128 ? 3.788   -10.413 -6.317  1.00 13.12 ? 161 TYR A CG  1 
ATOM   1045 C CD1 . TYR A 1 128 ? 4.569   -11.510 -5.952  1.00 14.70 ? 161 TYR A CD1 1 
ATOM   1046 C CD2 . TYR A 1 128 ? 2.530   -10.278 -5.730  1.00 15.67 ? 161 TYR A CD2 1 
ATOM   1047 C CE1 . TYR A 1 128 ? 4.108   -12.443 -5.020  1.00 14.62 ? 161 TYR A CE1 1 
ATOM   1048 C CE2 . TYR A 1 128 ? 2.060   -11.205 -4.801  1.00 16.06 ? 161 TYR A CE2 1 
ATOM   1049 C CZ  . TYR A 1 128 ? 2.856   -12.282 -4.450  1.00 16.09 ? 161 TYR A CZ  1 
ATOM   1050 O OH  . TYR A 1 128 ? 2.399   -13.188 -3.519  1.00 17.93 ? 161 TYR A OH  1 
ATOM   1051 N N   . GLN A 1 129 ? 5.943   -11.125 -9.225  1.00 16.22 ? 162 GLN A N   1 
ATOM   1052 C CA  . GLN A 1 129 ? 6.596   -12.381 -9.576  1.00 19.06 ? 162 GLN A CA  1 
ATOM   1053 C C   . GLN A 1 129 ? 7.926   -12.523 -8.849  1.00 20.11 ? 162 GLN A C   1 
ATOM   1054 O O   . GLN A 1 129 ? 8.760   -11.619 -8.879  1.00 18.75 ? 162 GLN A O   1 
ATOM   1055 C CB  . GLN A 1 129 ? 6.817   -12.467 -11.091 1.00 20.85 ? 162 GLN A CB  1 
ATOM   1056 C CG  . GLN A 1 129 ? 7.367   -13.813 -11.556 1.00 23.67 ? 162 GLN A CG  1 
ATOM   1057 C CD  . GLN A 1 129 ? 7.354   -13.972 -13.068 1.00 24.86 ? 162 GLN A CD  1 
ATOM   1058 O OE1 . GLN A 1 129 ? 7.748   -15.013 -13.594 1.00 28.81 ? 162 GLN A OE1 1 
ATOM   1059 N NE2 . GLN A 1 129 ? 6.899   -12.942 -13.772 1.00 26.81 ? 162 GLN A NE2 1 
ATOM   1060 N N   . LEU A 1 130 ? 8.112   -13.665 -8.198  1.00 22.18 ? 163 LEU A N   1 
ATOM   1061 C CA  . LEU A 1 130 ? 9.336   -13.938 -7.457  1.00 24.25 ? 163 LEU A CA  1 
ATOM   1062 C C   . LEU A 1 130 ? 10.280  -14.824 -8.261  1.00 26.29 ? 163 LEU A C   1 
ATOM   1063 O O   . LEU A 1 130 ? 9.920   -15.329 -9.325  1.00 26.61 ? 163 LEU A O   1 
ATOM   1064 C CB  . LEU A 1 130 ? 9.006   -14.625 -6.131  1.00 24.33 ? 163 LEU A CB  1 
ATOM   1065 C CG  . LEU A 1 130 ? 7.981   -13.920 -5.238  1.00 24.31 ? 163 LEU A CG  1 
ATOM   1066 C CD1 . LEU A 1 130 ? 7.834   -14.691 -3.935  1.00 25.90 ? 163 LEU A CD1 1 
ATOM   1067 C CD2 . LEU A 1 130 ? 8.424   -12.491 -4.966  1.00 24.06 ? 163 LEU A CD2 1 
ATOM   1068 N N   . ASN A 1 131 ? 11.489  -15.006 -7.740  1.00 28.28 ? 164 ASN A N   1 
ATOM   1069 C CA  . ASN A 1 131 ? 12.499  -15.830 -8.392  1.00 30.78 ? 164 ASN A CA  1 
ATOM   1070 C C   . ASN A 1 131 ? 12.076  -17.285 -8.536  1.00 31.89 ? 164 ASN A C   1 
ATOM   1071 O O   . ASN A 1 131 ? 11.458  -17.860 -7.636  1.00 30.89 ? 164 ASN A O   1 
ATOM   1072 C CB  . ASN A 1 131 ? 13.814  -15.766 -7.610  1.00 32.63 ? 164 ASN A CB  1 
ATOM   1073 C CG  . ASN A 1 131 ? 14.782  -14.751 -8.178  1.00 33.93 ? 164 ASN A CG  1 
ATOM   1074 O OD1 . ASN A 1 131 ? 15.798  -14.437 -7.561  1.00 35.61 ? 164 ASN A OD1 1 
ATOM   1075 N ND2 . ASN A 1 131 ? 14.479  -14.245 -9.367  1.00 36.13 ? 164 ASN A ND2 1 
ATOM   1076 N N   . ASN A 1 132 ? 12.422  -17.874 -9.676  1.00 32.33 ? 165 ASN A N   1 
ATOM   1077 C CA  . ASN A 1 132 ? 12.103  -19.266 -9.963  1.00 33.05 ? 165 ASN A CA  1 
ATOM   1078 C C   . ASN A 1 132 ? 10.628  -19.561 -9.731  1.00 32.89 ? 165 ASN A C   1 
ATOM   1079 O O   . ASN A 1 132 ? 10.264  -20.655 -9.297  1.00 33.43 ? 165 ASN A O   1 
ATOM   1080 C CB  . ASN A 1 132 ? 12.966  -20.185 -9.102  1.00 33.26 ? 165 ASN A CB  1 
ATOM   1081 N N   . GLN A 1 133 ? 9.779   -18.580 -10.019 1.00 32.07 ? 166 GLN A N   1 
ATOM   1082 C CA  . GLN A 1 133 ? 8.343   -18.750 -9.842  1.00 31.07 ? 166 GLN A CA  1 
ATOM   1083 C C   . GLN A 1 133 ? 7.525   -18.078 -10.928 1.00 29.30 ? 166 GLN A C   1 
ATOM   1084 O O   . GLN A 1 133 ? 7.980   -17.134 -11.573 1.00 29.00 ? 166 GLN A O   1 
ATOM   1085 C CB  . GLN A 1 133 ? 7.897   -18.199 -8.487  1.00 32.78 ? 166 GLN A CB  1 
ATOM   1086 C CG  . GLN A 1 133 ? 8.355   -19.027 -7.309  1.00 35.30 ? 166 GLN A CG  1 
ATOM   1087 C CD  . GLN A 1 133 ? 7.443   -18.878 -6.114  1.00 37.05 ? 166 GLN A CD  1 
ATOM   1088 O OE1 . GLN A 1 133 ? 7.547   -19.632 -5.150  1.00 39.68 ? 166 GLN A OE1 1 
ATOM   1089 N NE2 . GLN A 1 133 ? 6.539   -17.905 -6.170  1.00 37.84 ? 166 GLN A NE2 1 
ATOM   1090 N N   . ASP A 1 134 ? 6.310   -18.579 -11.124 1.00 28.00 ? 167 ASP A N   1 
ATOM   1091 C CA  . ASP A 1 134 ? 5.408   -18.015 -12.111 1.00 26.98 ? 167 ASP A CA  1 
ATOM   1092 C C   . ASP A 1 134 ? 4.773   -16.783 -11.477 1.00 25.24 ? 167 ASP A C   1 
ATOM   1093 O O   . ASP A 1 134 ? 4.725   -16.670 -10.253 1.00 25.50 ? 167 ASP A O   1 
ATOM   1094 C CB  . ASP A 1 134 ? 4.334   -19.029 -12.485 1.00 27.83 ? 167 ASP A CB  1 
ATOM   1095 N N   . ALA A 1 135 ? 4.293   -15.867 -12.308 1.00 25.48 ? 168 ALA A N   1 
ATOM   1096 C CA  . ALA A 1 135 ? 3.666   -14.646 -11.815 1.00 23.67 ? 168 ALA A CA  1 
ATOM   1097 C C   . ALA A 1 135 ? 2.519   -14.950 -10.855 1.00 23.59 ? 168 ALA A C   1 
ATOM   1098 O O   . ALA A 1 135 ? 1.822   -15.959 -10.994 1.00 22.83 ? 168 ALA A O   1 
ATOM   1099 C CB  . ALA A 1 135 ? 3.166   -13.811 -12.981 1.00 24.31 ? 168 ALA A CB  1 
ATOM   1100 N N   . THR A 1 136 ? 2.329   -14.064 -9.883  1.00 21.01 ? 169 THR A N   1 
ATOM   1101 C CA  . THR A 1 136 ? 1.275   -14.212 -8.889  1.00 20.98 ? 169 THR A CA  1 
ATOM   1102 C C   . THR A 1 136 ? 0.271   -13.065 -8.979  1.00 19.58 ? 169 THR A C   1 
ATOM   1103 O O   . THR A 1 136 ? 0.641   -11.924 -9.246  1.00 18.31 ? 169 THR A O   1 
ATOM   1104 C CB  . THR A 1 136 ? 1.857   -14.215 -7.455  1.00 22.25 ? 169 THR A CB  1 
ATOM   1105 O OG1 . THR A 1 136 ? 2.767   -15.310 -7.305  1.00 23.27 ? 169 THR A OG1 1 
ATOM   1106 C CG2 . THR A 1 136 ? 0.743   -14.334 -6.423  1.00 23.52 ? 169 THR A CG2 1 
ATOM   1107 N N   . ASN A 1 137 ? -1.001  -13.382 -8.770  1.00 20.94 ? 170 ASN A N   1 
ATOM   1108 C CA  . ASN A 1 137 ? -2.052  -12.373 -8.773  1.00 22.90 ? 170 ASN A CA  1 
ATOM   1109 C C   . ASN A 1 137 ? -2.960  -12.667 -7.590  1.00 23.64 ? 170 ASN A C   1 
ATOM   1110 O O   . ASN A 1 137 ? -3.581  -13.730 -7.518  1.00 25.19 ? 170 ASN A O   1 
ATOM   1111 C CB  . ASN A 1 137 ? -2.861  -12.398 -10.071 1.00 25.06 ? 170 ASN A CB  1 
ATOM   1112 C CG  . ASN A 1 137 ? -4.058  -11.463 -10.023 1.00 27.25 ? 170 ASN A CG  1 
ATOM   1113 O OD1 . ASN A 1 137 ? -5.049  -11.744 -9.350  1.00 30.12 ? 170 ASN A OD1 1 
ATOM   1114 N ND2 . ASN A 1 137 ? -3.963  -10.339 -10.723 1.00 29.48 ? 170 ASN A ND2 1 
ATOM   1115 N N   . GLU A 1 138 ? -3.019  -11.724 -6.659  1.00 22.29 ? 171 GLU A N   1 
ATOM   1116 C CA  . GLU A 1 138 ? -3.832  -11.870 -5.460  1.00 22.57 ? 171 GLU A CA  1 
ATOM   1117 C C   . GLU A 1 138 ? -4.843  -10.750 -5.340  1.00 20.92 ? 171 GLU A C   1 
ATOM   1118 O O   . GLU A 1 138 ? -4.570  -9.611  -5.714  1.00 19.38 ? 171 GLU A O   1 
ATOM   1119 C CB  . GLU A 1 138 ? -2.949  -11.846 -4.215  1.00 24.08 ? 171 GLU A CB  1 
ATOM   1120 C CG  . GLU A 1 138 ? -2.037  -13.031 -4.051  1.00 29.34 ? 171 GLU A CG  1 
ATOM   1121 C CD  . GLU A 1 138 ? -1.068  -12.841 -2.904  1.00 31.36 ? 171 GLU A CD  1 
ATOM   1122 O OE1 . GLU A 1 138 ? -0.443  -13.836 -2.484  1.00 35.74 ? 171 GLU A OE1 1 
ATOM   1123 O OE2 . GLU A 1 138 ? -0.922  -11.693 -2.427  1.00 32.29 ? 171 GLU A OE2 1 
ATOM   1124 N N   . LYS A 1 139 ? -6.008  -11.084 -4.799  1.00 19.82 ? 172 LYS A N   1 
ATOM   1125 C CA  . LYS A 1 139 ? -7.068  -10.111 -4.588  1.00 20.06 ? 172 LYS A CA  1 
ATOM   1126 C C   . LYS A 1 139 ? -7.610  -10.330 -3.186  1.00 19.42 ? 172 LYS A C   1 
ATOM   1127 O O   . LYS A 1 139 ? -7.726  -11.468 -2.732  1.00 19.27 ? 172 LYS A O   1 
ATOM   1128 C CB  . LYS A 1 139 ? -8.200  -10.312 -5.597  1.00 22.37 ? 172 LYS A CB  1 
ATOM   1129 C CG  . LYS A 1 139 ? -7.779  -10.219 -7.050  1.00 27.05 ? 172 LYS A CG  1 
ATOM   1130 C CD  . LYS A 1 139 ? -8.939  -10.565 -7.968  1.00 30.26 ? 172 LYS A CD  1 
ATOM   1131 C CE  . LYS A 1 139 ? -8.508  -10.570 -9.424  1.00 33.10 ? 172 LYS A CE  1 
ATOM   1132 N NZ  . LYS A 1 139 ? -9.620  -10.991 -10.320 1.00 36.67 ? 172 LYS A NZ  1 
ATOM   1133 N N   . ASN A 1 140 ? -7.926  -9.246  -2.491  1.00 17.17 ? 173 ASN A N   1 
ATOM   1134 C CA  . ASN A 1 140 ? -8.483  -9.370  -1.155  1.00 18.17 ? 173 ASN A CA  1 
ATOM   1135 C C   . ASN A 1 140 ? -9.052  -8.048  -0.676  1.00 17.94 ? 173 ASN A C   1 
ATOM   1136 O O   . ASN A 1 140 ? -8.855  -7.010  -1.305  1.00 16.36 ? 173 ASN A O   1 
ATOM   1137 C CB  . ASN A 1 140 ? -7.422  -9.867  -0.169  1.00 20.31 ? 173 ASN A CB  1 
ATOM   1138 C CG  . ASN A 1 140 ? -7.957  -10.944 0.760   1.00 22.52 ? 173 ASN A CG  1 
ATOM   1139 O OD1 . ASN A 1 140 ? -9.018  -10.791 1.361   1.00 22.15 ? 173 ASN A OD1 1 
ATOM   1140 N ND2 . ASN A 1 140 ? -7.217  -12.042 0.880   1.00 26.68 ? 173 ASN A ND2 1 
ATOM   1141 N N   . THR A 1 141 ? -9.770  -8.104  0.439   1.00 17.15 ? 174 THR A N   1 
ATOM   1142 C CA  . THR A 1 141 ? -10.379 -6.927  1.035   1.00 16.58 ? 174 THR A CA  1 
ATOM   1143 C C   . THR A 1 141 ? -10.056 -6.901  2.520   1.00 16.24 ? 174 THR A C   1 
ATOM   1144 O O   . THR A 1 141 ? -10.329 -7.861  3.242   1.00 18.41 ? 174 THR A O   1 
ATOM   1145 C CB  . THR A 1 141 ? -11.913 -6.937  0.871   1.00 16.38 ? 174 THR A CB  1 
ATOM   1146 O OG1 . THR A 1 141 ? -12.248 -6.839  -0.518  1.00 17.79 ? 174 THR A OG1 1 
ATOM   1147 C CG2 . THR A 1 141 ? -12.538 -5.769  1.625   1.00 17.16 ? 174 THR A CG2 1 
ATOM   1148 N N   . SER A 1 142 ? -9.472  -5.799  2.972   1.00 14.18 ? 175 SER A N   1 
ATOM   1149 C CA  . SER A 1 142 ? -9.118  -5.656  4.374   1.00 13.25 ? 175 SER A CA  1 
ATOM   1150 C C   . SER A 1 142 ? -10.166 -4.808  5.079   1.00 13.66 ? 175 SER A C   1 
ATOM   1151 O O   . SER A 1 142 ? -10.722 -3.875  4.496   1.00 13.31 ? 175 SER A O   1 
ATOM   1152 C CB  . SER A 1 142 ? -7.743  -5.009  4.503   1.00 15.08 ? 175 SER A CB  1 
ATOM   1153 O OG  . SER A 1 142 ? -6.769  -5.806  3.853   1.00 17.77 ? 175 SER A OG  1 
ATOM   1154 N N   . GLN A 1 143 ? -10.412 -5.134  6.343   1.00 13.38 ? 176 GLN A N   1 
ATOM   1155 C CA  . GLN A 1 143 ? -11.407 -4.440  7.149   1.00 13.90 ? 176 GLN A CA  1 
ATOM   1156 C C   . GLN A 1 143 ? -10.846 -3.823  8.421   1.00 11.17 ? 176 GLN A C   1 
ATOM   1157 O O   . GLN A 1 143 ? -9.926  -4.359  9.035   1.00 11.73 ? 176 GLN A O   1 
ATOM   1158 C CB  . GLN A 1 143 ? -12.514 -5.417  7.544   1.00 16.49 ? 176 GLN A CB  1 
ATOM   1159 C CG  . GLN A 1 143 ? -13.457 -5.796  6.426   1.00 23.20 ? 176 GLN A CG  1 
ATOM   1160 C CD  . GLN A 1 143 ? -14.738 -5.006  6.490   1.00 26.42 ? 176 GLN A CD  1 
ATOM   1161 O OE1 . GLN A 1 143 ? -14.717 -3.779  6.570   1.00 30.01 ? 176 GLN A OE1 1 
ATOM   1162 N NE2 . GLN A 1 143 ? -15.866 -5.702  6.461   1.00 29.31 ? 176 GLN A NE2 1 
ATOM   1163 N N   . VAL A 1 144 ? -11.424 -2.693  8.807   1.00 11.78 ? 177 VAL A N   1 
ATOM   1164 C CA  . VAL A 1 144 ? -11.056 -1.991  10.029  1.00 11.53 ? 177 VAL A CA  1 
ATOM   1165 C C   . VAL A 1 144 ? -12.359 -1.827  10.802  1.00 12.40 ? 177 VAL A C   1 
ATOM   1166 O O   . VAL A 1 144 ? -13.332 -1.284  10.280  1.00 14.05 ? 177 VAL A O   1 
ATOM   1167 C CB  . VAL A 1 144 ? -10.461 -0.602  9.733   1.00 11.40 ? 177 VAL A CB  1 
ATOM   1168 C CG1 . VAL A 1 144 ? -10.227 0.157   11.036  1.00 13.19 ? 177 VAL A CG1 1 
ATOM   1169 C CG2 . VAL A 1 144 ? -9.157  -0.759  8.966   1.00 11.14 ? 177 VAL A CG2 1 
ATOM   1170 N N   . LYS A 1 145 ? -12.386 -2.303  12.041  1.00 12.40 ? 178 LYS A N   1 
ATOM   1171 C CA  . LYS A 1 145 ? -13.598 -2.210  12.848  1.00 14.55 ? 178 LYS A CA  1 
ATOM   1172 C C   . LYS A 1 145 ? -13.884 -0.791  13.320  1.00 15.20 ? 178 LYS A C   1 
ATOM   1173 O O   . LYS A 1 145 ? -12.993 -0.099  13.804  1.00 16.27 ? 178 LYS A O   1 
ATOM   1174 C CB  . LYS A 1 145 ? -13.494 -3.134  14.063  1.00 15.09 ? 178 LYS A CB  1 
ATOM   1175 C CG  . LYS A 1 145 ? -14.795 -3.248  14.840  1.00 17.95 ? 178 LYS A CG  1 
ATOM   1176 C CD  . LYS A 1 145 ? -14.652 -4.148  16.052  1.00 19.43 ? 178 LYS A CD  1 
ATOM   1177 C CE  . LYS A 1 145 ? -16.004 -4.379  16.708  1.00 22.87 ? 178 LYS A CE  1 
ATOM   1178 N NZ  . LYS A 1 145 ? -16.708 -3.096  16.990  1.00 26.59 ? 178 LYS A NZ  1 
ATOM   1179 N N   . ASN A 1 146 ? -15.133 -0.361  13.168  1.00 16.55 ? 179 ASN A N   1 
ATOM   1180 C CA  . ASN A 1 146 ? -15.546 0.969   13.601  1.00 18.29 ? 179 ASN A CA  1 
ATOM   1181 C C   . ASN A 1 146 ? -16.501 0.798   14.783  1.00 21.03 ? 179 ASN A C   1 
ATOM   1182 O O   . ASN A 1 146 ? -17.572 1.441   14.803  1.00 21.91 ? 179 ASN A O   1 
ATOM   1183 C CB  . ASN A 1 146 ? -16.244 1.712   12.454  1.00 17.25 ? 179 ASN A CB  1 
ATOM   1184 C CG  . ASN A 1 146 ? -16.548 3.161   12.793  1.00 17.65 ? 179 ASN A CG  1 
ATOM   1185 O OD1 . ASN A 1 146 ? -15.735 3.848   13.407  1.00 18.17 ? 179 ASN A OD1 1 
ATOM   1186 N ND2 . ASN A 1 146 ? -17.717 3.638   12.377  1.00 18.14 ? 179 ASN A ND2 1 
HETATM 1187 S S   . SO4 B 2 .   ? 2.285   -15.488 0.775   1.00 17.67 ? 201 SO4 A S   1 
HETATM 1188 O O1  . SO4 B 2 .   ? 2.720   -15.737 2.162   1.00 16.77 ? 201 SO4 A O1  1 
HETATM 1189 O O2  . SO4 B 2 .   ? 2.404   -16.721 -0.025  1.00 20.85 ? 201 SO4 A O2  1 
HETATM 1190 O O3  . SO4 B 2 .   ? 0.880   -15.038 0.784   1.00 24.61 ? 201 SO4 A O3  1 
HETATM 1191 O O4  . SO4 B 2 .   ? 3.126   -14.440 0.175   1.00 20.81 ? 201 SO4 A O4  1 
HETATM 1192 S S   . SO4 C 2 .   ? -14.739 7.079   -6.338  1.00 23.99 ? 202 SO4 A S   1 
HETATM 1193 O O1  . SO4 C 2 .   ? -15.188 6.780   -4.961  1.00 25.34 ? 202 SO4 A O1  1 
HETATM 1194 O O2  . SO4 C 2 .   ? -14.151 5.867   -6.941  1.00 22.34 ? 202 SO4 A O2  1 
HETATM 1195 O O3  . SO4 C 2 .   ? -15.907 7.496   -7.142  1.00 23.38 ? 202 SO4 A O3  1 
HETATM 1196 O O4  . SO4 C 2 .   ? -13.739 8.166   -6.303  1.00 19.21 ? 202 SO4 A O4  1 
HETATM 1197 O O   . HOH D 3 .   ? -8.529  10.696  -11.468 1.00 10.94 ? 203 HOH A O   1 
HETATM 1198 O O   . HOH D 3 .   ? 10.932  -0.081  -6.438  1.00 12.29 ? 204 HOH A O   1 
HETATM 1199 O O   . HOH D 3 .   ? 16.126  1.860   -1.053  1.00 12.30 ? 205 HOH A O   1 
HETATM 1200 O O   . HOH D 3 .   ? 15.959  1.711   1.692   1.00 13.53 ? 206 HOH A O   1 
HETATM 1201 O O   . HOH D 3 .   ? 18.399  5.800   7.755   1.00 14.27 ? 207 HOH A O   1 
HETATM 1202 O O   . HOH D 3 .   ? -15.803 0.840   3.762   1.00 13.50 ? 208 HOH A O   1 
HETATM 1203 O O   . HOH D 3 .   ? 4.902   -7.911  3.224   1.00 9.75  ? 209 HOH A O   1 
HETATM 1204 O O   . HOH D 3 .   ? -4.124  -8.323  3.101   1.00 12.70 ? 210 HOH A O   1 
HETATM 1205 O O   . HOH D 3 .   ? 7.046   -8.382  -8.904  1.00 14.76 ? 211 HOH A O   1 
HETATM 1206 O O   . HOH D 3 .   ? 14.728  -4.826  -14.201 1.00 16.68 ? 212 HOH A O   1 
HETATM 1207 O O   . HOH D 3 .   ? 15.948  -0.190  -3.197  1.00 15.23 ? 213 HOH A O   1 
HETATM 1208 O O   . HOH D 3 .   ? 4.833   -19.248 5.182   1.00 13.27 ? 214 HOH A O   1 
HETATM 1209 O O   . HOH D 3 .   ? 11.702  -5.224  6.003   1.00 20.38 ? 215 HOH A O   1 
HETATM 1210 O O   . HOH D 3 .   ? 21.653  5.769   3.489   1.00 18.68 ? 216 HOH A O   1 
HETATM 1211 O O   . HOH D 3 .   ? -7.098  14.265  -1.560  1.00 16.84 ? 217 HOH A O   1 
HETATM 1212 O O   . HOH D 3 .   ? -11.027 9.310   -13.739 1.00 15.92 ? 218 HOH A O   1 
HETATM 1213 O O   . HOH D 3 .   ? -9.207  12.148  -9.255  1.00 20.75 ? 219 HOH A O   1 
HETATM 1214 O O   . HOH D 3 .   ? 18.261  -6.134  1.241   1.00 17.86 ? 220 HOH A O   1 
HETATM 1215 O O   . HOH D 3 .   ? 14.455  0.133   9.197   1.00 18.88 ? 221 HOH A O   1 
HETATM 1216 O O   . HOH D 3 .   ? 9.656   -1.350  5.028   1.00 13.30 ? 222 HOH A O   1 
HETATM 1217 O O   . HOH D 3 .   ? 0.632   11.738  -1.183  1.00 19.56 ? 223 HOH A O   1 
HETATM 1218 O O   . HOH D 3 .   ? 3.510   12.408  -0.022  1.00 17.74 ? 224 HOH A O   1 
HETATM 1219 O O   . HOH D 3 .   ? 5.383   4.835   5.662   1.00 12.66 ? 225 HOH A O   1 
HETATM 1220 O O   . HOH D 3 .   ? -9.488  11.949  -2.923  1.00 26.90 ? 226 HOH A O   1 
HETATM 1221 O O   . HOH D 3 .   ? 7.669   -5.525  -14.908 1.00 23.14 ? 227 HOH A O   1 
HETATM 1222 O O   . HOH D 3 .   ? 8.505   -11.188 0.694   1.00 20.68 ? 228 HOH A O   1 
HETATM 1223 O O   . HOH D 3 .   ? -8.449  0.883   15.296  1.00 20.82 ? 229 HOH A O   1 
HETATM 1224 O O   . HOH D 3 .   ? -2.865  3.347   -13.877 1.00 20.75 ? 230 HOH A O   1 
HETATM 1225 O O   . HOH D 3 .   ? -7.614  1.094   -8.829  1.00 17.82 ? 231 HOH A O   1 
HETATM 1226 O O   . HOH D 3 .   ? 11.610  1.076   8.862   1.00 20.19 ? 232 HOH A O   1 
HETATM 1227 O O   . HOH D 3 .   ? -8.746  -3.631  -7.447  1.00 25.18 ? 233 HOH A O   1 
HETATM 1228 O O   . HOH D 3 .   ? 3.577   -6.128  -12.085 1.00 22.44 ? 234 HOH A O   1 
HETATM 1229 O O   . HOH D 3 .   ? 4.703   14.160  -2.229  1.00 20.65 ? 235 HOH A O   1 
HETATM 1230 O O   . HOH D 3 .   ? -10.081 -7.131  -4.604  1.00 25.06 ? 236 HOH A O   1 
HETATM 1231 O O   . HOH D 3 .   ? 1.136   -12.101 -0.591  1.00 16.13 ? 237 HOH A O   1 
HETATM 1232 O O   . HOH D 3 .   ? -13.641 5.622   -0.756  1.00 17.78 ? 238 HOH A O   1 
HETATM 1233 O O   . HOH D 3 .   ? 8.108   13.582  -8.186  1.00 24.00 ? 239 HOH A O   1 
HETATM 1234 O O   . HOH D 3 .   ? 17.200  -3.306  -5.097  1.00 21.46 ? 240 HOH A O   1 
HETATM 1235 O O   . HOH D 3 .   ? -2.469  10.466  -10.582 1.00 17.53 ? 241 HOH A O   1 
HETATM 1236 O O   . HOH D 3 .   ? 14.651  -13.929 -2.763  1.00 22.33 ? 242 HOH A O   1 
HETATM 1237 O O   . HOH D 3 .   ? -10.498 -0.690  14.650  1.00 22.30 ? 243 HOH A O   1 
HETATM 1238 O O   . HOH D 3 .   ? -2.565  11.949  6.988   1.00 20.93 ? 244 HOH A O   1 
HETATM 1239 O O   . HOH D 3 .   ? -4.563  14.584  1.147   1.00 21.34 ? 245 HOH A O   1 
HETATM 1240 O O   . HOH D 3 .   ? -2.893  12.333  9.617   1.00 33.14 ? 246 HOH A O   1 
HETATM 1241 O O   . HOH D 3 .   ? -9.290  14.199  0.845   1.00 36.69 ? 247 HOH A O   1 
HETATM 1242 O O   . HOH D 3 .   ? -11.258 6.183   -13.784 1.00 33.02 ? 248 HOH A O   1 
HETATM 1243 O O   . HOH D 3 .   ? -5.907  12.950  -9.050  1.00 23.75 ? 249 HOH A O   1 
HETATM 1244 O O   . HOH D 3 .   ? -23.507 4.793   6.099   1.00 23.36 ? 250 HOH A O   1 
HETATM 1245 O O   . HOH D 3 .   ? -2.652  -5.104  -10.405 1.00 21.36 ? 251 HOH A O   1 
HETATM 1246 O O   . HOH D 3 .   ? 8.631   15.757  -1.252  1.00 25.80 ? 252 HOH A O   1 
HETATM 1247 O O   . HOH D 3 .   ? -6.872  -8.265  3.021   1.00 24.93 ? 253 HOH A O   1 
HETATM 1248 O O   . HOH D 3 .   ? 15.431  -11.476 -10.001 1.00 26.58 ? 254 HOH A O   1 
HETATM 1249 O O   . HOH D 3 .   ? -21.406 11.363  3.956   1.00 21.48 ? 255 HOH A O   1 
HETATM 1250 O O   . HOH D 3 .   ? 13.781  13.127  -4.240  1.00 31.99 ? 256 HOH A O   1 
HETATM 1251 O O   . HOH D 3 .   ? -19.276 14.011  4.827   1.00 32.91 ? 257 HOH A O   1 
HETATM 1252 O O   . HOH D 3 .   ? 5.700   -15.230 -8.068  1.00 23.96 ? 258 HOH A O   1 
HETATM 1253 O O   . HOH D 3 .   ? -21.812 4.375   3.699   1.00 29.69 ? 259 HOH A O   1 
HETATM 1254 O O   . HOH D 3 .   ? -25.141 2.855   12.110  1.00 32.51 ? 260 HOH A O   1 
HETATM 1255 O O   . HOH D 3 .   ? 7.336   -10.744 3.008   1.00 18.67 ? 261 HOH A O   1 
HETATM 1256 O O   . HOH D 3 .   ? 1.519   -2.480  9.060   1.00 29.18 ? 262 HOH A O   1 
HETATM 1257 O O   . HOH D 3 .   ? 14.826  9.039   4.906   1.00 23.39 ? 263 HOH A O   1 
HETATM 1258 O O   . HOH D 3 .   ? 7.526   -14.690 3.251   1.00 28.83 ? 264 HOH A O   1 
HETATM 1259 O O   . HOH D 3 .   ? -0.955  13.476  -4.557  1.00 26.33 ? 265 HOH A O   1 
HETATM 1260 O O   . HOH D 3 .   ? 4.574   -16.861 3.866   1.00 24.94 ? 266 HOH A O   1 
HETATM 1261 O O   . HOH D 3 .   ? -7.843  2.641   1.527   1.00 28.29 ? 267 HOH A O   1 
HETATM 1262 O O   . HOH D 3 .   ? 18.904  1.244   -1.515  1.00 19.78 ? 268 HOH A O   1 
HETATM 1263 O O   . HOH D 3 .   ? -7.613  -4.701  -11.201 1.00 34.66 ? 269 HOH A O   1 
HETATM 1264 O O   . HOH D 3 .   ? 11.057  -17.259 -5.076  1.00 37.74 ? 270 HOH A O   1 
HETATM 1265 O O   . HOH D 3 .   ? -13.817 2.584   -4.745  1.00 28.67 ? 271 HOH A O   1 
HETATM 1266 O O   . HOH D 3 .   ? 18.018  -13.908 -6.514  1.00 33.62 ? 272 HOH A O   1 
HETATM 1267 O O   . HOH D 3 .   ? -8.349  14.618  -6.521  1.00 32.85 ? 273 HOH A O   1 
HETATM 1268 O O   . HOH D 3 .   ? 17.762  4.592   -4.020  1.00 32.76 ? 274 HOH A O   1 
HETATM 1269 O O   . HOH D 3 .   ? 17.901  -0.689  6.799   1.00 21.14 ? 275 HOH A O   1 
HETATM 1270 O O   . HOH D 3 .   ? 4.062   -14.959 -2.436  1.00 24.90 ? 276 HOH A O   1 
HETATM 1271 O O   . HOH D 3 .   ? -19.512 8.251   1.440   1.00 37.63 ? 277 HOH A O   1 
HETATM 1272 O O   . HOH D 3 .   ? 2.456   12.251  -8.858  1.00 31.07 ? 278 HOH A O   1 
HETATM 1273 O O   . HOH D 3 .   ? -10.755 7.903   13.349  1.00 28.47 ? 279 HOH A O   1 
HETATM 1274 O O   . HOH D 3 .   ? 11.371  7.352   -12.396 1.00 26.81 ? 280 HOH A O   1 
HETATM 1275 O O   . HOH D 3 .   ? 18.207  -5.640  -11.599 1.00 30.58 ? 281 HOH A O   1 
HETATM 1276 O O   . HOH D 3 .   ? -21.010 10.203  1.783   1.00 31.62 ? 282 HOH A O   1 
HETATM 1277 O O   . HOH D 3 .   ? -17.576 -0.481  0.217   1.00 25.11 ? 283 HOH A O   1 
HETATM 1278 O O   . HOH D 3 .   ? 0.786   3.306   -11.597 1.00 30.78 ? 284 HOH A O   1 
HETATM 1279 O O   . HOH D 3 .   ? 18.025  -8.238  3.100   1.00 27.11 ? 285 HOH A O   1 
HETATM 1280 O O   . HOH D 3 .   ? 16.045  -9.607  -15.771 1.00 35.85 ? 286 HOH A O   1 
HETATM 1281 O O   . HOH D 3 .   ? -9.125  8.226   15.663  1.00 34.28 ? 287 HOH A O   1 
HETATM 1282 O O   . HOH D 3 .   ? 9.932   -1.562  7.800   1.00 22.58 ? 288 HOH A O   1 
HETATM 1283 O O   . HOH D 3 .   ? -10.522 -4.678  -5.962  1.00 34.96 ? 289 HOH A O   1 
HETATM 1284 O O   . HOH D 3 .   ? 11.597  -3.649  8.314   1.00 32.16 ? 290 HOH A O   1 
HETATM 1285 O O   . HOH D 3 .   ? 13.731  -2.504  9.585   1.00 25.14 ? 291 HOH A O   1 
HETATM 1286 O O   . HOH D 3 .   ? -2.232  -1.229  12.698  1.00 35.14 ? 292 HOH A O   1 
HETATM 1287 O O   . HOH D 3 .   ? 18.662  -6.464  -14.337 1.00 35.50 ? 293 HOH A O   1 
HETATM 1288 O O   . HOH D 3 .   ? -11.657 -8.545  -2.661  1.00 26.69 ? 294 HOH A O   1 
HETATM 1289 O O   . HOH D 3 .   ? 10.712  -15.591 -11.946 1.00 31.56 ? 295 HOH A O   1 
HETATM 1290 O O   . HOH D 3 .   ? -17.065 9.364   -3.443  1.00 32.89 ? 296 HOH A O   1 
HETATM 1291 O O   . HOH D 3 .   ? -3.548  -11.143 -0.699  1.00 31.12 ? 297 HOH A O   1 
HETATM 1292 O O   . HOH D 3 .   ? -15.836 6.493   12.854  1.00 31.12 ? 298 HOH A O   1 
HETATM 1293 O O   . HOH D 3 .   ? -7.319  -2.541  13.202  1.00 30.68 ? 299 HOH A O   1 
HETATM 1294 O O   . HOH D 3 .   ? -15.591 11.313  -5.097  1.00 35.84 ? 300 HOH A O   1 
HETATM 1295 O O   . HOH D 3 .   ? -5.333  -13.114 -1.241  1.00 31.97 ? 301 HOH A O   1 
HETATM 1296 O O   . HOH D 3 .   ? -15.274 4.923   -2.960  1.00 40.98 ? 302 HOH A O   1 
HETATM 1297 O O   . HOH D 3 .   ? 17.406  -2.120  8.989   1.00 26.25 ? 303 HOH A O   1 
HETATM 1298 O O   . HOH D 3 .   ? -2.409  -2.603  -11.685 1.00 35.04 ? 304 HOH A O   1 
HETATM 1299 O O   . HOH D 3 .   ? 15.864  -7.418  -17.543 1.00 29.48 ? 305 HOH A O   1 
HETATM 1300 O O   . HOH D 3 .   ? 19.031  5.762   -8.387  1.00 34.52 ? 306 HOH A O   1 
HETATM 1301 O O   . HOH D 3 .   ? 8.469   3.290   11.850  1.00 38.74 ? 307 HOH A O   1 
HETATM 1302 O O   . HOH D 3 .   ? -1.561  -16.303 -8.605  1.00 29.61 ? 308 HOH A O   1 
HETATM 1303 O O   . HOH D 3 .   ? -13.259 -2.101  -0.699  1.00 27.36 ? 309 HOH A O   1 
HETATM 1304 O O   . HOH D 3 .   ? 1.753   -0.235  12.159  1.00 32.08 ? 310 HOH A O   1 
HETATM 1305 O O   . HOH D 3 .   ? 0.787   -11.561 -12.058 1.00 31.74 ? 311 HOH A O   1 
HETATM 1306 O O   . HOH D 3 .   ? 0.321   0.882   -12.268 1.00 35.49 ? 312 HOH A O   1 
HETATM 1307 O O   . HOH D 3 .   ? -6.668  -14.021 -4.790  1.00 35.28 ? 313 HOH A O   1 
HETATM 1308 O O   . HOH D 3 .   ? 2.892   14.420  -4.293  1.00 36.33 ? 314 HOH A O   1 
HETATM 1309 O O   . HOH D 3 .   ? -0.588  -0.827  -10.560 1.00 27.50 ? 315 HOH A O   1 
HETATM 1310 O O   . HOH D 3 .   ? -19.583 -1.757  7.432   1.00 27.69 ? 316 HOH A O   1 
HETATM 1311 O O   . HOH D 3 .   ? 20.554  -11.275 -10.230 1.00 33.91 ? 317 HOH A O   1 
HETATM 1312 O O   . HOH D 3 .   ? 17.826  1.762   -4.157  1.00 33.07 ? 318 HOH A O   1 
HETATM 1313 O O   . HOH D 3 .   ? 18.649  -3.615  -8.430  1.00 32.75 ? 319 HOH A O   1 
HETATM 1314 O O   . HOH D 3 .   ? 9.699   6.688   -10.302 1.00 29.97 ? 320 HOH A O   1 
HETATM 1315 O O   . HOH D 3 .   ? 4.188   -16.064 -15.541 1.00 37.24 ? 321 HOH A O   1 
HETATM 1316 O O   . HOH D 3 .   ? -22.605 -1.014  8.580   1.00 32.90 ? 322 HOH A O   1 
HETATM 1317 O O   . HOH D 3 .   ? 16.486  -10.685 1.929   1.00 34.34 ? 323 HOH A O   1 
HETATM 1318 O O   . HOH D 3 .   ? 9.493   -16.260 4.022   1.00 35.26 ? 324 HOH A O   1 
HETATM 1319 O O   . HOH D 3 .   ? -18.884 6.202   0.166   1.00 36.74 ? 325 HOH A O   1 
HETATM 1320 O O   . HOH D 3 .   ? 2.679   -7.804  12.803  1.00 38.08 ? 326 HOH A O   1 
HETATM 1321 O O   . HOH D 3 .   ? 11.897  15.004  -4.861  1.00 39.19 ? 327 HOH A O   1 
HETATM 1322 O O   . HOH D 3 .   ? 15.985  9.637   2.371   1.00 35.32 ? 328 HOH A O   1 
HETATM 1323 O O   . HOH D 3 .   ? 26.274  -4.636  6.588   1.00 41.76 ? 329 HOH A O   1 
HETATM 1324 O O   . HOH D 3 .   ? -0.532  -5.451  11.380  1.00 37.99 ? 330 HOH A O   1 
HETATM 1325 O O   . HOH D 3 .   ? -3.334  14.237  -8.072  1.00 39.69 ? 331 HOH A O   1 
HETATM 1326 O O   . HOH D 3 .   ? 25.067  -3.780  2.308   1.00 40.36 ? 332 HOH A O   1 
HETATM 1327 O O   . HOH D 3 .   ? 1.872   10.154  -10.491 1.00 34.53 ? 333 HOH A O   1 
HETATM 1328 O O   . HOH D 3 .   ? -10.578 14.466  -3.882  1.00 34.55 ? 334 HOH A O   1 
HETATM 1329 O O   . HOH D 3 .   ? -5.330  -4.616  11.913  1.00 33.54 ? 335 HOH A O   1 
HETATM 1330 O O   . HOH D 3 .   ? -15.058 3.623   16.011  1.00 34.59 ? 336 HOH A O   1 
HETATM 1331 O O   . HOH D 3 .   ? -6.585  -1.191  15.525  1.00 37.82 ? 337 HOH A O   1 
HETATM 1332 O O   . HOH D 3 .   ? 22.073  1.836   -2.912  1.00 37.99 ? 338 HOH A O   1 
HETATM 1333 O O   . HOH D 3 .   ? -18.038 -0.877  3.298   1.00 39.03 ? 339 HOH A O   1 
HETATM 1334 O O   . HOH D 3 .   ? -16.920 12.284  9.950   1.00 30.85 ? 340 HOH A O   1 
HETATM 1335 O O   . HOH D 3 .   ? -6.896  8.245   12.784  1.00 34.53 ? 341 HOH A O   1 
HETATM 1336 O O   . HOH D 3 .   ? 8.846   12.503  -10.633 1.00 37.03 ? 342 HOH A O   1 
HETATM 1337 O O   . HOH D 3 .   ? -14.426 2.220   -7.501  1.00 42.65 ? 343 HOH A O   1 
HETATM 1338 O O   . HOH D 3 .   ? 21.080  -6.067  -15.431 1.00 33.78 ? 344 HOH A O   1 
HETATM 1339 O O   . HOH D 3 .   ? -16.721 2.717   -2.625  1.00 39.78 ? 345 HOH A O   1 
HETATM 1340 O O   . HOH D 3 .   ? -13.322 7.602   14.211  1.00 36.16 ? 346 HOH A O   1 
HETATM 1341 O O   . HOH D 3 .   ? -15.671 14.605  4.812   1.00 33.92 ? 347 HOH A O   1 
HETATM 1342 O O   . HOH D 3 .   ? 18.297  -1.194  -3.861  1.00 33.87 ? 348 HOH A O   1 
HETATM 1343 O O   . HOH D 3 .   ? -4.814  15.796  -4.911  1.00 39.13 ? 349 HOH A O   1 
HETATM 1344 O O   . HOH D 3 .   ? -21.017 3.536   14.084  1.00 44.64 ? 350 HOH A O   1 
HETATM 1345 O O   . HOH D 3 .   ? 4.265   -6.275  -14.533 1.00 25.11 ? 351 HOH A O   1 
HETATM 1346 O O   . HOH D 3 .   ? 9.960   -8.022  18.676  1.00 40.16 ? 352 HOH A O   1 
HETATM 1347 O O   . HOH D 3 .   ? 22.120  -9.014  3.454   1.00 36.35 ? 353 HOH A O   1 
HETATM 1348 O O   . HOH D 3 .   ? -24.149 5.263   14.369  1.00 42.14 ? 354 HOH A O   1 
HETATM 1349 O O   . HOH D 3 .   ? -12.179 -10.751 0.644   1.00 39.85 ? 355 HOH A O   1 
HETATM 1350 O O   . HOH D 3 .   ? -19.104 13.945  10.168  1.00 37.02 ? 356 HOH A O   1 
HETATM 1351 O O   . HOH D 3 .   ? -0.344  -1.560  11.199  1.00 37.20 ? 357 HOH A O   1 
HETATM 1352 O O   . HOH D 3 .   ? -18.470 -2.209  14.530  1.00 29.52 ? 358 HOH A O   1 
HETATM 1353 O O   . HOH D 3 .   ? 23.162  -4.643  6.752   1.00 38.09 ? 359 HOH A O   1 
HETATM 1354 O O   . HOH D 3 .   ? 2.075   15.912  0.763   1.00 34.01 ? 360 HOH A O   1 
HETATM 1355 O O   . HOH D 3 .   ? 13.013  -16.646 11.771  1.00 38.61 ? 361 HOH A O   1 
HETATM 1356 O O   . HOH D 3 .   ? -15.496 14.352  7.584   1.00 33.86 ? 362 HOH A O   1 
HETATM 1357 O O   . HOH D 3 .   ? -20.408 -0.518  5.049   1.00 44.38 ? 363 HOH A O   1 
HETATM 1358 O O   . HOH D 3 .   ? 20.293  -1.365  -10.628 1.00 37.60 ? 364 HOH A O   1 
HETATM 1359 O O   . HOH D 3 .   ? 5.311   14.334  -8.157  1.00 23.45 ? 365 HOH A O   1 
HETATM 1360 O O   . HOH D 3 .   ? -17.942 -0.638  17.465  1.00 40.65 ? 366 HOH A O   1 
HETATM 1361 O O   . HOH D 3 .   ? 20.067  2.211   -5.470  1.00 25.85 ? 367 HOH A O   1 
HETATM 1362 O O   . HOH D 3 .   ? -9.070  14.459  7.246   1.00 21.69 ? 368 HOH A O   1 
HETATM 1363 O O   . HOH D 3 .   ? 16.629  13.807  -3.722  1.00 46.07 ? 369 HOH A O   1 
HETATM 1364 O O   . HOH D 3 .   ? 26.735  -5.374  4.015   1.00 38.58 ? 370 HOH A O   1 
HETATM 1365 O O   . HOH D 3 .   ? 13.198  -9.761  -15.358 1.00 39.98 ? 371 HOH A O   1 
HETATM 1366 O O   . HOH D 3 .   ? 8.363   -13.749 0.386   1.00 41.02 ? 372 HOH A O   1 
HETATM 1367 O O   . HOH D 3 .   ? -4.699  14.686  7.110   1.00 40.54 ? 373 HOH A O   1 
HETATM 1368 O O   . HOH D 3 .   ? 11.531  -9.724  13.525  1.00 41.61 ? 374 HOH A O   1 
HETATM 1369 O O   . HOH D 3 .   ? 1.583   -4.864  10.183  1.00 31.63 ? 375 HOH A O   1 
HETATM 1370 O O   . HOH D 3 .   ? 11.383  -18.090 3.496   1.00 35.03 ? 376 HOH A O   1 
HETATM 1371 O O   . HOH D 3 .   ? -3.960  -2.714  11.967  1.00 39.43 ? 377 HOH A O   1 
HETATM 1372 O O   . HOH D 3 .   ? 19.907  -5.149  7.294   1.00 36.01 ? 378 HOH A O   1 
HETATM 1373 O O   . HOH D 3 .   ? -16.324 6.484   -0.568  1.00 41.33 ? 379 HOH A O   1 
HETATM 1374 O O   . HOH D 3 .   ? 16.996  11.347  -6.786  1.00 39.65 ? 380 HOH A O   1 
HETATM 1375 O O   . HOH D 3 .   ? 15.547  -4.687  8.635   1.00 35.55 ? 381 HOH A O   1 
HETATM 1376 O O   . HOH D 3 .   ? -1.006  -0.298  -14.968 1.00 38.75 ? 382 HOH A O   1 
HETATM 1377 O O   . HOH D 3 .   ? 19.169  5.505   -1.956  1.00 32.00 ? 383 HOH A O   1 
HETATM 1378 O O   . HOH D 3 .   ? -13.220 0.746   16.512  1.00 36.95 ? 384 HOH A O   1 
HETATM 1379 O O   . HOH D 3 .   ? 17.830  8.027   -6.844  1.00 42.89 ? 385 HOH A O   1 
HETATM 1380 O O   . HOH D 3 .   ? 3.464   -5.335  12.147  1.00 38.17 ? 386 HOH A O   1 
HETATM 1381 O O   . HOH D 3 .   ? -7.440  1.413   -13.817 1.00 36.60 ? 387 HOH A O   1 
HETATM 1382 O O   . HOH D 3 .   ? 1.784   -17.421 -2.698  1.00 39.70 ? 388 HOH A O   1 
HETATM 1383 O O   . HOH D 3 .   ? -6.341  -0.926  -12.553 1.00 36.95 ? 389 HOH A O   1 
HETATM 1384 O O   . HOH D 3 .   ? 4.544   -16.998 -4.413  1.00 35.44 ? 390 HOH A O   1 
# 
